data_8BOB
#
_entry.id   8BOB
#
_cell.length_a   1.00
_cell.length_b   1.00
_cell.length_c   1.00
_cell.angle_alpha   90.00
_cell.angle_beta   90.00
_cell.angle_gamma   90.00
#
_symmetry.space_group_name_H-M   'P 1'
#
loop_
_entity.id
_entity.type
_entity.pdbx_description
1 polymer 'Protein MalY'
2 polymer 'HTH-type transcriptional regulator MalT'
3 non-polymer "PYRIDOXAL-5'-PHOSPHATE"
4 non-polymer "ADENOSINE-5'-DIPHOSPHATE"
#
loop_
_entity_poly.entity_id
_entity_poly.type
_entity_poly.pdbx_seq_one_letter_code
_entity_poly.pdbx_strand_id
1 'polypeptide(L)'
;MFDFSKVVDRHGTWCTQWDYVADRFGTADLLPFTISDMDFATAPCIIEALNQRLMHGVFGYSRWKNDEFLAAIAHWFSTQ
HYTAIDSQTVVYGPSVIYMVSELIRQWSETGEGVVIHTPAYDAFYKAIEGNQRTVMPVALEKQADGWFCDMGKLEAVLAK
PECKIMLLCSPQNPTGKVWTCDELEIMADLCERHGVRVISDEIHMDMVWGEQPHIPWSNVARGDWALLTSGSKSFNIPAL
TGAYGIIENSSSRDAYLSALKGRDGLSSPSVLALTAHIAAYQQGAPWLDALRIYLKDNLTYIADKMNAAFPELNWQIPQS
TYLAWLDLRPLNIDDNALQKALIEQEKVAIMPGYTYGEEGRGFVRLNAGCPRSKLEKGVAGLINAIRAVR
;
A,B
2 'polypeptide(L)'
;MLIPSKLSRPVRLDHTVVRERLLAKLSGANNFRLALITSPAGYGKTTLISQWAAGKNDIGWYSLDEGDNQQERFASYLIA
AVQQATNGHCAICETMAQKRQYASLTSLFAQLFIELAEWHSPLYLVIDDYHLITNPVIHESMRFFIRHQPENLTLVVLSR
NLPQLGIANLRVRDQLLEIGSQQLAFTHQEANEFFDCRLSSPIEAAESSRICDDVSGWATALQLIALSARQNTHSAHKSA
RRLAGINASHLSDYLVDEVLDNVDLATRHFLLKSAILRSMNDALITRVTGEENGQMRLEEIERQGLFLQRMDDTGEWFCY
HPLFGNFLRQRCQWELAAELPEIHRAAAESWMAQGFPSEAIHHALAAGDALMLRDILLNHAWSLFNHSELSLLEESLKAL
PWDSLLENPAAAIAIAIIEV
;
C,D
#
# COMPACT_ATOMS: atom_id res chain seq x y z
N MET A 1 6.98 -27.20 21.92
CA MET A 1 6.28 -26.63 20.78
C MET A 1 6.67 -25.18 20.58
N PHE A 2 5.71 -24.30 20.82
CA PHE A 2 5.91 -22.87 20.76
C PHE A 2 6.07 -22.32 22.17
N ASP A 3 6.73 -21.16 22.26
CA ASP A 3 6.94 -20.48 23.53
C ASP A 3 6.54 -19.04 23.38
N PHE A 4 5.55 -18.62 24.14
CA PHE A 4 5.14 -17.22 24.19
C PHE A 4 5.56 -16.55 25.49
N SER A 5 6.14 -17.29 26.42
CA SER A 5 6.53 -16.75 27.71
C SER A 5 7.94 -16.17 27.66
N LYS A 6 8.19 -15.32 26.67
CA LYS A 6 9.49 -14.67 26.54
C LYS A 6 9.28 -13.30 25.94
N VAL A 7 10.16 -12.37 26.27
CA VAL A 7 10.03 -10.98 25.84
C VAL A 7 11.03 -10.72 24.73
N VAL A 8 10.52 -10.28 23.60
CA VAL A 8 11.34 -9.76 22.50
C VAL A 8 11.57 -8.28 22.78
N ASP A 9 12.77 -7.79 22.43
CA ASP A 9 13.14 -6.44 22.83
C ASP A 9 12.22 -5.39 22.21
N ARG A 10 12.15 -5.35 20.88
CA ARG A 10 11.34 -4.37 20.16
C ARG A 10 11.81 -2.95 20.40
N HIS A 11 13.09 -2.76 20.72
CA HIS A 11 13.66 -1.44 20.91
C HIS A 11 14.56 -1.10 19.74
N GLY A 12 14.32 0.06 19.14
CA GLY A 12 15.06 0.46 17.97
C GLY A 12 14.55 -0.09 16.67
N THR A 13 13.29 -0.48 16.61
CA THR A 13 12.70 -1.03 15.39
C THR A 13 11.58 -0.15 14.84
N TRP A 14 11.55 1.11 15.24
CA TRP A 14 10.61 2.10 14.70
C TRP A 14 9.18 1.80 15.08
N CYS A 15 8.96 0.92 16.05
CA CYS A 15 7.61 0.49 16.38
C CYS A 15 6.89 1.55 17.19
N THR A 16 5.64 1.82 16.85
CA THR A 16 4.93 2.92 17.46
C THR A 16 4.67 2.70 18.95
N GLN A 17 4.87 1.50 19.47
CA GLN A 17 4.60 1.28 20.88
C GLN A 17 5.83 1.49 21.76
N TRP A 18 6.95 0.87 21.41
CA TRP A 18 8.10 0.89 22.28
C TRP A 18 9.12 1.98 21.95
N ASP A 19 8.96 2.67 20.83
CA ASP A 19 9.98 3.64 20.44
C ASP A 19 9.49 5.07 20.42
N TYR A 20 8.21 5.30 20.66
CA TYR A 20 7.63 6.63 20.51
C TYR A 20 6.76 6.96 21.71
N VAL A 21 7.23 7.89 22.53
CA VAL A 21 6.43 8.35 23.66
C VAL A 21 5.18 9.09 23.18
N ALA A 22 5.36 10.08 22.31
CA ALA A 22 4.25 10.88 21.80
C ALA A 22 3.41 10.02 20.88
N ASP A 23 2.09 10.09 21.06
CA ASP A 23 1.50 10.86 22.14
C ASP A 23 0.91 9.92 23.19
N ARG A 24 1.43 8.71 23.24
CA ARG A 24 0.92 7.73 24.20
C ARG A 24 1.16 8.18 25.63
N PHE A 25 2.17 9.01 25.84
CA PHE A 25 2.56 9.46 27.16
C PHE A 25 3.45 10.69 26.98
N GLY A 26 4.13 11.05 28.06
CA GLY A 26 5.15 12.08 28.01
C GLY A 26 6.45 11.67 28.68
N THR A 27 6.43 10.62 29.50
CA THR A 27 7.61 10.28 30.28
C THR A 27 8.59 9.45 29.48
N ALA A 28 8.12 8.74 28.46
CA ALA A 28 8.96 7.95 27.56
C ALA A 28 9.67 6.80 28.27
N ASP A 29 9.39 6.61 29.56
CA ASP A 29 9.98 5.50 30.29
C ASP A 29 8.86 4.65 30.90
N LEU A 30 7.81 4.41 30.13
CA LEU A 30 6.63 3.74 30.62
C LEU A 30 6.58 2.30 30.11
N LEU A 31 5.72 1.52 30.74
CA LEU A 31 5.38 0.20 30.23
C LEU A 31 4.17 0.36 29.32
N PRO A 32 4.32 0.19 28.03
CA PRO A 32 3.26 0.59 27.10
C PRO A 32 2.21 -0.48 26.87
N PHE A 33 0.93 -0.10 26.95
CA PHE A 33 -0.19 -0.97 26.65
C PHE A 33 -1.18 -0.27 25.74
N THR A 34 -0.71 0.65 24.90
CA THR A 34 -1.63 1.55 24.23
C THR A 34 -2.03 1.08 22.84
N ILE A 35 -1.10 0.49 22.11
CA ILE A 35 -1.33 0.15 20.71
C ILE A 35 -1.63 -1.33 20.57
N SER A 36 -2.52 -1.64 19.63
CA SER A 36 -3.20 -2.91 19.55
C SER A 36 -2.50 -3.95 18.69
N ASP A 37 -1.18 -3.94 18.62
CA ASP A 37 -0.52 -5.10 18.07
C ASP A 37 -0.14 -6.05 19.20
N MET A 38 0.49 -7.15 18.84
CA MET A 38 0.91 -8.13 19.82
C MET A 38 2.43 -8.12 19.94
N ASP A 39 2.90 -8.33 21.15
CA ASP A 39 4.33 -8.35 21.41
C ASP A 39 5.00 -9.62 20.95
N PHE A 40 4.28 -10.51 20.29
CA PHE A 40 4.84 -11.80 19.95
C PHE A 40 5.50 -11.75 18.58
N ALA A 41 6.43 -12.67 18.37
CA ALA A 41 6.97 -12.89 17.04
C ALA A 41 6.01 -13.76 16.26
N THR A 42 5.88 -13.49 14.96
CA THR A 42 4.92 -14.21 14.15
C THR A 42 5.37 -15.67 13.96
N ALA A 43 4.54 -16.44 13.29
CA ALA A 43 4.72 -17.88 13.26
C ALA A 43 5.99 -18.26 12.51
N PRO A 44 6.71 -19.28 12.96
CA PRO A 44 7.93 -19.68 12.25
C PRO A 44 7.68 -20.13 10.84
N CYS A 45 6.47 -20.58 10.51
CA CYS A 45 6.19 -20.95 9.13
C CYS A 45 6.19 -19.74 8.21
N ILE A 46 5.56 -18.65 8.64
CA ILE A 46 5.58 -17.42 7.86
C ILE A 46 7.01 -16.92 7.71
N ILE A 47 7.80 -16.99 8.78
CA ILE A 47 9.17 -16.51 8.72
C ILE A 47 9.96 -17.34 7.73
N GLU A 48 9.82 -18.66 7.78
CA GLU A 48 10.56 -19.49 6.84
C GLU A 48 10.12 -19.24 5.41
N ALA A 49 8.83 -19.04 5.18
CA ALA A 49 8.36 -18.79 3.83
C ALA A 49 8.92 -17.48 3.29
N LEU A 50 8.87 -16.42 4.09
CA LEU A 50 9.47 -15.15 3.68
C LEU A 50 10.96 -15.34 3.41
N ASN A 51 11.65 -16.04 4.31
CA ASN A 51 13.08 -16.28 4.14
C ASN A 51 13.36 -16.99 2.83
N GLN A 52 12.47 -17.87 2.40
CA GLN A 52 12.71 -18.58 1.17
C GLN A 52 12.34 -17.75 -0.04
N ARG A 53 11.39 -16.84 0.09
CA ARG A 53 11.11 -15.91 -1.00
C ARG A 53 12.21 -14.88 -1.14
N LEU A 54 12.98 -14.65 -0.08
CA LEU A 54 14.08 -13.70 -0.13
C LEU A 54 15.28 -14.26 -0.86
N MET A 55 15.58 -15.54 -0.67
CA MET A 55 16.70 -16.16 -1.35
C MET A 55 16.52 -16.16 -2.87
N HIS A 56 15.30 -16.00 -3.36
CA HIS A 56 15.11 -15.83 -4.79
C HIS A 56 15.84 -14.58 -5.28
N GLY A 57 15.64 -13.46 -4.59
CA GLY A 57 16.41 -12.28 -4.87
C GLY A 57 15.70 -11.25 -5.72
N VAL A 58 14.90 -11.68 -6.67
CA VAL A 58 14.25 -10.77 -7.59
C VAL A 58 12.91 -10.32 -7.01
N PHE A 59 12.62 -9.04 -7.13
CA PHE A 59 11.40 -8.46 -6.58
C PHE A 59 10.69 -7.64 -7.63
N GLY A 60 10.55 -8.19 -8.82
CA GLY A 60 9.84 -7.52 -9.89
C GLY A 60 8.35 -7.51 -9.63
N TYR A 61 7.61 -7.05 -10.63
CA TYR A 61 6.17 -6.96 -10.51
C TYR A 61 5.56 -8.32 -10.28
N SER A 62 4.52 -8.37 -9.48
CA SER A 62 3.84 -9.61 -9.14
C SER A 62 2.35 -9.41 -9.31
N ARG A 63 1.62 -10.52 -9.28
CA ARG A 63 0.19 -10.49 -9.50
C ARG A 63 -0.53 -11.12 -8.31
N TRP A 64 -1.60 -10.48 -7.85
CA TRP A 64 -2.38 -11.02 -6.75
C TRP A 64 -3.51 -11.93 -7.21
N LYS A 65 -3.99 -11.77 -8.44
CA LYS A 65 -5.04 -12.65 -8.97
C LYS A 65 -4.37 -13.97 -9.27
N ASN A 66 -3.81 -14.54 -8.22
CA ASN A 66 -2.97 -15.71 -8.26
C ASN A 66 -3.85 -16.94 -8.35
N ASP A 67 -3.28 -18.10 -8.08
CA ASP A 67 -4.01 -19.33 -7.84
C ASP A 67 -3.68 -19.98 -6.52
N GLU A 68 -2.54 -19.64 -5.94
CA GLU A 68 -2.22 -20.13 -4.60
C GLU A 68 -2.77 -19.20 -3.54
N PHE A 69 -2.81 -17.90 -3.82
CA PHE A 69 -3.42 -16.96 -2.89
C PHE A 69 -4.90 -17.28 -2.69
N LEU A 70 -5.63 -17.41 -3.80
CA LEU A 70 -7.06 -17.68 -3.70
C LEU A 70 -7.33 -19.04 -3.09
N ALA A 71 -6.53 -20.05 -3.46
CA ALA A 71 -6.71 -21.37 -2.87
C ALA A 71 -6.50 -21.34 -1.37
N ALA A 72 -5.48 -20.60 -0.90
CA ALA A 72 -5.24 -20.51 0.52
C ALA A 72 -6.37 -19.79 1.23
N ILE A 73 -6.90 -18.74 0.63
CA ILE A 73 -8.01 -18.03 1.26
C ILE A 73 -9.22 -18.93 1.41
N ALA A 74 -9.55 -19.66 0.34
CA ALA A 74 -10.70 -20.54 0.38
C ALA A 74 -10.49 -21.66 1.38
N HIS A 75 -9.28 -22.21 1.45
CA HIS A 75 -9.00 -23.26 2.42
C HIS A 75 -9.16 -22.75 3.84
N TRP A 76 -8.66 -21.55 4.11
CA TRP A 76 -8.82 -20.97 5.44
C TRP A 76 -10.29 -20.83 5.81
N PHE A 77 -11.08 -20.24 4.93
CA PHE A 77 -12.51 -20.10 5.23
C PHE A 77 -13.17 -21.44 5.47
N SER A 78 -12.92 -22.42 4.60
CA SER A 78 -13.62 -23.68 4.72
C SER A 78 -13.26 -24.41 6.00
N THR A 79 -11.97 -24.47 6.34
CA THR A 79 -11.58 -25.28 7.49
C THR A 79 -11.61 -24.52 8.80
N GLN A 80 -11.75 -23.20 8.80
CA GLN A 80 -11.78 -22.48 10.06
C GLN A 80 -13.10 -21.79 10.35
N HIS A 81 -13.94 -21.59 9.36
CA HIS A 81 -15.23 -20.97 9.62
C HIS A 81 -16.36 -21.70 8.92
N TYR A 82 -16.08 -22.86 8.32
CA TYR A 82 -17.10 -23.69 7.69
C TYR A 82 -17.95 -22.88 6.71
N THR A 83 -17.33 -21.92 6.04
CA THR A 83 -17.99 -21.13 5.03
C THR A 83 -17.26 -21.36 3.71
N ALA A 84 -18.03 -21.53 2.65
CA ALA A 84 -17.49 -21.67 1.32
C ALA A 84 -17.62 -20.35 0.58
N ILE A 85 -16.63 -20.06 -0.25
CA ILE A 85 -16.58 -18.79 -0.97
C ILE A 85 -16.31 -19.07 -2.43
N ASP A 86 -16.84 -18.20 -3.28
CA ASP A 86 -16.50 -18.21 -4.70
C ASP A 86 -15.20 -17.45 -4.84
N SER A 87 -14.09 -18.18 -4.97
CA SER A 87 -12.78 -17.55 -4.92
C SER A 87 -12.53 -16.61 -6.08
N GLN A 88 -13.42 -16.56 -7.07
CA GLN A 88 -13.30 -15.57 -8.12
C GLN A 88 -13.94 -14.25 -7.75
N THR A 89 -14.39 -14.10 -6.52
CA THR A 89 -14.91 -12.85 -6.02
C THR A 89 -13.97 -12.19 -5.02
N VAL A 90 -12.85 -12.83 -4.70
CA VAL A 90 -11.88 -12.26 -3.77
C VAL A 90 -11.14 -11.13 -4.46
N VAL A 91 -11.03 -10.00 -3.77
CA VAL A 91 -10.27 -8.85 -4.25
C VAL A 91 -9.22 -8.50 -3.21
N TYR A 92 -8.22 -7.75 -3.67
CA TYR A 92 -7.08 -7.36 -2.85
C TYR A 92 -7.16 -5.86 -2.54
N GLY A 93 -6.51 -5.46 -1.46
CA GLY A 93 -6.40 -4.08 -1.12
C GLY A 93 -5.20 -3.85 -0.22
N PRO A 94 -4.69 -2.63 -0.18
CA PRO A 94 -3.53 -2.37 0.67
C PRO A 94 -3.83 -2.53 2.14
N SER A 95 -5.02 -2.11 2.58
CA SER A 95 -5.40 -2.19 3.97
C SER A 95 -6.91 -2.32 4.05
N VAL A 96 -7.39 -2.81 5.20
CA VAL A 96 -8.82 -2.96 5.38
C VAL A 96 -9.52 -1.61 5.31
N ILE A 97 -8.94 -0.60 5.95
CA ILE A 97 -9.61 0.69 6.00
C ILE A 97 -9.64 1.34 4.64
N TYR A 98 -8.63 1.07 3.80
CA TYR A 98 -8.69 1.60 2.45
C TYR A 98 -9.88 1.05 1.70
N MET A 99 -10.12 -0.25 1.82
CA MET A 99 -11.26 -0.86 1.14
C MET A 99 -12.57 -0.33 1.72
N VAL A 100 -12.64 -0.15 3.03
CA VAL A 100 -13.83 0.44 3.64
C VAL A 100 -14.10 1.80 3.03
N SER A 101 -13.06 2.63 2.92
CA SER A 101 -13.25 3.99 2.41
C SER A 101 -13.62 3.99 0.94
N GLU A 102 -13.02 3.10 0.16
CA GLU A 102 -13.37 3.03 -1.26
C GLU A 102 -14.82 2.62 -1.43
N LEU A 103 -15.26 1.61 -0.67
CA LEU A 103 -16.65 1.20 -0.77
C LEU A 103 -17.60 2.30 -0.29
N ILE A 104 -17.20 3.07 0.72
CA ILE A 104 -18.04 4.18 1.15
C ILE A 104 -18.16 5.22 0.04
N ARG A 105 -17.04 5.50 -0.63
CA ARG A 105 -17.09 6.43 -1.76
C ARG A 105 -17.93 5.89 -2.89
N GLN A 106 -18.09 4.58 -2.96
CA GLN A 106 -18.82 3.96 -4.06
C GLN A 106 -20.30 3.80 -3.78
N TRP A 107 -20.68 3.38 -2.58
CA TRP A 107 -22.06 3.04 -2.26
C TRP A 107 -22.81 4.14 -1.55
N SER A 108 -22.42 5.40 -1.76
CA SER A 108 -23.14 6.51 -1.15
C SER A 108 -22.58 7.81 -1.72
N GLU A 109 -23.34 8.88 -1.54
CA GLU A 109 -22.89 10.20 -1.96
C GLU A 109 -22.29 10.94 -0.77
N THR A 110 -22.00 12.22 -0.98
CA THR A 110 -21.55 13.08 0.11
C THR A 110 -22.74 13.54 0.93
N GLY A 111 -22.60 13.50 2.24
CA GLY A 111 -23.65 13.94 3.12
C GLY A 111 -24.60 12.86 3.57
N GLU A 112 -24.49 11.66 3.05
CA GLU A 112 -25.35 10.56 3.48
C GLU A 112 -24.68 9.83 4.63
N GLY A 113 -25.34 8.79 5.15
CA GLY A 113 -24.94 8.26 6.43
C GLY A 113 -24.35 6.87 6.43
N VAL A 114 -23.67 6.52 7.51
CA VAL A 114 -23.03 5.22 7.67
C VAL A 114 -23.26 4.77 9.09
N VAL A 115 -24.10 3.75 9.27
CA VAL A 115 -24.38 3.27 10.61
C VAL A 115 -23.17 2.52 11.16
N ILE A 116 -22.84 2.79 12.41
CA ILE A 116 -21.85 1.99 13.14
C ILE A 116 -22.36 1.79 14.55
N HIS A 117 -21.78 0.79 15.21
CA HIS A 117 -22.12 0.47 16.60
C HIS A 117 -21.05 1.08 17.50
N THR A 118 -21.46 1.85 18.43
CA THR A 118 -20.48 2.48 19.28
C THR A 118 -20.44 1.77 20.63
N PRO A 119 -19.30 1.75 21.32
CA PRO A 119 -18.00 2.35 21.00
C PRO A 119 -17.32 1.71 19.80
N ALA A 120 -17.10 2.51 18.76
CA ALA A 120 -16.56 1.98 17.52
C ALA A 120 -15.04 2.11 17.49
N TYR A 121 -14.42 1.34 16.61
CA TYR A 121 -13.01 1.48 16.34
C TYR A 121 -12.71 2.90 15.87
N ASP A 122 -11.54 3.40 16.23
CA ASP A 122 -11.23 4.81 16.01
C ASP A 122 -11.27 5.15 14.53
N ALA A 123 -10.53 4.39 13.71
CA ALA A 123 -10.36 4.74 12.32
C ALA A 123 -11.66 4.77 11.54
N PHE A 124 -12.74 4.19 12.08
CA PHE A 124 -13.99 4.23 11.35
C PHE A 124 -14.51 5.65 11.24
N TYR A 125 -14.41 6.43 12.31
CA TYR A 125 -14.81 7.83 12.25
C TYR A 125 -13.97 8.59 11.23
N LYS A 126 -12.67 8.35 11.23
CA LYS A 126 -11.78 9.02 10.28
C LYS A 126 -12.19 8.69 8.85
N ALA A 127 -12.39 7.41 8.56
CA ALA A 127 -12.73 7.01 7.20
C ALA A 127 -14.09 7.56 6.78
N ILE A 128 -15.04 7.63 7.71
CA ILE A 128 -16.39 8.03 7.35
C ILE A 128 -16.47 9.53 7.15
N GLU A 129 -15.88 10.30 8.05
CA GLU A 129 -15.99 11.75 7.94
C GLU A 129 -14.97 12.34 6.99
N GLY A 130 -13.83 11.69 6.81
CA GLY A 130 -12.87 12.14 5.82
C GLY A 130 -13.46 12.19 4.43
N ASN A 131 -14.42 11.31 4.13
CA ASN A 131 -15.14 11.36 2.88
C ASN A 131 -16.37 12.23 2.95
N GLN A 132 -16.57 12.95 4.06
CA GLN A 132 -17.72 13.82 4.24
C GLN A 132 -19.02 13.04 4.17
N ARG A 133 -19.05 11.93 4.89
CA ARG A 133 -20.27 11.17 5.11
C ARG A 133 -20.55 11.18 6.61
N THR A 134 -21.80 11.41 6.98
CA THR A 134 -22.14 11.58 8.38
C THR A 134 -22.26 10.24 9.09
N VAL A 135 -21.72 10.17 10.28
CA VAL A 135 -21.84 8.98 11.12
C VAL A 135 -23.19 8.98 11.79
N MET A 136 -23.82 7.81 11.85
CA MET A 136 -25.13 7.64 12.51
C MET A 136 -24.98 6.49 13.49
N PRO A 137 -24.69 6.79 14.75
CA PRO A 137 -24.27 5.75 15.68
C PRO A 137 -25.43 5.07 16.40
N VAL A 138 -25.19 3.83 16.79
CA VAL A 138 -26.13 3.03 17.55
C VAL A 138 -25.35 2.39 18.69
N ALA A 139 -25.75 2.69 19.92
CA ALA A 139 -24.94 2.33 21.08
C ALA A 139 -25.29 0.93 21.55
N LEU A 140 -24.29 0.07 21.65
CA LEU A 140 -24.49 -1.18 22.35
C LEU A 140 -24.77 -0.89 23.82
N GLU A 141 -25.52 -1.77 24.46
CA GLU A 141 -25.87 -1.62 25.86
C GLU A 141 -25.33 -2.80 26.64
N LYS A 142 -24.41 -2.53 27.56
CA LYS A 142 -23.93 -3.60 28.42
C LYS A 142 -25.00 -3.98 29.43
N GLN A 143 -25.16 -5.27 29.64
CA GLN A 143 -26.05 -5.74 30.68
C GLN A 143 -25.51 -7.06 31.22
N ALA A 144 -26.39 -7.82 31.87
CA ALA A 144 -26.04 -9.00 32.66
C ALA A 144 -24.93 -9.84 32.06
N ASP A 145 -24.99 -10.10 30.76
CA ASP A 145 -24.02 -10.98 30.11
C ASP A 145 -23.67 -10.42 28.73
N GLY A 146 -22.61 -9.63 28.68
CA GLY A 146 -22.17 -9.11 27.41
C GLY A 146 -23.02 -7.94 26.95
N TRP A 147 -22.80 -7.57 25.68
CA TRP A 147 -23.39 -6.40 25.11
C TRP A 147 -24.48 -6.79 24.11
N PHE A 148 -25.51 -5.95 24.02
CA PHE A 148 -26.68 -6.31 23.22
C PHE A 148 -27.11 -5.11 22.40
N CYS A 149 -27.03 -5.24 21.09
CA CYS A 149 -27.64 -4.26 20.22
C CYS A 149 -29.15 -4.35 20.33
N ASP A 150 -29.81 -3.21 20.41
CA ASP A 150 -31.27 -3.17 20.48
C ASP A 150 -31.81 -2.96 19.07
N MET A 151 -32.45 -3.99 18.53
CA MET A 151 -32.87 -3.93 17.14
C MET A 151 -33.95 -2.90 16.88
N GLY A 152 -34.66 -2.46 17.92
CA GLY A 152 -35.62 -1.38 17.73
C GLY A 152 -34.95 -0.09 17.30
N LYS A 153 -33.93 0.34 18.05
CA LYS A 153 -33.22 1.57 17.70
C LYS A 153 -32.47 1.41 16.40
N LEU A 154 -31.87 0.24 16.19
CA LEU A 154 -31.17 0.01 14.93
C LEU A 154 -32.11 0.16 13.75
N GLU A 155 -33.30 -0.45 13.84
CA GLU A 155 -34.25 -0.33 12.74
C GLU A 155 -34.72 1.10 12.58
N ALA A 156 -34.91 1.80 13.70
CA ALA A 156 -35.29 3.22 13.61
C ALA A 156 -34.25 4.02 12.85
N VAL A 157 -32.97 3.71 13.08
CA VAL A 157 -31.91 4.41 12.36
C VAL A 157 -31.92 4.04 10.88
N LEU A 158 -31.97 2.75 10.59
CA LEU A 158 -31.92 2.30 9.20
C LEU A 158 -33.07 2.87 8.37
N ALA A 159 -34.20 3.14 9.00
CA ALA A 159 -35.35 3.63 8.26
C ALA A 159 -35.10 5.01 7.66
N LYS A 160 -34.09 5.72 8.15
CA LYS A 160 -33.80 7.06 7.65
C LYS A 160 -33.57 7.02 6.14
N PRO A 161 -34.05 8.02 5.40
CA PRO A 161 -33.78 8.04 3.96
C PRO A 161 -32.34 8.36 3.61
N GLU A 162 -31.51 8.72 4.58
CA GLU A 162 -30.11 9.04 4.32
C GLU A 162 -29.18 7.87 4.58
N CYS A 163 -29.49 7.03 5.55
CA CYS A 163 -28.65 5.88 5.86
C CYS A 163 -28.58 4.94 4.67
N LYS A 164 -27.38 4.76 4.12
CA LYS A 164 -27.17 3.91 2.95
C LYS A 164 -26.26 2.73 3.21
N ILE A 165 -25.32 2.84 4.14
CA ILE A 165 -24.36 1.78 4.39
C ILE A 165 -24.42 1.43 5.87
N MET A 166 -24.15 0.17 6.17
CA MET A 166 -23.97 -0.27 7.54
C MET A 166 -22.58 -0.87 7.66
N LEU A 167 -21.76 -0.28 8.51
CA LEU A 167 -20.38 -0.74 8.70
C LEU A 167 -20.36 -1.63 9.92
N LEU A 168 -20.53 -2.92 9.70
CA LEU A 168 -20.64 -3.89 10.78
C LEU A 168 -19.25 -4.42 11.12
N CYS A 169 -18.83 -4.25 12.36
CA CYS A 169 -17.59 -4.82 12.85
C CYS A 169 -17.91 -6.13 13.55
N SER A 170 -17.41 -7.24 13.01
CA SER A 170 -17.77 -8.53 13.56
C SER A 170 -16.56 -9.47 13.57
N PRO A 171 -16.02 -9.83 14.73
CA PRO A 171 -16.39 -9.47 16.10
C PRO A 171 -16.22 -8.00 16.40
N GLN A 172 -17.09 -7.46 17.25
CA GLN A 172 -17.08 -6.03 17.52
C GLN A 172 -15.79 -5.61 18.20
N ASN A 173 -15.49 -4.32 18.10
CA ASN A 173 -14.31 -3.74 18.70
C ASN A 173 -14.75 -2.43 19.36
N PRO A 174 -14.35 -2.18 20.61
CA PRO A 174 -13.48 -2.99 21.47
C PRO A 174 -14.20 -3.91 22.42
N THR A 175 -15.54 -3.93 22.38
CA THR A 175 -16.28 -4.73 23.34
C THR A 175 -16.01 -6.21 23.19
N GLY A 176 -15.66 -6.65 21.98
CA GLY A 176 -15.39 -8.05 21.78
C GLY A 176 -16.62 -8.90 21.57
N LYS A 177 -17.76 -8.30 21.27
CA LYS A 177 -19.00 -9.04 21.12
C LYS A 177 -19.03 -9.81 19.81
N VAL A 178 -19.35 -11.10 19.89
CA VAL A 178 -19.53 -11.94 18.72
C VAL A 178 -21.02 -12.06 18.46
N TRP A 179 -21.44 -11.67 17.26
CA TRP A 179 -22.85 -11.68 16.93
C TRP A 179 -23.36 -13.11 16.79
N THR A 180 -24.55 -13.36 17.28
CA THR A 180 -25.19 -14.66 17.16
C THR A 180 -25.92 -14.78 15.84
N CYS A 181 -26.24 -16.02 15.47
CA CYS A 181 -26.94 -16.26 14.22
C CYS A 181 -28.22 -15.43 14.14
N ASP A 182 -28.99 -15.39 15.23
CA ASP A 182 -30.25 -14.66 15.20
C ASP A 182 -30.03 -13.17 14.97
N GLU A 183 -29.06 -12.60 15.66
CA GLU A 183 -28.74 -11.19 15.45
C GLU A 183 -28.41 -10.93 13.99
N LEU A 184 -27.57 -11.79 13.40
CA LEU A 184 -27.19 -11.60 12.01
C LEU A 184 -28.38 -11.71 11.08
N GLU A 185 -29.25 -12.70 11.32
CA GLU A 185 -30.47 -12.84 10.54
C GLU A 185 -31.27 -11.55 10.55
N ILE A 186 -31.55 -11.04 11.74
CA ILE A 186 -32.42 -9.87 11.85
C ILE A 186 -31.77 -8.65 11.24
N MET A 187 -30.46 -8.49 11.45
CA MET A 187 -29.77 -7.34 10.87
C MET A 187 -29.81 -7.40 9.35
N ALA A 188 -29.57 -8.58 8.77
CA ALA A 188 -29.57 -8.70 7.33
C ALA A 188 -30.95 -8.42 6.76
N ASP A 189 -32.00 -8.94 7.41
CA ASP A 189 -33.35 -8.69 6.92
C ASP A 189 -33.69 -7.21 6.99
N LEU A 190 -33.36 -6.56 8.11
CA LEU A 190 -33.65 -5.14 8.24
C LEU A 190 -32.91 -4.33 7.18
N CYS A 191 -31.63 -4.64 6.97
CA CYS A 191 -30.86 -3.90 5.98
C CYS A 191 -31.44 -4.08 4.58
N GLU A 192 -31.77 -5.31 4.23
CA GLU A 192 -32.32 -5.55 2.90
C GLU A 192 -33.65 -4.84 2.72
N ARG A 193 -34.46 -4.79 3.76
CA ARG A 193 -35.78 -4.16 3.63
C ARG A 193 -35.67 -2.68 3.38
N HIS A 194 -34.71 -2.01 4.02
CA HIS A 194 -34.59 -0.56 3.95
C HIS A 194 -33.54 -0.08 2.97
N GLY A 195 -33.07 -0.96 2.08
CA GLY A 195 -32.17 -0.56 1.02
C GLY A 195 -30.83 -0.06 1.50
N VAL A 196 -30.24 -0.77 2.44
CA VAL A 196 -28.95 -0.42 3.02
C VAL A 196 -27.97 -1.53 2.71
N ARG A 197 -26.86 -1.19 2.07
CA ARG A 197 -25.83 -2.18 1.81
C ARG A 197 -24.96 -2.34 3.05
N VAL A 198 -24.29 -3.47 3.14
CA VAL A 198 -23.56 -3.82 4.36
C VAL A 198 -22.10 -4.04 4.04
N ILE A 199 -21.21 -3.51 4.88
CA ILE A 199 -19.79 -3.76 4.81
C ILE A 199 -19.38 -4.44 6.10
N SER A 200 -18.90 -5.66 6.02
CA SER A 200 -18.59 -6.43 7.21
C SER A 200 -17.08 -6.49 7.39
N ASP A 201 -16.58 -5.73 8.35
CA ASP A 201 -15.18 -5.77 8.75
C ASP A 201 -14.98 -6.93 9.71
N GLU A 202 -14.17 -7.90 9.33
CA GLU A 202 -14.06 -9.14 10.08
C GLU A 202 -12.62 -9.46 10.41
N ILE A 203 -11.82 -8.45 10.71
CA ILE A 203 -10.39 -8.67 10.89
C ILE A 203 -10.07 -9.39 12.19
N HIS A 204 -11.03 -9.54 13.09
CA HIS A 204 -10.81 -10.24 14.35
C HIS A 204 -11.41 -11.65 14.33
N MET A 205 -11.78 -12.15 13.15
CA MET A 205 -12.56 -13.38 13.06
C MET A 205 -11.91 -14.57 13.73
N ASP A 206 -10.61 -14.53 13.97
CA ASP A 206 -9.93 -15.74 14.44
C ASP A 206 -9.79 -15.81 15.94
N MET A 207 -9.95 -14.70 16.65
CA MET A 207 -9.71 -14.65 18.08
C MET A 207 -11.05 -14.71 18.84
N VAL A 208 -11.69 -15.87 18.78
CA VAL A 208 -12.99 -16.07 19.42
C VAL A 208 -12.83 -17.04 20.58
N TRP A 209 -13.31 -16.65 21.76
CA TRP A 209 -13.18 -17.46 22.96
C TRP A 209 -14.47 -18.13 23.38
N GLY A 210 -15.62 -17.54 23.08
CA GLY A 210 -16.88 -18.13 23.49
C GLY A 210 -17.07 -19.52 22.92
N GLU A 211 -18.09 -20.20 23.45
CA GLU A 211 -18.41 -21.53 22.96
C GLU A 211 -19.19 -21.51 21.66
N GLN A 212 -19.83 -20.41 21.35
CA GLN A 212 -20.50 -20.26 20.08
C GLN A 212 -19.57 -19.55 19.09
N PRO A 213 -19.37 -20.09 17.90
CA PRO A 213 -18.32 -19.58 17.01
C PRO A 213 -18.78 -18.38 16.19
N HIS A 214 -17.84 -17.85 15.43
CA HIS A 214 -18.09 -16.68 14.60
C HIS A 214 -18.67 -17.08 13.26
N ILE A 215 -19.72 -16.39 12.84
CA ILE A 215 -20.41 -16.68 11.60
C ILE A 215 -20.11 -15.54 10.61
N PRO A 216 -19.44 -15.81 9.46
CA PRO A 216 -19.17 -14.78 8.46
C PRO A 216 -20.40 -14.04 7.90
N TRP A 217 -20.19 -12.84 7.35
CA TRP A 217 -21.26 -12.02 6.72
C TRP A 217 -21.86 -12.73 5.52
N SER A 218 -21.06 -13.46 4.75
CA SER A 218 -21.52 -14.04 3.46
C SER A 218 -22.72 -14.96 3.67
N ASN A 219 -22.75 -15.75 4.75
CA ASN A 219 -23.85 -16.72 4.89
C ASN A 219 -25.18 -15.96 4.95
N VAL A 220 -25.23 -14.83 5.66
CA VAL A 220 -26.46 -13.98 5.71
C VAL A 220 -26.45 -12.91 4.61
N ALA A 221 -25.38 -12.83 3.81
CA ALA A 221 -25.23 -11.75 2.79
C ALA A 221 -26.24 -11.86 1.64
N ARG A 222 -26.69 -10.71 1.09
CA ARG A 222 -27.60 -10.69 -0.09
C ARG A 222 -27.24 -9.49 -0.98
N GLY A 223 -27.76 -9.42 -2.21
CA GLY A 223 -27.51 -8.26 -3.06
C GLY A 223 -26.08 -7.81 -3.03
N ASP A 224 -25.87 -6.50 -2.90
CA ASP A 224 -24.54 -5.94 -2.77
C ASP A 224 -24.09 -6.00 -1.32
N TRP A 225 -22.87 -6.44 -1.10
CA TRP A 225 -22.32 -6.54 0.25
C TRP A 225 -20.81 -6.65 0.11
N ALA A 226 -20.13 -6.74 1.24
CA ALA A 226 -18.69 -6.89 1.22
C ALA A 226 -18.22 -7.44 2.55
N LEU A 227 -17.21 -8.29 2.50
CA LEU A 227 -16.63 -8.90 3.68
C LEU A 227 -15.13 -8.69 3.60
N LEU A 228 -14.58 -7.83 4.44
CA LEU A 228 -13.19 -7.44 4.38
C LEU A 228 -12.43 -8.01 5.56
N THR A 229 -11.22 -8.47 5.33
CA THR A 229 -10.44 -9.02 6.43
C THR A 229 -8.98 -9.12 6.01
N SER A 230 -8.18 -9.73 6.88
CA SER A 230 -6.75 -9.82 6.74
C SER A 230 -6.24 -10.77 7.82
N GLY A 231 -5.03 -11.25 7.64
CA GLY A 231 -4.42 -12.08 8.64
C GLY A 231 -3.45 -11.30 9.49
N SER A 232 -3.59 -9.98 9.51
CA SER A 232 -2.64 -9.13 10.20
C SER A 232 -2.80 -9.25 11.71
N LYS A 233 -3.99 -8.91 12.23
CA LYS A 233 -4.20 -9.00 13.66
C LYS A 233 -4.09 -10.43 14.15
N SER A 234 -4.50 -11.39 13.33
CA SER A 234 -4.49 -12.77 13.79
C SER A 234 -3.08 -13.29 13.94
N PHE A 235 -2.19 -12.95 13.00
CA PHE A 235 -0.83 -13.45 13.02
C PHE A 235 0.19 -12.38 13.33
N ASN A 236 -0.26 -11.17 13.65
CA ASN A 236 0.64 -10.09 14.07
C ASN A 236 1.66 -9.79 12.97
N ILE A 237 1.14 -9.39 11.80
CA ILE A 237 2.00 -8.97 10.71
C ILE A 237 1.44 -7.72 10.03
N PRO A 238 1.04 -6.67 10.75
CA PRO A 238 0.56 -5.47 10.06
C PRO A 238 1.64 -4.71 9.34
N ALA A 239 2.91 -5.02 9.60
CA ALA A 239 4.02 -4.35 8.94
C ALA A 239 4.29 -4.88 7.55
N LEU A 240 3.39 -5.70 7.03
CA LEU A 240 3.45 -6.30 5.70
C LEU A 240 2.17 -5.99 4.96
N THR A 241 1.83 -4.70 4.90
CA THR A 241 0.52 -4.22 4.50
C THR A 241 -0.15 -5.07 3.44
N GLY A 242 -1.37 -5.51 3.70
CA GLY A 242 -2.12 -6.29 2.74
C GLY A 242 -3.42 -6.80 3.34
N ALA A 243 -4.50 -6.70 2.58
CA ALA A 243 -5.80 -7.15 3.05
C ALA A 243 -6.56 -7.70 1.85
N TYR A 244 -7.55 -8.53 2.14
CA TYR A 244 -8.39 -9.04 1.08
C TYR A 244 -9.85 -8.90 1.47
N GLY A 245 -10.71 -9.15 0.51
CA GLY A 245 -12.12 -8.99 0.77
C GLY A 245 -12.92 -9.72 -0.27
N ILE A 246 -14.22 -9.74 -0.07
CA ILE A 246 -15.15 -10.38 -0.97
C ILE A 246 -16.25 -9.38 -1.24
N ILE A 247 -16.38 -8.96 -2.49
CA ILE A 247 -17.40 -8.00 -2.89
C ILE A 247 -18.32 -8.71 -3.86
N GLU A 248 -19.62 -8.44 -3.75
CA GLU A 248 -20.57 -9.12 -4.59
C GLU A 248 -21.30 -8.13 -5.48
N ASN A 249 -22.16 -8.67 -6.33
CA ASN A 249 -22.72 -7.90 -7.44
C ASN A 249 -21.58 -7.45 -8.34
N SER A 250 -21.04 -8.37 -9.11
CA SER A 250 -19.79 -8.21 -9.85
C SER A 250 -19.60 -6.85 -10.49
N SER A 251 -20.69 -6.12 -10.73
CA SER A 251 -20.55 -4.73 -11.12
C SER A 251 -19.80 -3.93 -10.04
N SER A 252 -20.12 -4.16 -8.77
CA SER A 252 -19.44 -3.44 -7.71
C SER A 252 -18.00 -3.91 -7.55
N ARG A 253 -17.78 -5.22 -7.65
CA ARG A 253 -16.42 -5.73 -7.63
C ARG A 253 -15.58 -5.10 -8.73
N ASP A 254 -16.18 -4.92 -9.91
CA ASP A 254 -15.44 -4.36 -11.03
C ASP A 254 -15.19 -2.88 -10.85
N ALA A 255 -16.18 -2.15 -10.34
CA ALA A 255 -15.96 -0.74 -10.04
C ALA A 255 -14.83 -0.57 -9.04
N TYR A 256 -14.82 -1.40 -8.00
CA TYR A 256 -13.74 -1.32 -7.02
C TYR A 256 -12.40 -1.63 -7.66
N LEU A 257 -12.33 -2.70 -8.45
CA LEU A 257 -11.05 -3.06 -9.05
C LEU A 257 -10.55 -1.96 -9.98
N SER A 258 -11.46 -1.31 -10.70
CA SER A 258 -11.08 -0.20 -11.55
C SER A 258 -10.51 0.95 -10.72
N ALA A 259 -11.17 1.28 -9.61
CA ALA A 259 -10.66 2.36 -8.78
C ALA A 259 -9.31 2.00 -8.16
N LEU A 260 -9.11 0.73 -7.83
CA LEU A 260 -7.87 0.34 -7.18
C LEU A 260 -6.71 0.35 -8.15
N LYS A 261 -6.92 -0.16 -9.35
CA LYS A 261 -5.82 -0.23 -10.30
C LYS A 261 -5.66 1.04 -11.10
N GLY A 262 -6.76 1.57 -11.61
CA GLY A 262 -6.68 2.72 -12.49
C GLY A 262 -6.48 4.04 -11.77
N ARG A 263 -7.47 4.43 -10.95
CA ARG A 263 -7.48 5.77 -10.42
C ARG A 263 -6.39 5.98 -9.37
N ASP A 264 -6.13 4.99 -8.52
CA ASP A 264 -5.20 5.17 -7.43
C ASP A 264 -3.90 4.41 -7.58
N GLY A 265 -3.74 3.61 -8.62
CA GLY A 265 -2.47 2.94 -8.87
C GLY A 265 -1.93 2.12 -7.72
N LEU A 266 -2.79 1.39 -7.01
CA LEU A 266 -2.37 0.58 -5.88
C LEU A 266 -2.42 -0.91 -6.18
N SER A 267 -2.54 -1.29 -7.45
CA SER A 267 -2.83 -2.68 -7.78
C SER A 267 -1.62 -3.58 -7.58
N SER A 268 -0.43 -3.06 -7.70
CA SER A 268 0.73 -3.90 -7.51
C SER A 268 0.81 -4.33 -6.05
N PRO A 269 0.68 -5.60 -5.73
CA PRO A 269 0.66 -6.02 -4.33
C PRO A 269 2.06 -6.10 -3.77
N SER A 270 2.12 -6.35 -2.47
CA SER A 270 3.38 -6.63 -1.79
C SER A 270 3.59 -8.13 -1.82
N VAL A 271 4.50 -8.59 -2.67
CA VAL A 271 4.71 -10.03 -2.84
C VAL A 271 4.97 -10.71 -1.51
N LEU A 272 5.59 -10.00 -0.57
CA LEU A 272 5.87 -10.62 0.71
C LEU A 272 4.61 -10.73 1.58
N ALA A 273 3.67 -9.81 1.42
CA ALA A 273 2.39 -9.97 2.11
C ALA A 273 1.65 -11.20 1.60
N LEU A 274 1.66 -11.42 0.30
CA LEU A 274 1.02 -12.62 -0.24
C LEU A 274 1.73 -13.88 0.23
N THR A 275 3.06 -13.87 0.22
CA THR A 275 3.78 -15.02 0.74
C THR A 275 3.41 -15.30 2.19
N ALA A 276 3.32 -14.25 3.00
CA ALA A 276 2.98 -14.41 4.40
C ALA A 276 1.57 -14.98 4.55
N HIS A 277 0.62 -14.45 3.80
CA HIS A 277 -0.75 -14.91 3.95
C HIS A 277 -0.89 -16.36 3.50
N ILE A 278 -0.23 -16.74 2.41
CA ILE A 278 -0.31 -18.11 1.95
C ILE A 278 0.28 -19.05 2.99
N ALA A 279 1.48 -18.77 3.46
CA ALA A 279 2.10 -19.65 4.44
C ALA A 279 1.28 -19.72 5.72
N ALA A 280 0.75 -18.57 6.16
CA ALA A 280 -0.07 -18.55 7.37
C ALA A 280 -1.30 -19.41 7.22
N TYR A 281 -2.04 -19.24 6.13
CA TYR A 281 -3.31 -19.93 5.98
C TYR A 281 -3.11 -21.41 5.70
N GLN A 282 -2.01 -21.80 5.07
CA GLN A 282 -1.82 -23.21 4.78
C GLN A 282 -1.11 -23.97 5.87
N GLN A 283 -0.31 -23.32 6.72
CA GLN A 283 0.47 -24.03 7.72
C GLN A 283 0.45 -23.40 9.11
N GLY A 284 -0.28 -22.31 9.32
CA GLY A 284 -0.19 -21.63 10.59
C GLY A 284 -1.26 -21.96 11.59
N ALA A 285 -1.88 -23.11 11.47
CA ALA A 285 -2.97 -23.46 12.37
C ALA A 285 -2.49 -23.94 13.73
N PRO A 286 -1.45 -24.78 13.84
CA PRO A 286 -0.95 -25.12 15.17
C PRO A 286 -0.48 -23.92 15.97
N TRP A 287 0.29 -23.04 15.33
CA TRP A 287 0.74 -21.83 15.99
C TRP A 287 -0.45 -21.01 16.46
N LEU A 288 -1.47 -20.86 15.63
CA LEU A 288 -2.61 -20.04 15.99
C LEU A 288 -3.39 -20.67 17.14
N ASP A 289 -3.48 -22.00 17.18
CA ASP A 289 -4.20 -22.62 18.28
C ASP A 289 -3.46 -22.45 19.61
N ALA A 290 -2.14 -22.64 19.58
CA ALA A 290 -1.36 -22.38 20.79
C ALA A 290 -1.54 -20.95 21.26
N LEU A 291 -1.48 -20.00 20.32
CA LEU A 291 -1.65 -18.60 20.69
C LEU A 291 -3.03 -18.33 21.27
N ARG A 292 -4.07 -18.96 20.70
CA ARG A 292 -5.41 -18.79 21.23
C ARG A 292 -5.47 -19.22 22.69
N ILE A 293 -4.90 -20.38 22.99
CA ILE A 293 -4.88 -20.85 24.36
C ILE A 293 -4.21 -19.83 25.26
N TYR A 294 -3.04 -19.33 24.83
CA TYR A 294 -2.29 -18.41 25.68
C TYR A 294 -3.06 -17.12 25.92
N LEU A 295 -3.69 -16.57 24.89
CA LEU A 295 -4.41 -15.32 25.06
C LEU A 295 -5.62 -15.49 25.96
N LYS A 296 -6.30 -16.62 25.86
CA LYS A 296 -7.41 -16.82 26.77
C LYS A 296 -6.93 -16.96 28.20
N ASP A 297 -5.78 -17.60 28.41
CA ASP A 297 -5.24 -17.67 29.75
C ASP A 297 -4.90 -16.28 30.28
N ASN A 298 -4.36 -15.41 29.44
CA ASN A 298 -4.05 -14.06 29.89
C ASN A 298 -5.32 -13.29 30.26
N LEU A 299 -6.35 -13.40 29.43
CA LEU A 299 -7.59 -12.69 29.75
C LEU A 299 -8.18 -13.20 31.06
N THR A 300 -8.15 -14.51 31.29
CA THR A 300 -8.73 -15.00 32.52
C THR A 300 -7.87 -14.66 33.72
N TYR A 301 -6.56 -14.52 33.54
CA TYR A 301 -5.74 -14.03 34.65
C TYR A 301 -6.10 -12.61 35.01
N ILE A 302 -6.26 -11.75 34.01
CA ILE A 302 -6.71 -10.39 34.26
C ILE A 302 -8.00 -10.41 35.06
N ALA A 303 -8.96 -11.21 34.60
CA ALA A 303 -10.27 -11.25 35.26
C ALA A 303 -10.14 -11.70 36.70
N ASP A 304 -9.36 -12.74 36.96
CA ASP A 304 -9.16 -13.20 38.32
C ASP A 304 -8.61 -12.10 39.19
N LYS A 305 -7.48 -11.52 38.78
CA LYS A 305 -6.83 -10.50 39.60
C LYS A 305 -7.76 -9.33 39.88
N MET A 306 -8.37 -8.78 38.84
CA MET A 306 -9.22 -7.61 39.04
C MET A 306 -10.42 -7.95 39.91
N ASN A 307 -11.20 -8.96 39.52
CA ASN A 307 -12.39 -9.29 40.29
C ASN A 307 -12.06 -9.72 41.71
N ALA A 308 -10.82 -10.11 42.00
CA ALA A 308 -10.43 -10.39 43.36
C ALA A 308 -9.98 -9.15 44.11
N ALA A 309 -9.49 -8.13 43.41
CA ALA A 309 -9.07 -6.92 44.10
C ALA A 309 -10.25 -6.01 44.44
N PHE A 310 -11.29 -6.01 43.62
CA PHE A 310 -12.46 -5.17 43.85
C PHE A 310 -13.71 -5.99 43.61
N PRO A 311 -14.24 -6.65 44.64
CA PRO A 311 -15.32 -7.61 44.43
C PRO A 311 -16.56 -7.05 43.77
N GLU A 312 -16.68 -5.74 43.62
CA GLU A 312 -17.88 -5.15 43.04
C GLU A 312 -17.70 -4.79 41.57
N LEU A 313 -16.69 -5.34 40.91
CA LEU A 313 -16.57 -5.14 39.47
C LEU A 313 -17.45 -6.11 38.69
N ASN A 314 -17.29 -7.40 38.94
CA ASN A 314 -17.97 -8.44 38.18
C ASN A 314 -17.67 -8.31 36.69
N TRP A 315 -16.39 -8.48 36.37
CA TRP A 315 -15.92 -8.40 35.00
C TRP A 315 -15.77 -9.79 34.43
N GLN A 316 -16.39 -10.04 33.28
CA GLN A 316 -16.28 -11.31 32.57
C GLN A 316 -15.36 -11.13 31.37
N ILE A 317 -14.54 -12.13 31.09
CA ILE A 317 -13.63 -11.97 29.96
C ILE A 317 -14.45 -11.76 28.69
N PRO A 318 -13.97 -11.01 27.72
CA PRO A 318 -14.79 -10.69 26.55
C PRO A 318 -15.08 -11.93 25.73
N GLN A 319 -16.04 -11.79 24.82
CA GLN A 319 -16.37 -12.93 23.97
C GLN A 319 -15.25 -13.24 23.00
N SER A 320 -14.69 -12.22 22.36
CA SER A 320 -13.63 -12.49 21.38
C SER A 320 -12.81 -11.24 21.13
N THR A 321 -11.63 -11.17 21.75
CA THR A 321 -10.50 -10.32 21.37
C THR A 321 -9.35 -10.59 22.33
N TYR A 322 -8.24 -9.87 22.16
CA TYR A 322 -7.20 -9.84 23.19
C TYR A 322 -7.07 -8.44 23.76
N LEU A 323 -8.12 -7.65 23.70
CA LEU A 323 -8.15 -6.30 24.29
C LEU A 323 -9.20 -6.27 25.38
N ALA A 324 -8.78 -6.16 26.62
CA ALA A 324 -9.71 -6.09 27.74
C ALA A 324 -10.35 -4.71 27.78
N TRP A 325 -11.66 -4.65 27.66
CA TRP A 325 -12.41 -3.39 27.71
C TRP A 325 -12.99 -3.23 29.11
N LEU A 326 -12.11 -2.90 30.05
CA LEU A 326 -12.45 -2.94 31.46
C LEU A 326 -13.42 -1.82 31.82
N ASP A 327 -14.46 -2.17 32.57
CA ASP A 327 -15.47 -1.23 33.04
C ASP A 327 -15.18 -0.92 34.50
N LEU A 328 -14.80 0.32 34.77
CA LEU A 328 -14.46 0.75 36.13
C LEU A 328 -15.51 1.68 36.71
N ARG A 329 -16.64 1.86 36.04
CA ARG A 329 -17.68 2.71 36.57
C ARG A 329 -18.21 2.27 37.94
N PRO A 330 -18.28 0.99 38.28
CA PRO A 330 -18.77 0.63 39.63
C PRO A 330 -17.82 1.00 40.74
N LEU A 331 -16.76 1.76 40.45
CA LEU A 331 -15.84 2.21 41.48
C LEU A 331 -15.94 3.71 41.73
N ASN A 332 -16.77 4.43 40.98
CA ASN A 332 -17.04 5.85 41.22
C ASN A 332 -15.78 6.69 41.19
N ILE A 333 -14.80 6.28 40.39
CA ILE A 333 -13.52 6.96 40.33
C ILE A 333 -13.48 7.86 39.11
N ASP A 334 -12.69 8.92 39.20
CA ASP A 334 -12.49 9.83 38.08
C ASP A 334 -11.32 9.39 37.22
N ASP A 335 -11.50 9.45 35.91
CA ASP A 335 -10.53 8.86 34.99
C ASP A 335 -9.28 9.72 34.85
N ASN A 336 -9.42 11.04 34.88
CA ASN A 336 -8.23 11.87 34.76
C ASN A 336 -7.30 11.69 35.96
N ALA A 337 -7.87 11.61 37.16
CA ALA A 337 -7.07 11.30 38.34
C ALA A 337 -6.39 9.94 38.17
N LEU A 338 -7.14 8.97 37.68
CA LEU A 338 -6.57 7.63 37.48
C LEU A 338 -5.43 7.67 36.48
N GLN A 339 -5.59 8.43 35.40
CA GLN A 339 -4.57 8.49 34.37
C GLN A 339 -3.32 9.16 34.89
N LYS A 340 -3.49 10.24 35.65
CA LYS A 340 -2.32 10.89 36.25
C LYS A 340 -1.61 9.95 37.21
N ALA A 341 -2.37 9.22 38.02
CA ALA A 341 -1.75 8.27 38.94
C ALA A 341 -1.01 7.17 38.19
N LEU A 342 -1.59 6.70 37.08
CA LEU A 342 -0.95 5.65 36.30
C LEU A 342 0.34 6.13 35.66
N ILE A 343 0.30 7.33 35.07
CA ILE A 343 1.49 7.88 34.42
C ILE A 343 2.59 8.11 35.45
N GLU A 344 2.29 8.83 36.52
CA GLU A 344 3.33 9.35 37.39
C GLU A 344 3.68 8.39 38.52
N GLN A 345 2.70 8.01 39.32
CA GLN A 345 3.00 7.16 40.47
C GLN A 345 3.43 5.77 40.08
N GLU A 346 3.08 5.30 38.88
CA GLU A 346 3.26 3.91 38.53
C GLU A 346 4.08 3.67 37.27
N LYS A 347 4.08 4.62 36.33
CA LYS A 347 4.78 4.46 35.06
C LYS A 347 4.23 3.27 34.28
N VAL A 348 2.94 3.36 33.94
CA VAL A 348 2.26 2.37 33.11
C VAL A 348 1.28 3.11 32.22
N ALA A 349 1.43 2.97 30.91
CA ALA A 349 0.56 3.64 29.95
C ALA A 349 -0.59 2.71 29.58
N ILE A 350 -1.81 3.13 29.88
CA ILE A 350 -3.00 2.34 29.61
C ILE A 350 -4.02 3.26 28.96
N MET A 351 -4.42 2.94 27.74
CA MET A 351 -5.25 3.82 26.95
C MET A 351 -6.56 4.12 27.67
N PRO A 352 -6.87 5.38 27.96
CA PRO A 352 -8.11 5.69 28.65
C PRO A 352 -9.32 5.43 27.77
N GLY A 353 -10.48 5.53 28.39
CA GLY A 353 -11.71 5.17 27.70
C GLY A 353 -12.37 6.31 26.98
N TYR A 354 -12.23 7.53 27.51
CA TYR A 354 -12.90 8.68 26.91
C TYR A 354 -12.42 8.97 25.51
N THR A 355 -11.30 8.38 25.08
CA THR A 355 -10.86 8.56 23.71
C THR A 355 -11.84 7.94 22.72
N TYR A 356 -12.64 6.98 23.15
CA TYR A 356 -13.72 6.45 22.32
C TYR A 356 -14.94 7.34 22.33
N GLY A 357 -14.83 8.55 22.86
CA GLY A 357 -15.95 9.45 22.88
C GLY A 357 -16.69 9.41 24.20
N GLU A 358 -18.00 9.60 24.17
CA GLU A 358 -18.75 9.66 25.40
C GLU A 358 -19.11 8.27 25.92
N GLU A 359 -19.29 7.31 25.04
CA GLU A 359 -19.62 5.96 25.49
C GLU A 359 -18.46 5.31 26.22
N GLY A 360 -17.26 5.85 26.12
CA GLY A 360 -16.12 5.24 26.75
C GLY A 360 -15.80 5.77 28.12
N ARG A 361 -16.58 6.71 28.64
CA ARG A 361 -16.31 7.26 29.96
C ARG A 361 -16.43 6.18 31.02
N GLY A 362 -15.38 6.01 31.80
CA GLY A 362 -15.37 5.05 32.87
C GLY A 362 -14.71 3.74 32.57
N PHE A 363 -14.25 3.55 31.33
CA PHE A 363 -13.59 2.32 30.91
C PHE A 363 -12.10 2.56 30.75
N VAL A 364 -11.36 1.46 30.63
CA VAL A 364 -9.99 1.49 30.11
C VAL A 364 -9.84 0.34 29.14
N ARG A 365 -8.83 0.44 28.29
CA ARG A 365 -8.57 -0.54 27.24
C ARG A 365 -7.18 -1.09 27.45
N LEU A 366 -7.10 -2.34 27.90
CA LEU A 366 -5.83 -2.95 28.28
C LEU A 366 -5.47 -4.01 27.25
N ASN A 367 -4.33 -3.81 26.60
CA ASN A 367 -3.85 -4.76 25.58
C ASN A 367 -3.30 -5.99 26.28
N ALA A 368 -3.96 -7.12 26.12
CA ALA A 368 -3.54 -8.36 26.76
C ALA A 368 -2.75 -9.27 25.83
N GLY A 369 -2.37 -8.80 24.66
CA GLY A 369 -1.66 -9.64 23.72
C GLY A 369 -0.17 -9.60 23.91
N CYS A 370 0.29 -9.87 25.12
CA CYS A 370 1.67 -9.72 25.50
C CYS A 370 2.06 -10.89 26.40
N PRO A 371 3.36 -11.13 26.57
CA PRO A 371 3.77 -12.18 27.52
C PRO A 371 3.23 -11.89 28.90
N ARG A 372 3.06 -12.94 29.68
CA ARG A 372 2.46 -12.75 30.99
C ARG A 372 3.36 -11.94 31.91
N SER A 373 4.67 -12.00 31.69
CA SER A 373 5.58 -11.18 32.48
C SER A 373 5.17 -9.72 32.47
N LYS A 374 4.86 -9.20 31.29
CA LYS A 374 4.46 -7.81 31.16
C LYS A 374 3.05 -7.59 31.67
N LEU A 375 2.17 -8.57 31.48
CA LEU A 375 0.79 -8.40 31.92
C LEU A 375 0.68 -8.32 33.42
N GLU A 376 1.51 -9.08 34.13
CA GLU A 376 1.51 -9.01 35.59
C GLU A 376 1.84 -7.60 36.05
N LYS A 377 2.89 -7.01 35.47
CA LYS A 377 3.25 -5.65 35.83
C LYS A 377 2.13 -4.68 35.50
N GLY A 378 1.52 -4.84 34.33
CA GLY A 378 0.46 -3.92 33.94
C GLY A 378 -0.74 -3.97 34.87
N VAL A 379 -1.20 -5.18 35.20
CA VAL A 379 -2.38 -5.29 36.03
C VAL A 379 -2.06 -4.91 37.47
N ALA A 380 -0.85 -5.19 37.95
CA ALA A 380 -0.47 -4.72 39.27
C ALA A 380 -0.45 -3.20 39.31
N GLY A 381 0.06 -2.58 38.26
CA GLY A 381 0.05 -1.13 38.19
C GLY A 381 -1.35 -0.57 38.19
N LEU A 382 -2.25 -1.18 37.44
CA LEU A 382 -3.62 -0.67 37.41
C LEU A 382 -4.28 -0.80 38.76
N ILE A 383 -4.10 -1.94 39.42
CA ILE A 383 -4.69 -2.14 40.73
C ILE A 383 -4.15 -1.11 41.72
N ASN A 384 -2.83 -0.92 41.73
CA ASN A 384 -2.24 0.03 42.65
C ASN A 384 -2.74 1.44 42.37
N ALA A 385 -2.78 1.84 41.10
CA ALA A 385 -3.20 3.18 40.77
C ALA A 385 -4.66 3.41 41.09
N ILE A 386 -5.46 2.35 41.06
CA ILE A 386 -6.85 2.49 41.49
C ILE A 386 -6.91 2.69 43.00
N ARG A 387 -6.24 1.82 43.75
CA ARG A 387 -6.27 1.94 45.19
C ARG A 387 -5.77 3.30 45.65
N ALA A 388 -4.69 3.79 45.03
CA ALA A 388 -4.08 5.04 45.42
C ALA A 388 -4.90 6.26 45.05
N VAL A 389 -6.03 6.09 44.37
CA VAL A 389 -6.90 7.20 44.04
C VAL A 389 -8.35 6.92 44.41
N ARG A 390 -8.62 5.75 44.99
CA ARG A 390 -9.98 5.30 45.27
C ARG A 390 -10.80 6.31 46.05
N MET B 1 33.46 -8.61 -8.71
CA MET B 1 32.49 -7.70 -8.11
C MET B 1 31.10 -8.26 -8.25
N PHE B 2 30.30 -7.58 -9.06
CA PHE B 2 28.94 -8.00 -9.38
C PHE B 2 28.93 -8.67 -10.74
N ASP B 3 27.92 -9.51 -10.95
CA ASP B 3 27.73 -10.21 -12.20
C ASP B 3 26.30 -10.04 -12.65
N PHE B 4 26.11 -9.40 -13.81
CA PHE B 4 24.80 -9.27 -14.41
C PHE B 4 24.64 -10.18 -15.63
N SER B 5 25.68 -10.88 -16.02
CA SER B 5 25.64 -11.74 -17.20
C SER B 5 25.17 -13.14 -16.84
N LYS B 6 24.04 -13.22 -16.14
CA LYS B 6 23.46 -14.50 -15.78
C LYS B 6 21.95 -14.35 -15.74
N VAL B 7 21.25 -15.44 -16.01
CA VAL B 7 19.81 -15.43 -16.10
C VAL B 7 19.22 -16.06 -14.85
N VAL B 8 18.39 -15.32 -14.15
CA VAL B 8 17.57 -15.84 -13.07
C VAL B 8 16.30 -16.39 -13.67
N ASP B 9 15.79 -17.49 -13.12
CA ASP B 9 14.68 -18.19 -13.74
C ASP B 9 13.44 -17.32 -13.83
N ARG B 10 12.94 -16.86 -12.69
CA ARG B 10 11.73 -16.04 -12.63
C ARG B 10 10.50 -16.80 -13.12
N HIS B 11 10.51 -18.13 -13.01
CA HIS B 11 9.37 -18.95 -13.40
C HIS B 11 8.70 -19.48 -12.15
N GLY B 12 7.39 -19.27 -12.05
CA GLY B 12 6.65 -19.69 -10.88
C GLY B 12 6.69 -18.71 -9.73
N THR B 13 6.97 -17.44 -9.99
CA THR B 13 7.03 -16.43 -8.94
C THR B 13 5.96 -15.37 -9.11
N TRP B 14 4.90 -15.66 -9.87
CA TRP B 14 3.74 -14.79 -10.01
C TRP B 14 4.07 -13.51 -10.75
N CYS B 15 5.21 -13.45 -11.41
CA CYS B 15 5.65 -12.21 -12.04
C CYS B 15 4.89 -11.98 -13.33
N THR B 16 4.45 -10.74 -13.53
CA THR B 16 3.60 -10.45 -14.67
C THR B 16 4.29 -10.62 -16.01
N GLN B 17 5.61 -10.77 -16.04
CA GLN B 17 6.29 -10.90 -17.32
C GLN B 17 6.47 -12.35 -17.74
N TRP B 18 6.99 -13.20 -16.85
CA TRP B 18 7.34 -14.55 -17.23
C TRP B 18 6.26 -15.57 -16.93
N ASP B 19 5.22 -15.21 -16.20
CA ASP B 19 4.24 -16.21 -15.79
C ASP B 19 2.87 -15.99 -16.38
N TYR B 20 2.66 -14.89 -17.10
CA TYR B 20 1.32 -14.54 -17.57
C TYR B 20 1.37 -14.15 -19.04
N VAL B 21 0.81 -14.99 -19.90
CA VAL B 21 0.73 -14.66 -21.32
C VAL B 21 -0.21 -13.47 -21.54
N ALA B 22 -1.42 -13.54 -21.01
CA ALA B 22 -2.40 -12.49 -21.18
C ALA B 22 -1.97 -11.26 -20.39
N ASP B 23 -2.05 -10.11 -21.02
CA ASP B 23 -2.43 -10.01 -22.43
C ASP B 23 -1.24 -9.61 -23.28
N ARG B 24 -0.03 -9.91 -22.77
CA ARG B 24 1.18 -9.56 -23.49
C ARG B 24 1.26 -10.29 -24.82
N PHE B 25 0.62 -11.45 -24.91
CA PHE B 25 0.67 -12.30 -26.09
C PHE B 25 -0.49 -13.27 -26.01
N GLY B 26 -0.42 -14.30 -26.83
CA GLY B 26 -1.35 -15.41 -26.75
C GLY B 26 -0.65 -16.77 -26.79
N THR B 27 0.61 -16.82 -27.20
CA THR B 27 1.27 -18.11 -27.38
C THR B 27 1.83 -18.66 -26.07
N ALA B 28 2.12 -17.77 -25.12
CA ALA B 28 2.60 -18.16 -23.79
C ALA B 28 3.96 -18.84 -23.83
N ASP B 29 4.57 -18.94 -25.00
CA ASP B 29 5.90 -19.52 -25.11
C ASP B 29 6.83 -18.52 -25.77
N LEU B 30 6.73 -17.27 -25.38
CA LEU B 30 7.47 -16.19 -26.02
C LEU B 30 8.62 -15.75 -25.14
N LEU B 31 9.53 -14.99 -25.75
CA LEU B 31 10.57 -14.30 -25.02
C LEU B 31 10.03 -12.92 -24.67
N PRO B 32 9.75 -12.64 -23.42
CA PRO B 32 9.00 -11.42 -23.10
C PRO B 32 9.87 -10.19 -22.92
N PHE B 33 9.47 -9.08 -23.54
CA PHE B 33 10.11 -7.79 -23.40
C PHE B 33 9.08 -6.70 -23.14
N THR B 34 7.96 -7.04 -22.52
CA THR B 34 6.83 -6.12 -22.51
C THR B 34 6.77 -5.25 -21.27
N ILE B 35 7.13 -5.79 -20.12
CA ILE B 35 6.95 -5.10 -18.85
C ILE B 35 8.27 -4.52 -18.38
N SER B 36 8.18 -3.35 -17.76
CA SER B 36 9.30 -2.47 -17.53
C SER B 36 10.02 -2.70 -16.21
N ASP B 37 10.06 -3.91 -15.70
CA ASP B 37 11.00 -4.16 -14.63
C ASP B 37 12.29 -4.70 -15.21
N MET B 38 13.25 -4.99 -14.34
CA MET B 38 14.53 -5.53 -14.77
C MET B 38 14.65 -6.98 -14.35
N ASP B 39 15.30 -7.77 -15.21
CA ASP B 39 15.48 -9.18 -14.93
C ASP B 39 16.54 -9.45 -13.90
N PHE B 40 17.12 -8.43 -13.30
CA PHE B 40 18.24 -8.63 -12.40
C PHE B 40 17.76 -8.84 -10.99
N ALA B 41 18.60 -9.48 -10.19
CA ALA B 41 18.39 -9.55 -8.77
C ALA B 41 18.88 -8.25 -8.13
N THR B 42 18.16 -7.79 -7.12
CA THR B 42 18.50 -6.52 -6.49
C THR B 42 19.82 -6.64 -5.74
N ALA B 43 20.28 -5.52 -5.18
CA ALA B 43 21.62 -5.44 -4.65
C ALA B 43 21.78 -6.34 -3.43
N PRO B 44 22.94 -6.98 -3.28
CA PRO B 44 23.14 -7.84 -2.10
C PRO B 44 23.06 -7.10 -0.80
N CYS B 45 23.29 -5.79 -0.78
CA CYS B 45 23.15 -5.04 0.46
C CYS B 45 21.70 -4.97 0.91
N ILE B 46 20.80 -4.68 -0.03
CA ILE B 46 19.38 -4.69 0.29
C ILE B 46 18.94 -6.06 0.77
N ILE B 47 19.42 -7.11 0.10
CA ILE B 47 19.03 -8.46 0.49
C ILE B 47 19.50 -8.76 1.90
N GLU B 48 20.75 -8.42 2.21
CA GLU B 48 21.25 -8.69 3.55
C GLU B 48 20.50 -7.88 4.60
N ALA B 49 20.16 -6.64 4.29
CA ALA B 49 19.43 -5.83 5.26
C ALA B 49 18.05 -6.40 5.53
N LEU B 50 17.32 -6.79 4.47
CA LEU B 50 16.04 -7.44 4.67
C LEU B 50 16.20 -8.72 5.46
N ASN B 51 17.20 -9.52 5.11
CA ASN B 51 17.46 -10.76 5.82
C ASN B 51 17.68 -10.51 7.30
N GLN B 52 18.31 -9.40 7.64
CA GLN B 52 18.56 -9.11 9.05
C GLN B 52 17.35 -8.55 9.75
N ARG B 53 16.49 -7.85 9.02
CA ARG B 53 15.22 -7.42 9.61
C ARG B 53 14.27 -8.59 9.80
N LEU B 54 14.47 -9.67 9.05
CA LEU B 54 13.63 -10.84 9.18
C LEU B 54 13.97 -11.65 10.41
N MET B 55 15.25 -11.77 10.73
CA MET B 55 15.65 -12.51 11.93
C MET B 55 15.13 -11.89 13.20
N HIS B 56 14.74 -10.62 13.17
CA HIS B 56 14.07 -10.03 14.32
C HIS B 56 12.78 -10.78 14.63
N GLY B 57 11.95 -10.99 13.61
CA GLY B 57 10.79 -11.82 13.76
C GLY B 57 9.49 -11.08 13.96
N VAL B 58 9.53 -9.96 14.64
CA VAL B 58 8.32 -9.22 14.97
C VAL B 58 8.02 -8.24 13.85
N PHE B 59 6.76 -8.13 13.46
CA PHE B 59 6.33 -7.26 12.38
C PHE B 59 5.17 -6.41 12.82
N GLY B 60 5.26 -5.82 14.01
CA GLY B 60 4.23 -4.95 14.50
C GLY B 60 4.22 -3.63 13.75
N TYR B 61 3.40 -2.72 14.25
CA TYR B 61 3.27 -1.41 13.61
C TYR B 61 4.59 -0.67 13.63
N SER B 62 4.86 0.06 12.56
CA SER B 62 6.10 0.79 12.41
C SER B 62 5.77 2.22 11.99
N ARG B 63 6.76 3.08 12.04
CA ARG B 63 6.59 4.49 11.74
C ARG B 63 7.55 4.90 10.63
N TRP B 64 7.04 5.66 9.67
CA TRP B 64 7.88 6.14 8.59
C TRP B 64 8.51 7.49 8.87
N LYS B 65 7.91 8.30 9.75
CA LYS B 65 8.48 9.59 10.14
C LYS B 65 9.67 9.28 11.02
N ASN B 66 10.60 8.54 10.46
CA ASN B 66 11.73 7.95 11.15
C ASN B 66 12.80 9.02 11.30
N ASP B 67 14.01 8.59 11.62
CA ASP B 67 15.20 9.42 11.52
C ASP B 67 16.29 8.82 10.67
N GLU B 68 16.23 7.50 10.44
CA GLU B 68 17.17 6.89 9.51
C GLU B 68 16.63 6.92 8.09
N PHE B 69 15.32 6.82 7.93
CA PHE B 69 14.73 6.95 6.61
C PHE B 69 15.00 8.33 6.02
N LEU B 70 14.70 9.38 6.79
CA LEU B 70 14.91 10.73 6.30
C LEU B 70 16.39 11.03 6.07
N ALA B 71 17.25 10.57 6.98
CA ALA B 71 18.67 10.78 6.80
C ALA B 71 19.17 10.11 5.53
N ALA B 72 18.69 8.90 5.26
CA ALA B 72 19.11 8.21 4.04
C ALA B 72 18.63 8.94 2.80
N ILE B 73 17.40 9.45 2.82
CA ILE B 73 16.89 10.17 1.67
C ILE B 73 17.72 11.41 1.41
N ALA B 74 18.01 12.17 2.45
CA ALA B 74 18.79 13.39 2.29
C ALA B 74 20.19 13.08 1.81
N HIS B 75 20.80 12.01 2.34
CA HIS B 75 22.13 11.63 1.90
C HIS B 75 22.14 11.27 0.43
N TRP B 76 21.13 10.51 -0.01
CA TRP B 76 21.04 10.15 -1.42
C TRP B 76 20.95 11.39 -2.30
N PHE B 77 20.05 12.31 -1.97
CA PHE B 77 19.94 13.52 -2.78
C PHE B 77 21.24 14.31 -2.80
N SER B 78 21.86 14.49 -1.64
CA SER B 78 23.05 15.34 -1.60
C SER B 78 24.20 14.73 -2.38
N THR B 79 24.44 13.43 -2.24
CA THR B 79 25.61 12.85 -2.88
C THR B 79 25.36 12.34 -4.28
N GLN B 80 24.12 12.25 -4.74
CA GLN B 80 23.87 11.77 -6.08
C GLN B 80 23.26 12.81 -7.00
N HIS B 81 22.68 13.87 -6.47
CA HIS B 81 22.11 14.89 -7.34
C HIS B 81 22.49 16.28 -6.87
N TYR B 82 23.38 16.40 -5.90
CA TYR B 82 23.88 17.69 -5.43
C TYR B 82 22.75 18.64 -5.11
N THR B 83 21.65 18.11 -4.60
CA THR B 83 20.53 18.90 -4.15
C THR B 83 20.31 18.66 -2.67
N ALA B 84 20.07 19.73 -1.95
CA ALA B 84 19.78 19.65 -0.53
C ALA B 84 18.27 19.77 -0.32
N ILE B 85 17.77 19.05 0.67
CA ILE B 85 16.34 19.00 0.93
C ILE B 85 16.10 19.25 2.41
N ASP B 86 14.97 19.86 2.71
CA ASP B 86 14.52 19.97 4.10
C ASP B 86 13.83 18.67 4.44
N SER B 87 14.53 17.79 5.16
CA SER B 87 14.04 16.44 5.37
C SER B 87 12.76 16.40 6.20
N GLN B 88 12.33 17.53 6.76
CA GLN B 88 11.05 17.57 7.44
C GLN B 88 9.90 17.83 6.49
N THR B 89 10.16 17.85 5.18
CA THR B 89 9.12 17.97 4.18
C THR B 89 8.92 16.67 3.42
N VAL B 90 9.69 15.64 3.71
CA VAL B 90 9.52 14.35 3.04
C VAL B 90 8.28 13.68 3.56
N VAL B 91 7.46 13.16 2.65
CA VAL B 91 6.26 12.41 2.98
C VAL B 91 6.35 11.05 2.32
N TYR B 92 5.55 10.12 2.83
CA TYR B 92 5.52 8.75 2.37
C TYR B 92 4.22 8.47 1.62
N GLY B 93 4.26 7.47 0.76
CA GLY B 93 3.09 7.02 0.06
C GLY B 93 3.26 5.59 -0.38
N PRO B 94 2.15 4.89 -0.62
CA PRO B 94 2.27 3.49 -1.05
C PRO B 94 2.91 3.35 -2.41
N SER B 95 2.59 4.26 -3.34
CA SER B 95 3.13 4.21 -4.69
C SER B 95 3.20 5.63 -5.22
N VAL B 96 4.01 5.80 -6.26
CA VAL B 96 4.15 7.12 -6.88
C VAL B 96 2.82 7.57 -7.47
N ILE B 97 2.12 6.66 -8.14
CA ILE B 97 0.89 7.04 -8.81
C ILE B 97 -0.19 7.39 -7.81
N TYR B 98 -0.17 6.73 -6.63
CA TYR B 98 -1.14 7.12 -5.62
C TYR B 98 -0.95 8.56 -5.19
N MET B 99 0.31 8.96 -4.99
CA MET B 99 0.58 10.34 -4.59
C MET B 99 0.20 11.30 -5.71
N VAL B 100 0.48 10.93 -6.96
CA VAL B 100 0.07 11.76 -8.08
C VAL B 100 -1.44 11.98 -8.05
N SER B 101 -2.19 10.90 -7.85
CA SER B 101 -3.65 10.99 -7.88
C SER B 101 -4.18 11.80 -6.70
N GLU B 102 -3.58 11.62 -5.52
CA GLU B 102 -4.01 12.39 -4.37
C GLU B 102 -3.77 13.88 -4.59
N LEU B 103 -2.60 14.23 -5.11
CA LEU B 103 -2.33 15.63 -5.38
C LEU B 103 -3.24 16.18 -6.47
N ILE B 104 -3.60 15.37 -7.46
CA ILE B 104 -4.54 15.84 -8.47
C ILE B 104 -5.90 16.10 -7.84
N ARG B 105 -6.33 15.22 -6.95
CA ARG B 105 -7.58 15.44 -6.24
C ARG B 105 -7.52 16.67 -5.36
N GLN B 106 -6.32 17.07 -4.96
CA GLN B 106 -6.17 18.19 -4.04
C GLN B 106 -6.01 19.53 -4.75
N TRP B 107 -5.23 19.59 -5.82
CA TRP B 107 -4.87 20.84 -6.46
C TRP B 107 -5.70 21.13 -7.70
N SER B 108 -6.93 20.63 -7.77
CA SER B 108 -7.81 20.91 -8.90
C SER B 108 -9.18 20.35 -8.59
N GLU B 109 -10.17 20.82 -9.33
CA GLU B 109 -11.52 20.31 -9.21
C GLU B 109 -11.78 19.26 -10.30
N THR B 110 -13.02 18.83 -10.40
CA THR B 110 -13.43 17.93 -11.46
C THR B 110 -13.65 18.72 -12.75
N GLY B 111 -13.15 18.19 -13.85
CA GLY B 111 -13.32 18.83 -15.13
C GLY B 111 -12.22 19.77 -15.53
N GLU B 112 -11.26 20.03 -14.65
CA GLU B 112 -10.13 20.89 -14.99
C GLU B 112 -9.01 20.04 -15.57
N GLY B 113 -7.90 20.67 -15.93
CA GLY B 113 -6.93 20.00 -16.78
C GLY B 113 -5.59 19.69 -16.14
N VAL B 114 -4.85 18.78 -16.76
CA VAL B 114 -3.56 18.35 -16.29
C VAL B 114 -2.65 18.21 -17.49
N VAL B 115 -1.68 19.11 -17.64
CA VAL B 115 -0.79 19.05 -18.78
C VAL B 115 0.17 17.88 -18.62
N ILE B 116 0.37 17.13 -19.69
CA ILE B 116 1.43 16.13 -19.75
C ILE B 116 2.08 16.20 -21.12
N HIS B 117 3.27 15.64 -21.21
CA HIS B 117 4.03 15.57 -22.45
C HIS B 117 3.84 14.20 -23.07
N THR B 118 3.41 14.18 -24.26
CA THR B 118 3.18 12.88 -24.89
C THR B 118 4.30 12.55 -25.85
N PRO B 119 4.61 11.28 -26.07
CA PRO B 119 4.03 10.06 -25.52
C PRO B 119 4.24 9.89 -24.02
N ALA B 120 3.16 9.88 -23.26
CA ALA B 120 3.25 9.83 -21.81
C ALA B 120 3.21 8.40 -21.31
N TYR B 121 3.66 8.22 -20.08
CA TYR B 121 3.51 6.95 -19.40
C TYR B 121 2.05 6.57 -19.32
N ASP B 122 1.77 5.28 -19.38
CA ASP B 122 0.40 4.82 -19.51
C ASP B 122 -0.44 5.25 -18.32
N ALA B 123 0.03 4.93 -17.11
CA ALA B 123 -0.78 5.14 -15.91
C ALA B 123 -1.13 6.59 -15.68
N PHE B 124 -0.48 7.53 -16.35
CA PHE B 124 -0.84 8.93 -16.14
C PHE B 124 -2.23 9.21 -16.66
N TYR B 125 -2.58 8.64 -17.82
CA TYR B 125 -3.93 8.81 -18.32
C TYR B 125 -4.95 8.21 -17.36
N LYS B 126 -4.65 7.02 -16.84
CA LYS B 126 -5.56 6.37 -15.90
C LYS B 126 -5.78 7.24 -14.67
N ALA B 127 -4.69 7.73 -14.09
CA ALA B 127 -4.80 8.53 -12.88
C ALA B 127 -5.53 9.84 -13.15
N ILE B 128 -5.33 10.43 -14.32
CA ILE B 128 -5.91 11.74 -14.58
C ILE B 128 -7.39 11.62 -14.89
N GLU B 129 -7.77 10.67 -15.72
CA GLU B 129 -9.17 10.56 -16.11
C GLU B 129 -10.00 9.80 -15.09
N GLY B 130 -9.38 8.88 -14.34
CA GLY B 130 -10.08 8.22 -13.27
C GLY B 130 -10.65 9.19 -12.25
N ASN B 131 -9.98 10.32 -12.06
CA ASN B 131 -10.50 11.37 -11.20
C ASN B 131 -11.37 12.35 -11.96
N GLN B 132 -11.66 12.07 -13.22
CA GLN B 132 -12.49 12.95 -14.05
C GLN B 132 -11.85 14.33 -14.20
N ARG B 133 -10.56 14.33 -14.51
CA ARG B 133 -9.84 15.52 -14.89
C ARG B 133 -9.36 15.34 -16.32
N THR B 134 -9.52 16.36 -17.15
CA THR B 134 -9.21 16.21 -18.57
C THR B 134 -7.72 16.35 -18.82
N VAL B 135 -7.21 15.49 -19.68
CA VAL B 135 -5.81 15.54 -20.09
C VAL B 135 -5.66 16.61 -21.16
N MET B 136 -4.58 17.38 -21.07
CA MET B 136 -4.27 18.43 -22.04
C MET B 136 -2.84 18.18 -22.52
N PRO B 137 -2.67 17.48 -23.63
CA PRO B 137 -1.35 16.98 -24.00
C PRO B 137 -0.55 17.97 -24.82
N VAL B 138 0.77 17.82 -24.71
CA VAL B 138 1.74 18.61 -25.46
C VAL B 138 2.77 17.65 -26.01
N ALA B 139 2.89 17.59 -27.33
CA ALA B 139 3.67 16.55 -27.97
C ALA B 139 5.12 16.97 -28.08
N LEU B 140 6.03 16.14 -27.57
CA LEU B 140 7.43 16.32 -27.88
C LEU B 140 7.64 16.09 -29.36
N GLU B 141 8.65 16.76 -29.91
CA GLU B 141 8.97 16.63 -31.34
C GLU B 141 10.37 16.08 -31.47
N LYS B 142 10.49 14.90 -32.06
CA LYS B 142 11.81 14.36 -32.33
C LYS B 142 12.45 15.13 -33.47
N GLN B 143 13.73 15.43 -33.33
CA GLN B 143 14.48 16.03 -34.41
C GLN B 143 15.93 15.59 -34.29
N ALA B 144 16.82 16.33 -34.94
CA ALA B 144 18.21 15.97 -35.17
C ALA B 144 18.87 15.25 -33.99
N ASP B 145 18.66 15.75 -32.79
CA ASP B 145 19.31 15.18 -31.60
C ASP B 145 18.33 15.18 -30.43
N GLY B 146 17.62 14.07 -30.26
CA GLY B 146 16.73 13.96 -29.14
C GLY B 146 15.42 14.70 -29.37
N TRP B 147 14.66 14.81 -28.30
CA TRP B 147 13.32 15.35 -28.35
C TRP B 147 13.28 16.74 -27.72
N PHE B 148 12.42 17.59 -28.24
CA PHE B 148 12.40 18.99 -27.83
C PHE B 148 10.97 19.45 -27.62
N CYS B 149 10.65 19.78 -26.38
CA CYS B 149 9.39 20.46 -26.12
C CYS B 149 9.43 21.85 -26.72
N ASP B 150 8.35 22.25 -27.36
CA ASP B 150 8.24 23.59 -27.93
C ASP B 150 7.54 24.50 -26.93
N MET B 151 8.27 25.44 -26.36
CA MET B 151 7.73 26.24 -25.28
C MET B 151 6.60 27.15 -25.74
N GLY B 152 6.50 27.42 -27.05
CA GLY B 152 5.38 28.20 -27.53
C GLY B 152 4.06 27.48 -27.31
N LYS B 153 3.97 26.23 -27.76
CA LYS B 153 2.75 25.47 -27.59
C LYS B 153 2.49 25.18 -26.12
N LEU B 154 3.54 24.88 -25.37
CA LEU B 154 3.37 24.65 -23.95
C LEU B 154 2.77 25.86 -23.27
N GLU B 155 3.30 27.05 -23.56
CA GLU B 155 2.76 28.26 -22.96
C GLU B 155 1.32 28.51 -23.41
N ALA B 156 1.04 28.23 -24.69
CA ALA B 156 -0.33 28.38 -25.17
C ALA B 156 -1.28 27.48 -24.39
N VAL B 157 -0.85 26.28 -24.04
CA VAL B 157 -1.69 25.39 -23.26
C VAL B 157 -1.85 25.91 -21.84
N LEU B 158 -0.74 26.27 -21.20
CA LEU B 158 -0.79 26.72 -19.82
C LEU B 158 -1.68 27.94 -19.64
N ALA B 159 -1.79 28.77 -20.68
CA ALA B 159 -2.57 29.99 -20.57
C ALA B 159 -4.05 29.69 -20.37
N LYS B 160 -4.49 28.48 -20.67
CA LYS B 160 -5.90 28.15 -20.54
C LYS B 160 -6.37 28.38 -19.12
N PRO B 161 -7.58 28.89 -18.92
CA PRO B 161 -8.09 29.08 -17.56
C PRO B 161 -8.42 27.77 -16.85
N GLU B 162 -8.38 26.64 -17.53
CA GLU B 162 -8.69 25.36 -16.91
C GLU B 162 -7.45 24.61 -16.47
N CYS B 163 -6.34 24.74 -17.19
CA CYS B 163 -5.12 24.05 -16.82
C CYS B 163 -4.64 24.50 -15.45
N LYS B 164 -4.60 23.58 -14.49
CA LYS B 164 -4.18 23.89 -13.13
C LYS B 164 -2.94 23.16 -12.69
N ILE B 165 -2.67 21.98 -13.22
CA ILE B 165 -1.54 21.17 -12.79
C ILE B 165 -0.70 20.84 -14.00
N MET B 166 0.61 20.71 -13.80
CA MET B 166 1.49 20.20 -14.82
C MET B 166 2.18 18.96 -14.28
N LEU B 167 1.96 17.83 -14.91
CA LEU B 167 2.54 16.57 -14.47
C LEU B 167 3.80 16.32 -15.28
N LEU B 168 4.92 16.77 -14.74
CA LEU B 168 6.20 16.70 -15.44
C LEU B 168 6.90 15.39 -15.11
N CYS B 169 7.18 14.60 -16.12
CA CYS B 169 7.96 13.38 -15.94
C CYS B 169 9.41 13.69 -16.28
N SER B 170 10.28 13.57 -15.30
CA SER B 170 11.68 13.95 -15.52
C SER B 170 12.61 12.99 -14.82
N PRO B 171 13.39 12.18 -15.55
CA PRO B 171 13.51 12.06 -17.01
C PRO B 171 12.24 11.55 -17.67
N GLN B 172 11.97 12.01 -18.89
CA GLN B 172 10.72 11.68 -19.55
C GLN B 172 10.64 10.19 -19.85
N ASN B 173 9.41 9.72 -20.05
CA ASN B 173 9.14 8.34 -20.36
C ASN B 173 8.13 8.32 -21.48
N PRO B 174 8.35 7.52 -22.53
CA PRO B 174 9.44 6.59 -22.74
C PRO B 174 10.61 7.13 -23.56
N THR B 175 10.53 8.39 -23.97
CA THR B 175 11.56 8.95 -24.84
C THR B 175 12.92 8.97 -24.15
N GLY B 176 12.94 9.10 -22.83
CA GLY B 176 14.19 9.15 -22.13
C GLY B 176 14.85 10.50 -22.11
N LYS B 177 14.11 11.56 -22.41
CA LYS B 177 14.68 12.90 -22.50
C LYS B 177 14.95 13.45 -21.10
N VAL B 178 16.16 13.94 -20.89
CA VAL B 178 16.54 14.61 -19.66
C VAL B 178 16.47 16.11 -19.89
N TRP B 179 15.67 16.80 -19.10
CA TRP B 179 15.49 18.23 -19.29
C TRP B 179 16.74 18.99 -18.90
N THR B 180 17.09 20.00 -19.68
CA THR B 180 18.22 20.85 -19.39
C THR B 180 17.84 21.96 -18.43
N CYS B 181 18.85 22.58 -17.83
CA CYS B 181 18.61 23.67 -16.89
C CYS B 181 17.73 24.75 -17.51
N ASP B 182 18.02 25.13 -18.75
CA ASP B 182 17.26 26.19 -19.39
C ASP B 182 15.80 25.81 -19.56
N GLU B 183 15.55 24.58 -20.01
CA GLU B 183 14.19 24.11 -20.15
C GLU B 183 13.46 24.19 -18.83
N LEU B 184 14.10 23.75 -17.74
CA LEU B 184 13.46 23.78 -16.44
C LEU B 184 13.19 25.20 -15.99
N GLU B 185 14.14 26.10 -16.19
CA GLU B 185 13.93 27.51 -15.88
C GLU B 185 12.68 28.03 -16.55
N ILE B 186 12.59 27.85 -17.86
CA ILE B 186 11.50 28.44 -18.61
C ILE B 186 10.17 27.80 -18.22
N MET B 187 10.17 26.48 -18.01
CA MET B 187 8.94 25.83 -17.61
C MET B 187 8.46 26.34 -16.26
N ALA B 188 9.38 26.48 -15.31
CA ALA B 188 8.99 26.95 -13.98
C ALA B 188 8.47 28.37 -14.03
N ASP B 189 9.11 29.24 -14.81
CA ASP B 189 8.62 30.61 -14.91
C ASP B 189 7.25 30.66 -15.55
N LEU B 190 7.05 29.91 -16.63
CA LEU B 190 5.74 29.89 -17.28
C LEU B 190 4.66 29.38 -16.34
N CYS B 191 4.95 28.29 -15.61
CA CYS B 191 3.96 27.75 -14.69
C CYS B 191 3.62 28.74 -13.60
N GLU B 192 4.63 29.38 -13.02
CA GLU B 192 4.36 30.33 -11.96
C GLU B 192 3.55 31.51 -12.48
N ARG B 193 3.83 31.96 -13.71
CA ARG B 193 3.12 33.12 -14.22
C ARG B 193 1.64 32.84 -14.41
N HIS B 194 1.30 31.64 -14.85
CA HIS B 194 -0.08 31.31 -15.20
C HIS B 194 -0.80 30.54 -14.11
N GLY B 195 -0.26 30.51 -12.90
CA GLY B 195 -0.96 29.92 -11.77
C GLY B 195 -1.18 28.43 -11.89
N VAL B 196 -0.15 27.71 -12.30
CA VAL B 196 -0.21 26.27 -12.48
C VAL B 196 0.78 25.64 -11.52
N ARG B 197 0.31 24.72 -10.68
CA ARG B 197 1.20 24.01 -9.79
C ARG B 197 1.82 22.84 -10.54
N VAL B 198 2.97 22.38 -10.06
CA VAL B 198 3.75 21.38 -10.78
C VAL B 198 3.93 20.16 -9.91
N ILE B 199 3.78 18.97 -10.52
CA ILE B 199 4.07 17.70 -9.89
C ILE B 199 5.16 17.04 -10.69
N SER B 200 6.31 16.83 -10.08
CA SER B 200 7.46 16.31 -10.80
C SER B 200 7.66 14.84 -10.42
N ASP B 201 7.32 13.95 -11.33
CA ASP B 201 7.57 12.52 -11.19
C ASP B 201 9.00 12.24 -11.62
N GLU B 202 9.83 11.77 -10.70
CA GLU B 202 11.25 11.65 -10.96
C GLU B 202 11.76 10.25 -10.66
N ILE B 203 10.95 9.24 -10.95
CA ILE B 203 11.30 7.89 -10.56
C ILE B 203 12.44 7.31 -11.38
N HIS B 204 12.84 7.95 -12.47
CA HIS B 204 13.95 7.50 -13.29
C HIS B 204 15.21 8.29 -13.05
N MET B 205 15.27 9.07 -11.98
CA MET B 205 16.34 10.05 -11.79
C MET B 205 17.72 9.43 -11.80
N ASP B 206 17.85 8.14 -11.58
CA ASP B 206 19.17 7.57 -11.39
C ASP B 206 19.77 6.99 -12.67
N MET B 207 18.96 6.73 -13.68
CA MET B 207 19.43 6.07 -14.89
C MET B 207 19.67 7.09 -15.99
N VAL B 208 20.70 7.92 -15.81
CA VAL B 208 21.02 8.97 -16.77
C VAL B 208 22.34 8.62 -17.44
N TRP B 209 22.35 8.66 -18.77
CA TRP B 209 23.53 8.31 -19.55
C TRP B 209 24.24 9.50 -20.16
N GLY B 210 23.52 10.57 -20.47
CA GLY B 210 24.13 11.74 -21.08
C GLY B 210 25.24 12.32 -20.22
N GLU B 211 25.99 13.22 -20.83
CA GLU B 211 27.06 13.90 -20.11
C GLU B 211 26.54 15.02 -19.23
N GLN B 212 25.32 15.49 -19.51
CA GLN B 212 24.68 16.53 -18.68
C GLN B 212 23.89 15.86 -17.55
N PRO B 213 24.11 16.22 -16.28
CA PRO B 213 23.38 15.62 -15.15
C PRO B 213 21.90 15.99 -15.12
N HIS B 214 21.04 15.06 -14.69
CA HIS B 214 19.59 15.38 -14.53
C HIS B 214 19.43 16.44 -13.44
N ILE B 215 18.49 17.37 -13.60
CA ILE B 215 18.34 18.48 -12.61
C ILE B 215 17.01 18.32 -11.88
N PRO B 216 17.01 18.33 -10.54
CA PRO B 216 15.78 18.17 -9.75
C PRO B 216 14.79 19.33 -9.85
N TRP B 217 13.49 19.02 -9.73
CA TRP B 217 12.42 20.05 -9.79
C TRP B 217 12.59 21.05 -8.65
N SER B 218 13.03 20.59 -7.48
CA SER B 218 13.07 21.46 -6.28
C SER B 218 13.98 22.68 -6.54
N ASN B 219 15.08 22.50 -7.25
CA ASN B 219 16.01 23.64 -7.44
C ASN B 219 15.26 24.74 -8.19
N VAL B 220 14.46 24.39 -9.20
CA VAL B 220 13.64 25.40 -9.94
C VAL B 220 12.23 25.52 -9.31
N ALA B 221 11.93 24.76 -8.26
CA ALA B 221 10.56 24.74 -7.68
C ALA B 221 10.15 26.09 -7.07
N ARG B 222 8.88 26.47 -7.24
CA ARG B 222 8.35 27.72 -6.61
C ARG B 222 6.97 27.44 -5.96
N GLY B 223 6.60 28.19 -4.92
CA GLY B 223 5.27 28.05 -4.30
C GLY B 223 4.88 26.60 -4.02
N ASP B 224 3.62 26.23 -4.31
CA ASP B 224 3.23 24.84 -4.13
C ASP B 224 3.81 23.98 -5.24
N TRP B 225 4.36 22.85 -4.88
CA TRP B 225 4.94 21.94 -5.86
C TRP B 225 5.09 20.59 -5.18
N ALA B 226 5.61 19.62 -5.93
CA ALA B 226 5.83 18.30 -5.37
C ALA B 226 6.82 17.55 -6.23
N LEU B 227 7.67 16.77 -5.57
CA LEU B 227 8.67 15.95 -6.22
C LEU B 227 8.54 14.54 -5.70
N LEU B 228 8.05 13.63 -6.53
CA LEU B 228 7.74 12.27 -6.12
C LEU B 228 8.74 11.30 -6.73
N THR B 229 9.15 10.32 -5.97
CA THR B 229 10.09 9.35 -6.50
C THR B 229 10.13 8.12 -5.60
N SER B 230 11.03 7.21 -5.92
CA SER B 230 11.16 5.92 -5.26
C SER B 230 12.44 5.29 -5.76
N GLY B 231 12.90 4.29 -5.05
CA GLY B 231 14.07 3.54 -5.47
C GLY B 231 13.68 2.25 -6.13
N SER B 232 12.45 2.15 -6.59
CA SER B 232 11.95 0.90 -7.14
C SER B 232 12.56 0.62 -8.50
N LYS B 233 12.35 1.51 -9.47
CA LYS B 233 12.92 1.29 -10.79
C LYS B 233 14.43 1.27 -10.74
N SER B 234 15.03 2.08 -9.87
CA SER B 234 16.49 2.16 -9.85
C SER B 234 17.11 0.88 -9.33
N PHE B 235 16.51 0.27 -8.31
CA PHE B 235 17.07 -0.92 -7.70
C PHE B 235 16.24 -2.16 -7.96
N ASN B 236 15.18 -2.05 -8.76
CA ASN B 236 14.36 -3.19 -9.14
C ASN B 236 13.76 -3.86 -7.92
N ILE B 237 12.96 -3.09 -7.18
CA ILE B 237 12.23 -3.62 -6.05
C ILE B 237 10.80 -3.12 -6.01
N PRO B 238 10.04 -3.13 -7.12
CA PRO B 238 8.65 -2.67 -7.03
C PRO B 238 7.75 -3.61 -6.25
N ALA B 239 8.20 -4.81 -5.96
CA ALA B 239 7.41 -5.77 -5.19
C ALA B 239 7.45 -5.50 -3.70
N LEU B 240 7.98 -4.35 -3.30
CA LEU B 240 8.09 -3.92 -1.92
C LEU B 240 7.47 -2.55 -1.79
N THR B 241 6.23 -2.43 -2.24
CA THR B 241 5.56 -1.16 -2.50
C THR B 241 5.95 -0.06 -1.52
N GLY B 242 6.38 1.08 -2.04
CA GLY B 242 6.73 2.21 -1.21
C GLY B 242 7.34 3.32 -2.03
N ALA B 243 6.93 4.55 -1.76
CA ALA B 243 7.44 5.70 -2.47
C ALA B 243 7.51 6.87 -1.52
N TYR B 244 8.31 7.86 -1.86
CA TYR B 244 8.38 9.06 -1.04
C TYR B 244 8.30 10.27 -1.94
N GLY B 245 8.15 11.42 -1.30
CA GLY B 245 8.01 12.64 -2.07
C GLY B 245 8.29 13.82 -1.18
N ILE B 246 8.31 14.98 -1.82
CA ILE B 246 8.54 16.25 -1.15
C ILE B 246 7.44 17.19 -1.59
N ILE B 247 6.61 17.61 -0.65
CA ILE B 247 5.52 18.52 -0.93
C ILE B 247 5.80 19.82 -0.18
N GLU B 248 5.51 20.95 -0.81
CA GLU B 248 5.80 22.21 -0.18
C GLU B 248 4.53 23.00 0.05
N ASN B 249 4.68 24.16 0.68
CA ASN B 249 3.55 24.88 1.24
C ASN B 249 2.89 24.02 2.28
N SER B 250 3.52 23.89 3.45
CA SER B 250 3.19 22.92 4.49
C SER B 250 1.69 22.71 4.70
N SER B 251 0.87 23.68 4.33
CA SER B 251 -0.56 23.43 4.28
C SER B 251 -0.90 22.27 3.35
N SER B 252 -0.26 22.22 2.18
CA SER B 252 -0.53 21.14 1.24
C SER B 252 0.05 19.82 1.75
N ARG B 253 1.25 19.86 2.30
CA ARG B 253 1.81 18.67 2.91
C ARG B 253 0.89 18.12 3.99
N ASP B 254 0.28 19.01 4.77
CA ASP B 254 -0.58 18.56 5.86
C ASP B 254 -1.90 18.02 5.33
N ALA B 255 -2.46 18.66 4.30
CA ALA B 255 -3.67 18.13 3.68
C ALA B 255 -3.42 16.73 3.13
N TYR B 256 -2.28 16.54 2.48
CA TYR B 256 -1.96 15.23 1.95
C TYR B 256 -1.81 14.22 3.06
N LEU B 257 -1.07 14.57 4.12
CA LEU B 257 -0.87 13.62 5.22
C LEU B 257 -2.19 13.25 5.86
N SER B 258 -3.10 14.22 5.99
CA SER B 258 -4.41 13.93 6.54
C SER B 258 -5.16 12.95 5.65
N ALA B 259 -5.13 13.17 4.34
CA ALA B 259 -5.82 12.25 3.44
C ALA B 259 -5.20 10.86 3.47
N LEU B 260 -3.89 10.79 3.63
CA LEU B 260 -3.22 9.49 3.59
C LEU B 260 -3.50 8.70 4.85
N LYS B 261 -3.45 9.34 6.01
CA LYS B 261 -3.64 8.61 7.25
C LYS B 261 -5.11 8.50 7.62
N GLY B 262 -5.84 9.59 7.55
CA GLY B 262 -7.22 9.59 8.00
C GLY B 262 -8.19 8.97 7.02
N ARG B 263 -8.32 9.57 5.84
CA ARG B 263 -9.41 9.19 4.94
C ARG B 263 -9.18 7.81 4.34
N ASP B 264 -7.95 7.48 3.97
CA ASP B 264 -7.68 6.24 3.26
C ASP B 264 -6.94 5.20 4.07
N GLY B 265 -6.55 5.51 5.30
CA GLY B 265 -5.93 4.51 6.17
C GLY B 265 -4.74 3.79 5.57
N LEU B 266 -3.86 4.50 4.88
CA LEU B 266 -2.68 3.90 4.27
C LEU B 266 -1.39 4.29 4.97
N SER B 267 -1.49 4.86 6.17
CA SER B 267 -0.31 5.46 6.80
C SER B 267 0.67 4.43 7.30
N SER B 268 0.21 3.25 7.65
CA SER B 268 1.13 2.25 8.14
C SER B 268 2.03 1.81 7.01
N PRO B 269 3.34 2.05 7.07
CA PRO B 269 4.20 1.71 5.95
C PRO B 269 4.56 0.24 5.95
N SER B 270 5.24 -0.17 4.90
CA SER B 270 5.80 -1.50 4.82
C SER B 270 7.22 -1.44 5.37
N VAL B 271 7.41 -1.96 6.59
CA VAL B 271 8.71 -1.86 7.24
C VAL B 271 9.82 -2.40 6.36
N LEU B 272 9.52 -3.39 5.52
CA LEU B 272 10.56 -3.93 4.66
C LEU B 272 10.88 -3.00 3.51
N ALA B 273 9.91 -2.22 3.03
CA ALA B 273 10.23 -1.21 2.04
C ALA B 273 11.16 -0.16 2.60
N LEU B 274 10.93 0.28 3.84
CA LEU B 274 11.82 1.24 4.44
C LEU B 274 13.21 0.65 4.66
N THR B 275 13.27 -0.59 5.13
CA THR B 275 14.57 -1.23 5.27
C THR B 275 15.31 -1.28 3.94
N ALA B 276 14.60 -1.62 2.87
CA ALA B 276 15.22 -1.70 1.55
C ALA B 276 15.72 -0.34 1.11
N HIS B 277 14.90 0.70 1.29
CA HIS B 277 15.32 2.02 0.83
C HIS B 277 16.51 2.53 1.62
N ILE B 278 16.52 2.31 2.93
CA ILE B 278 17.65 2.75 3.74
C ILE B 278 18.92 2.05 3.29
N ALA B 279 18.88 0.72 3.21
CA ALA B 279 20.09 0.00 2.81
C ALA B 279 20.54 0.40 1.43
N ALA B 280 19.59 0.56 0.50
CA ALA B 280 19.94 0.94 -0.86
C ALA B 280 20.63 2.30 -0.89
N TYR B 281 20.04 3.29 -0.24
CA TYR B 281 20.57 4.64 -0.32
C TYR B 281 21.87 4.80 0.44
N GLN B 282 22.08 4.03 1.50
CA GLN B 282 23.30 4.17 2.26
C GLN B 282 24.45 3.31 1.76
N GLN B 283 24.16 2.18 1.09
CA GLN B 283 25.22 1.28 0.68
C GLN B 283 25.12 0.76 -0.75
N GLY B 284 24.13 1.19 -1.52
CA GLY B 284 23.92 0.61 -2.82
C GLY B 284 24.52 1.37 -3.98
N ALA B 285 25.53 2.19 -3.73
CA ALA B 285 26.11 2.99 -4.79
C ALA B 285 27.05 2.19 -5.70
N PRO B 286 27.92 1.34 -5.17
CA PRO B 286 28.74 0.53 -6.09
C PRO B 286 27.91 -0.37 -6.99
N TRP B 287 26.92 -1.06 -6.43
CA TRP B 287 26.02 -1.87 -7.24
C TRP B 287 25.36 -1.04 -8.32
N LEU B 288 24.87 0.15 -7.97
CA LEU B 288 24.17 0.97 -8.94
C LEU B 288 25.10 1.45 -10.04
N ASP B 289 26.35 1.75 -9.70
CA ASP B 289 27.27 2.19 -10.74
C ASP B 289 27.61 1.07 -11.70
N ALA B 290 27.86 -0.12 -11.17
CA ALA B 290 28.08 -1.27 -12.05
C ALA B 290 26.88 -1.50 -12.97
N LEU B 291 25.68 -1.42 -12.41
CA LEU B 291 24.48 -1.61 -13.22
C LEU B 291 24.35 -0.53 -14.28
N ARG B 292 24.69 0.71 -13.95
CA ARG B 292 24.64 1.78 -14.94
C ARG B 292 25.54 1.47 -16.11
N ILE B 293 26.76 1.04 -15.83
CA ILE B 293 27.68 0.68 -16.91
C ILE B 293 27.07 -0.41 -17.78
N TYR B 294 26.53 -1.45 -17.16
CA TYR B 294 26.00 -2.57 -17.93
C TYR B 294 24.83 -2.14 -18.81
N LEU B 295 23.92 -1.32 -18.26
CA LEU B 295 22.76 -0.92 -19.04
C LEU B 295 23.16 -0.04 -20.21
N LYS B 296 24.15 0.83 -20.01
CA LYS B 296 24.59 1.64 -21.15
C LYS B 296 25.23 0.77 -22.21
N ASP B 297 25.97 -0.26 -21.79
CA ASP B 297 26.53 -1.17 -22.79
C ASP B 297 25.44 -1.88 -23.57
N ASN B 298 24.36 -2.28 -22.89
CA ASN B 298 23.27 -2.93 -23.60
C ASN B 298 22.61 -2.00 -24.60
N LEU B 299 22.35 -0.75 -24.19
CA LEU B 299 21.74 0.19 -25.11
C LEU B 299 22.63 0.43 -26.32
N THR B 300 23.93 0.55 -26.10
CA THR B 300 24.80 0.81 -27.25
C THR B 300 24.93 -0.42 -28.14
N TYR B 301 24.81 -1.62 -27.57
CA TYR B 301 24.79 -2.81 -28.42
C TYR B 301 23.55 -2.83 -29.30
N ILE B 302 22.40 -2.52 -28.72
CA ILE B 302 21.18 -2.40 -29.52
C ILE B 302 21.40 -1.42 -30.66
N ALA B 303 21.94 -0.25 -30.34
CA ALA B 303 22.13 0.78 -31.36
C ALA B 303 23.06 0.30 -32.46
N ASP B 304 24.17 -0.34 -32.10
CA ASP B 304 25.08 -0.86 -33.11
C ASP B 304 24.38 -1.84 -34.03
N LYS B 305 23.75 -2.86 -33.45
CA LYS B 305 23.12 -3.90 -34.27
C LYS B 305 22.07 -3.30 -35.20
N MET B 306 21.16 -2.51 -34.65
CA MET B 306 20.09 -1.97 -35.48
C MET B 306 20.63 -1.05 -36.55
N ASN B 307 21.40 -0.04 -36.17
CA ASN B 307 21.91 0.90 -37.16
C ASN B 307 22.81 0.23 -38.18
N ALA B 308 23.35 -0.94 -37.88
CA ALA B 308 24.10 -1.69 -38.88
C ALA B 308 23.23 -2.55 -39.77
N ALA B 309 22.06 -2.95 -39.29
CA ALA B 309 21.19 -3.76 -40.12
C ALA B 309 20.38 -2.92 -41.10
N PHE B 310 20.04 -1.70 -40.75
CA PHE B 310 19.27 -0.81 -41.60
C PHE B 310 19.87 0.57 -41.57
N PRO B 311 20.82 0.86 -42.46
CA PRO B 311 21.60 2.10 -42.35
C PRO B 311 20.77 3.37 -42.37
N GLU B 312 19.47 3.30 -42.68
CA GLU B 312 18.65 4.50 -42.75
C GLU B 312 17.82 4.73 -41.50
N LEU B 313 18.18 4.08 -40.39
CA LEU B 313 17.50 4.37 -39.14
C LEU B 313 18.08 5.60 -38.46
N ASN B 314 19.39 5.59 -38.22
CA ASN B 314 20.07 6.63 -37.47
C ASN B 314 19.44 6.77 -36.08
N TRP B 315 19.56 5.71 -35.30
CA TRP B 315 19.03 5.67 -33.94
C TRP B 315 20.16 5.94 -32.97
N GLN B 316 19.96 6.91 -32.08
CA GLN B 316 20.91 7.24 -31.02
C GLN B 316 20.38 6.72 -29.70
N ILE B 317 21.27 6.20 -28.86
CA ILE B 317 20.78 5.67 -27.59
C ILE B 317 20.11 6.79 -26.82
N PRO B 318 19.08 6.50 -26.01
CA PRO B 318 18.35 7.57 -25.36
C PRO B 318 19.21 8.31 -24.35
N GLN B 319 18.70 9.45 -23.91
CA GLN B 319 19.46 10.22 -22.94
C GLN B 319 19.48 9.53 -21.58
N SER B 320 18.34 9.01 -21.12
CA SER B 320 18.31 8.37 -19.82
C SER B 320 17.10 7.45 -19.70
N THR B 321 17.32 6.16 -19.86
CA THR B 321 16.46 5.06 -19.40
C THR B 321 17.11 3.74 -19.76
N TYR B 322 16.44 2.64 -19.47
CA TYR B 322 16.83 1.34 -20.02
C TYR B 322 15.72 0.80 -20.92
N LEU B 323 14.89 1.68 -21.47
CA LEU B 323 13.83 1.30 -22.40
C LEU B 323 14.12 1.95 -23.75
N ALA B 324 14.48 1.15 -24.74
CA ALA B 324 14.73 1.68 -26.08
C ALA B 324 13.41 2.02 -26.75
N TRP B 325 13.24 3.28 -27.11
CA TRP B 325 12.04 3.74 -27.79
C TRP B 325 12.34 3.85 -29.29
N LEU B 326 12.40 2.68 -29.92
CA LEU B 326 12.91 2.58 -31.28
C LEU B 326 11.92 3.18 -32.28
N ASP B 327 12.45 3.99 -33.19
CA ASP B 327 11.68 4.63 -34.24
C ASP B 327 11.91 3.86 -35.53
N LEU B 328 10.85 3.21 -36.02
CA LEU B 328 10.94 2.41 -37.24
C LEU B 328 10.21 3.05 -38.40
N ARG B 329 9.75 4.29 -38.25
CA ARG B 329 9.07 4.95 -39.35
C ARG B 329 9.93 5.11 -40.61
N PRO B 330 11.25 5.29 -40.55
CA PRO B 330 12.01 5.40 -41.79
C PRO B 330 12.11 4.11 -42.58
N LEU B 331 11.37 3.08 -42.18
CA LEU B 331 11.34 1.82 -42.92
C LEU B 331 10.02 1.58 -43.64
N ASN B 332 9.03 2.47 -43.47
CA ASN B 332 7.78 2.41 -44.21
C ASN B 332 7.05 1.09 -44.00
N ILE B 333 7.21 0.49 -42.84
CA ILE B 333 6.64 -0.80 -42.55
C ILE B 333 5.37 -0.63 -41.73
N ASP B 334 4.45 -1.58 -41.86
CA ASP B 334 3.22 -1.57 -41.08
C ASP B 334 3.41 -2.33 -39.77
N ASP B 335 2.88 -1.77 -38.69
CA ASP B 335 3.18 -2.31 -37.37
C ASP B 335 2.40 -3.59 -37.07
N ASN B 336 1.17 -3.68 -37.54
CA ASN B 336 0.41 -4.91 -37.29
C ASN B 336 1.06 -6.11 -37.98
N ALA B 337 1.50 -5.93 -39.22
CA ALA B 337 2.25 -6.98 -39.89
C ALA B 337 3.49 -7.34 -39.10
N LEU B 338 4.21 -6.32 -38.61
CA LEU B 338 5.42 -6.57 -37.84
C LEU B 338 5.11 -7.33 -36.56
N GLN B 339 4.01 -6.99 -35.90
CA GLN B 339 3.65 -7.64 -34.65
C GLN B 339 3.27 -9.09 -34.88
N LYS B 340 2.52 -9.35 -35.94
CA LYS B 340 2.18 -10.73 -36.27
C LYS B 340 3.44 -11.53 -36.59
N ALA B 341 4.36 -10.94 -37.35
CA ALA B 341 5.60 -11.64 -37.67
C ALA B 341 6.41 -11.92 -36.41
N LEU B 342 6.43 -10.96 -35.49
CA LEU B 342 7.19 -11.14 -34.25
C LEU B 342 6.58 -12.24 -33.38
N ILE B 343 5.27 -12.23 -33.25
CA ILE B 343 4.59 -13.23 -32.43
C ILE B 343 4.79 -14.61 -33.02
N GLU B 344 4.47 -14.78 -34.29
CA GLU B 344 4.35 -16.11 -34.88
C GLU B 344 5.66 -16.61 -35.46
N GLN B 345 6.23 -15.88 -36.40
CA GLN B 345 7.44 -16.37 -37.06
C GLN B 345 8.64 -16.42 -36.13
N GLU B 346 8.63 -15.64 -35.05
CA GLU B 346 9.84 -15.47 -34.24
C GLU B 346 9.67 -15.81 -32.78
N LYS B 347 8.46 -15.69 -32.23
CA LYS B 347 8.21 -15.93 -30.81
C LYS B 347 9.02 -14.97 -29.94
N VAL B 348 8.74 -13.69 -30.11
CA VAL B 348 9.35 -12.62 -29.31
C VAL B 348 8.29 -11.56 -29.08
N ALA B 349 7.98 -11.29 -27.82
CA ALA B 349 6.97 -10.28 -27.48
C ALA B 349 7.66 -8.93 -27.26
N ILE B 350 7.29 -7.95 -28.07
CA ILE B 350 7.87 -6.61 -28.00
C ILE B 350 6.71 -5.62 -28.05
N MET B 351 6.58 -4.82 -27.02
CA MET B 351 5.43 -3.95 -26.87
C MET B 351 5.33 -3.00 -28.05
N PRO B 352 4.22 -3.01 -28.80
CA PRO B 352 4.11 -2.11 -29.94
C PRO B 352 3.98 -0.66 -29.49
N GLY B 353 4.03 0.23 -30.46
CA GLY B 353 4.06 1.65 -30.17
C GLY B 353 2.70 2.29 -30.11
N TYR B 354 1.75 1.79 -30.90
CA TYR B 354 0.43 2.41 -30.95
C TYR B 354 -0.31 2.33 -29.62
N THR B 355 0.17 1.52 -28.68
CA THR B 355 -0.44 1.50 -27.37
C THR B 355 -0.27 2.81 -26.63
N TYR B 356 0.74 3.60 -27.00
CA TYR B 356 0.89 4.95 -26.47
C TYR B 356 -0.01 5.94 -27.17
N GLY B 357 -0.95 5.47 -27.97
CA GLY B 357 -1.86 6.37 -28.66
C GLY B 357 -1.41 6.65 -30.06
N GLU B 358 -1.68 7.87 -30.54
CA GLU B 358 -1.35 8.18 -31.92
C GLU B 358 0.11 8.60 -32.08
N GLU B 359 0.70 9.20 -31.06
CA GLU B 359 2.09 9.59 -31.16
C GLU B 359 3.02 8.40 -31.22
N GLY B 360 2.54 7.21 -30.88
CA GLY B 360 3.40 6.05 -30.86
C GLY B 360 3.41 5.24 -32.13
N ARG B 361 2.65 5.67 -33.14
CA ARG B 361 2.60 4.92 -34.38
C ARG B 361 3.97 4.89 -35.04
N GLY B 362 4.47 3.69 -35.33
CA GLY B 362 5.74 3.52 -35.99
C GLY B 362 6.89 3.22 -35.08
N PHE B 363 6.68 3.19 -33.76
CA PHE B 363 7.72 2.91 -32.79
C PHE B 363 7.53 1.52 -32.20
N VAL B 364 8.56 1.06 -31.51
CA VAL B 364 8.43 -0.08 -30.60
C VAL B 364 9.18 0.27 -29.32
N ARG B 365 8.86 -0.43 -28.25
CA ARG B 365 9.43 -0.19 -26.94
C ARG B 365 10.11 -1.46 -26.48
N LEU B 366 11.42 -1.46 -26.47
CA LEU B 366 12.20 -2.66 -26.18
C LEU B 366 12.86 -2.51 -24.82
N ASN B 367 12.52 -3.41 -23.90
CA ASN B 367 13.08 -3.38 -22.55
C ASN B 367 14.50 -3.91 -22.61
N ALA B 368 15.47 -3.04 -22.34
CA ALA B 368 16.88 -3.43 -22.39
C ALA B 368 17.45 -3.74 -21.02
N GLY B 369 16.63 -3.80 -19.98
CA GLY B 369 17.14 -4.04 -18.65
C GLY B 369 17.24 -5.51 -18.32
N CYS B 370 17.95 -6.26 -19.15
CA CYS B 370 18.02 -7.70 -19.06
C CYS B 370 19.45 -8.14 -19.38
N PRO B 371 19.81 -9.37 -19.00
CA PRO B 371 21.14 -9.86 -19.38
C PRO B 371 21.31 -9.83 -20.88
N ARG B 372 22.56 -9.72 -21.32
CA ARG B 372 22.80 -9.59 -22.75
C ARG B 372 22.41 -10.85 -23.49
N SER B 373 22.46 -12.00 -22.83
CA SER B 373 22.02 -13.24 -23.47
C SER B 373 20.63 -13.10 -24.05
N LYS B 374 19.71 -12.54 -23.26
CA LYS B 374 18.35 -12.36 -23.71
C LYS B 374 18.23 -11.22 -24.71
N LEU B 375 19.04 -10.18 -24.55
CA LEU B 375 18.94 -9.05 -25.46
C LEU B 375 19.38 -9.43 -26.87
N GLU B 376 20.39 -10.29 -26.98
CA GLU B 376 20.82 -10.74 -28.29
C GLU B 376 19.68 -11.43 -29.01
N LYS B 377 18.98 -12.35 -28.33
CA LYS B 377 17.85 -13.02 -28.94
C LYS B 377 16.77 -12.02 -29.32
N GLY B 378 16.49 -11.07 -28.44
CA GLY B 378 15.43 -10.11 -28.74
C GLY B 378 15.73 -9.27 -29.96
N VAL B 379 16.95 -8.74 -30.04
CA VAL B 379 17.27 -7.86 -31.16
C VAL B 379 17.42 -8.67 -32.45
N ALA B 380 17.92 -9.90 -32.36
CA ALA B 380 17.95 -10.74 -33.55
C ALA B 380 16.55 -11.02 -34.05
N GLY B 381 15.63 -11.29 -33.12
CA GLY B 381 14.26 -11.51 -33.52
C GLY B 381 13.64 -10.30 -34.17
N LEU B 382 13.90 -9.11 -33.62
CA LEU B 382 13.34 -7.90 -34.21
C LEU B 382 13.89 -7.68 -35.60
N ILE B 383 15.20 -7.85 -35.78
CA ILE B 383 15.81 -7.66 -37.09
C ILE B 383 15.21 -8.64 -38.10
N ASN B 384 15.11 -9.91 -37.71
CA ASN B 384 14.56 -10.91 -38.62
C ASN B 384 13.12 -10.60 -38.96
N ALA B 385 12.31 -10.25 -37.97
CA ALA B 385 10.91 -9.98 -38.24
C ALA B 385 10.73 -8.74 -39.09
N ILE B 386 11.67 -7.80 -39.02
CA ILE B 386 11.60 -6.65 -39.92
C ILE B 386 11.92 -7.09 -41.34
N ARG B 387 13.04 -7.80 -41.50
CA ARG B 387 13.43 -8.24 -42.84
C ARG B 387 12.34 -9.07 -43.49
N ALA B 388 11.72 -9.97 -42.71
CA ALA B 388 10.73 -10.88 -43.24
C ALA B 388 9.41 -10.21 -43.57
N VAL B 389 9.27 -8.91 -43.29
CA VAL B 389 8.06 -8.18 -43.64
C VAL B 389 8.38 -6.90 -44.38
N ARG B 390 9.65 -6.61 -44.64
CA ARG B 390 10.08 -5.34 -45.21
C ARG B 390 9.37 -4.99 -46.50
N MET C 1 15.09 49.13 14.25
CA MET C 1 16.47 49.54 13.99
C MET C 1 17.32 48.30 13.72
N LEU C 2 18.49 48.50 13.15
CA LEU C 2 19.38 47.41 12.78
C LEU C 2 20.55 47.32 13.74
N ILE C 3 20.73 46.15 14.34
CA ILE C 3 21.84 45.92 15.26
C ILE C 3 23.14 46.04 14.49
N PRO C 4 23.98 47.02 14.79
CA PRO C 4 25.21 47.20 14.00
C PRO C 4 26.10 45.98 13.99
N SER C 5 26.09 45.19 15.06
CA SER C 5 26.95 44.01 15.13
C SER C 5 26.66 43.02 14.02
N LYS C 6 25.47 43.08 13.44
CA LYS C 6 25.13 42.14 12.38
C LYS C 6 25.58 42.61 11.01
N LEU C 7 25.92 43.89 10.86
CA LEU C 7 26.20 44.43 9.54
C LEU C 7 27.66 44.80 9.33
N SER C 8 28.55 44.34 10.20
CA SER C 8 29.95 44.74 10.13
C SER C 8 30.83 43.51 10.00
N ARG C 9 31.93 43.68 9.30
CA ARG C 9 32.87 42.59 9.12
C ARG C 9 33.63 42.32 10.41
N PRO C 10 33.65 41.08 10.90
CA PRO C 10 34.47 40.78 12.08
C PRO C 10 35.91 41.15 11.82
N VAL C 11 36.62 41.50 12.90
CA VAL C 11 38.04 41.93 12.79
C VAL C 11 38.84 41.22 13.88
N ARG C 12 39.73 41.94 14.56
CA ARG C 12 40.49 41.37 15.72
C ARG C 12 41.29 40.13 15.28
N LEU C 13 41.86 40.14 14.09
CA LEU C 13 42.74 39.00 13.73
C LEU C 13 44.12 39.30 14.30
N ASP C 14 44.25 39.32 15.64
CA ASP C 14 45.54 39.68 16.28
C ASP C 14 46.60 38.64 15.92
N HIS C 15 46.23 37.36 15.93
CA HIS C 15 47.18 36.28 15.56
C HIS C 15 46.49 35.33 14.58
N THR C 16 46.28 35.76 13.33
CA THR C 16 45.69 34.81 12.35
C THR C 16 46.69 34.51 11.25
N VAL C 17 46.96 33.22 11.02
CA VAL C 17 47.85 32.85 9.88
C VAL C 17 47.12 33.26 8.61
N VAL C 18 47.84 33.78 7.61
CA VAL C 18 47.16 34.10 6.33
C VAL C 18 47.75 33.19 5.25
N ARG C 19 46.90 32.47 4.51
CA ARG C 19 47.41 31.52 3.50
C ARG C 19 46.90 31.92 2.12
N GLU C 20 47.80 32.09 1.15
CA GLU C 20 47.37 32.38 -0.24
C GLU C 20 46.58 31.18 -0.76
N ARG C 21 47.03 29.97 -0.45
CA ARG C 21 46.36 28.74 -0.95
C ARG C 21 44.86 28.98 -1.08
N LEU C 22 44.27 29.74 -0.14
CA LEU C 22 42.84 29.99 -0.19
C LEU C 22 42.55 31.37 -0.74
N LEU C 23 43.38 32.35 -0.42
CA LEU C 23 43.19 33.68 -0.99
C LEU C 23 43.38 33.65 -2.50
N ALA C 24 44.35 32.88 -2.97
CA ALA C 24 44.50 32.71 -4.41
C ALA C 24 43.25 32.10 -5.02
N LYS C 25 42.70 31.07 -4.37
CA LYS C 25 41.48 30.47 -4.86
C LYS C 25 40.35 31.49 -4.95
N LEU C 26 40.24 32.36 -3.95
CA LEU C 26 39.22 33.39 -3.96
C LEU C 26 39.52 34.55 -4.90
N SER C 27 40.76 34.66 -5.38
CA SER C 27 41.13 35.82 -6.20
C SER C 27 40.22 36.01 -7.39
N GLY C 28 39.80 34.94 -8.06
CA GLY C 28 38.97 35.05 -9.25
C GLY C 28 37.48 35.08 -8.97
N ALA C 29 37.06 35.45 -7.77
CA ALA C 29 35.67 35.28 -7.38
C ALA C 29 34.74 36.19 -8.15
N ASN C 30 35.26 37.13 -8.94
CA ASN C 30 34.36 38.03 -9.63
C ASN C 30 33.76 37.42 -10.88
N ASN C 31 34.38 36.42 -11.45
CA ASN C 31 33.90 35.80 -12.69
C ASN C 31 32.70 34.91 -12.46
N PHE C 32 32.38 34.56 -11.21
CA PHE C 32 31.35 33.61 -10.89
C PHE C 32 30.11 34.31 -10.35
N ARG C 33 29.08 33.52 -10.06
CA ARG C 33 27.85 34.06 -9.53
C ARG C 33 27.75 33.84 -8.04
N LEU C 34 28.48 32.86 -7.51
CA LEU C 34 28.34 32.47 -6.12
C LEU C 34 29.61 31.79 -5.67
N ALA C 35 30.14 32.21 -4.53
CA ALA C 35 31.25 31.55 -3.88
C ALA C 35 30.75 30.89 -2.61
N LEU C 36 30.70 29.57 -2.61
CA LEU C 36 30.09 28.81 -1.54
C LEU C 36 31.17 28.17 -0.68
N ILE C 37 31.22 28.56 0.58
CA ILE C 37 32.19 28.02 1.53
C ILE C 37 31.42 27.21 2.55
N THR C 38 31.67 25.91 2.59
CA THR C 38 30.93 25.01 3.48
C THR C 38 31.91 24.17 4.27
N SER C 39 31.61 23.97 5.54
CA SER C 39 32.36 23.12 6.43
C SER C 39 31.64 23.09 7.77
N PRO C 40 31.92 22.11 8.62
CA PRO C 40 31.40 22.17 9.99
C PRO C 40 31.86 23.45 10.67
N ALA C 41 31.19 23.80 11.77
CA ALA C 41 31.58 25.02 12.52
C ALA C 41 33.05 24.92 12.99
N GLY C 42 33.70 26.06 13.22
CA GLY C 42 35.08 26.08 13.75
C GLY C 42 36.16 25.90 12.70
N TYR C 43 35.79 25.86 11.42
CA TYR C 43 36.75 25.73 10.30
C TYR C 43 37.70 26.93 10.19
N GLY C 44 37.22 28.15 10.47
CA GLY C 44 38.05 29.35 10.23
C GLY C 44 37.79 29.92 8.85
N LYS C 45 36.78 29.38 8.16
CA LYS C 45 36.39 29.90 6.83
C LYS C 45 35.93 31.36 6.98
N THR C 46 35.19 31.67 8.05
CA THR C 46 34.69 33.05 8.27
C THR C 46 35.89 33.97 8.46
N THR C 47 36.92 33.50 9.18
CA THR C 47 38.13 34.32 9.38
C THR C 47 38.78 34.57 8.03
N LEU C 48 38.82 33.55 7.16
CA LEU C 48 39.41 33.72 5.82
C LEU C 48 38.60 34.75 5.03
N ILE C 49 37.27 34.69 5.12
CA ILE C 49 36.41 35.63 4.37
C ILE C 49 36.68 37.06 4.86
N SER C 50 36.81 37.23 6.18
CA SER C 50 37.13 38.56 6.75
C SER C 50 38.51 39.00 6.25
N GLN C 51 39.45 38.06 6.20
CA GLN C 51 40.80 38.37 5.66
C GLN C 51 40.64 38.81 4.21
N TRP C 52 40.00 37.97 3.39
CA TRP C 52 39.82 38.30 1.99
C TRP C 52 39.12 39.64 1.80
N ALA C 53 38.29 40.01 2.76
CA ALA C 53 37.50 41.24 2.64
C ALA C 53 38.22 42.47 3.17
N ALA C 54 39.36 42.29 3.83
CA ALA C 54 40.08 43.44 4.38
C ALA C 54 40.72 44.26 3.28
N GLY C 55 40.71 43.73 2.06
CA GLY C 55 41.35 44.40 0.95
C GLY C 55 40.38 44.96 -0.07
N LYS C 56 39.11 45.05 0.31
CA LYS C 56 38.09 45.67 -0.52
C LYS C 56 37.33 46.68 0.33
N ASN C 57 36.69 47.63 -0.33
CA ASN C 57 35.80 48.55 0.38
C ASN C 57 34.35 48.43 -0.08
N ASP C 58 34.13 48.00 -1.31
CA ASP C 58 32.80 47.89 -1.89
C ASP C 58 32.28 46.47 -1.69
N ILE C 59 32.05 46.12 -0.44
CA ILE C 59 31.66 44.77 -0.08
C ILE C 59 30.78 44.82 1.16
N GLY C 60 29.57 44.31 1.03
CA GLY C 60 28.63 44.25 2.15
C GLY C 60 28.79 42.95 2.91
N TRP C 61 28.42 42.97 4.18
CA TRP C 61 28.54 41.82 5.06
C TRP C 61 27.26 41.71 5.88
N TYR C 62 26.84 40.47 6.14
CA TYR C 62 25.56 40.23 6.82
C TYR C 62 25.67 38.93 7.59
N SER C 63 25.71 39.02 8.91
CA SER C 63 25.78 37.85 9.78
C SER C 63 24.36 37.45 10.13
N LEU C 64 24.10 36.15 10.18
CA LEU C 64 22.74 35.69 10.42
C LEU C 64 22.59 35.10 11.81
N ASP C 65 21.36 35.10 12.30
CA ASP C 65 20.95 34.43 13.53
C ASP C 65 19.55 33.88 13.32
N GLU C 66 19.09 33.04 14.25
CA GLU C 66 17.80 32.38 14.07
C GLU C 66 16.68 33.39 13.86
N GLY C 67 16.76 34.55 14.51
CA GLY C 67 15.76 35.57 14.31
C GLY C 67 15.64 36.07 12.90
N ASP C 68 16.70 35.95 12.11
CA ASP C 68 16.65 36.32 10.70
C ASP C 68 15.67 35.48 9.93
N ASN C 69 15.19 34.39 10.53
CA ASN C 69 14.36 33.44 9.83
C ASN C 69 12.98 34.00 9.50
N GLN C 70 12.70 35.22 9.94
CA GLN C 70 11.53 35.98 9.51
C GLN C 70 11.92 36.82 8.31
N GLN C 71 10.99 37.02 7.37
CA GLN C 71 11.40 37.46 6.05
C GLN C 71 11.61 38.97 5.98
N GLU C 72 10.76 39.75 6.66
CA GLU C 72 10.90 41.21 6.56
C GLU C 72 12.23 41.68 7.15
N ARG C 73 12.58 41.14 8.30
CA ARG C 73 13.87 41.49 8.90
C ARG C 73 15.01 41.07 7.99
N PHE C 74 14.89 39.91 7.37
CA PHE C 74 15.90 39.44 6.42
C PHE C 74 16.09 40.45 5.30
N ALA C 75 15.00 40.91 4.69
CA ALA C 75 15.12 41.87 3.60
C ALA C 75 15.75 43.17 4.08
N SER C 76 15.34 43.66 5.24
CA SER C 76 15.89 44.90 5.76
C SER C 76 17.40 44.81 5.90
N TYR C 77 17.87 43.76 6.56
CA TYR C 77 19.31 43.62 6.76
C TYR C 77 20.04 43.43 5.44
N LEU C 78 19.46 42.69 4.50
CA LEU C 78 20.14 42.47 3.23
C LEU C 78 20.31 43.78 2.48
N ILE C 79 19.26 44.59 2.44
CA ILE C 79 19.38 45.87 1.75
C ILE C 79 20.36 46.77 2.48
N ALA C 80 20.45 46.63 3.80
CA ALA C 80 21.46 47.39 4.53
C ALA C 80 22.87 47.01 4.08
N ALA C 81 23.12 45.71 3.94
CA ALA C 81 24.41 45.28 3.44
C ALA C 81 24.68 45.82 2.03
N VAL C 82 23.64 45.83 1.20
CA VAL C 82 23.81 46.37 -0.15
C VAL C 82 24.20 47.84 -0.10
N GLN C 83 23.52 48.63 0.73
CA GLN C 83 23.89 50.03 0.87
C GLN C 83 25.34 50.18 1.29
N GLN C 84 25.74 49.45 2.33
CA GLN C 84 27.14 49.52 2.76
C GLN C 84 28.09 49.19 1.63
N ALA C 85 27.69 48.29 0.73
CA ALA C 85 28.58 47.94 -0.36
C ALA C 85 28.60 48.99 -1.46
N THR C 86 27.50 49.72 -1.63
CA THR C 86 27.42 50.74 -2.68
C THR C 86 27.32 52.15 -2.14
N ASN C 87 27.47 52.35 -0.83
CA ASN C 87 27.43 53.69 -0.24
C ASN C 87 26.12 54.39 -0.56
N GLY C 88 25.02 53.85 -0.07
CA GLY C 88 23.74 54.50 -0.16
C GLY C 88 23.18 54.64 -1.55
N HIS C 89 23.72 53.93 -2.53
CA HIS C 89 23.31 54.13 -3.91
C HIS C 89 21.86 53.74 -4.15
N CYS C 90 21.40 52.67 -3.52
CA CYS C 90 20.06 52.14 -3.78
C CYS C 90 19.08 52.72 -2.77
N ALA C 91 18.61 53.93 -3.07
CA ALA C 91 17.73 54.62 -2.14
C ALA C 91 16.29 54.12 -2.23
N ILE C 92 15.79 53.93 -3.44
CA ILE C 92 14.38 53.57 -3.63
C ILE C 92 14.07 52.25 -2.93
N CYS C 93 14.87 51.22 -3.23
CA CYS C 93 14.63 49.93 -2.60
C CYS C 93 14.84 50.01 -1.09
N GLU C 94 15.70 50.92 -0.64
CA GLU C 94 15.89 51.09 0.79
C GLU C 94 14.62 51.60 1.46
N THR C 95 13.99 52.61 0.87
CA THR C 95 12.75 53.11 1.44
C THR C 95 11.65 52.07 1.33
N MET C 96 11.65 51.29 0.23
CA MET C 96 10.65 50.23 0.11
C MET C 96 10.85 49.16 1.18
N ALA C 97 12.09 48.89 1.55
CA ALA C 97 12.36 47.92 2.60
C ALA C 97 11.96 48.45 3.97
N GLN C 98 12.22 49.73 4.21
CA GLN C 98 11.91 50.30 5.52
C GLN C 98 10.40 50.50 5.69
N LYS C 99 9.69 50.72 4.60
CA LYS C 99 8.25 50.92 4.65
C LYS C 99 7.47 49.65 4.32
N ARG C 100 8.14 48.55 3.99
CA ARG C 100 7.51 47.26 3.77
C ARG C 100 6.39 47.35 2.73
N GLN C 101 6.58 48.22 1.74
CA GLN C 101 5.63 48.34 0.63
C GLN C 101 6.12 47.49 -0.54
N TYR C 102 6.27 46.20 -0.27
CA TYR C 102 6.64 45.26 -1.31
C TYR C 102 5.76 44.03 -1.18
N ALA C 103 5.37 43.47 -2.32
CA ALA C 103 4.48 42.32 -2.30
C ALA C 103 5.20 41.07 -1.85
N SER C 104 6.45 40.90 -2.28
CA SER C 104 7.20 39.68 -1.99
C SER C 104 8.66 39.94 -2.26
N LEU C 105 9.51 39.14 -1.60
CA LEU C 105 10.94 39.34 -1.71
C LEU C 105 11.40 39.38 -3.16
N THR C 106 10.74 38.63 -4.05
CA THR C 106 11.17 38.61 -5.43
C THR C 106 10.95 39.97 -6.09
N SER C 107 9.84 40.63 -5.78
CA SER C 107 9.61 41.96 -6.35
C SER C 107 10.58 42.98 -5.79
N LEU C 108 10.87 42.88 -4.49
CA LEU C 108 11.87 43.75 -3.89
C LEU C 108 13.22 43.56 -4.57
N PHE C 109 13.60 42.31 -4.86
CA PHE C 109 14.89 42.07 -5.48
C PHE C 109 14.89 42.49 -6.93
N ALA C 110 13.75 42.40 -7.61
CA ALA C 110 13.67 42.93 -8.97
C ALA C 110 13.91 44.42 -8.97
N GLN C 111 13.28 45.13 -8.04
CA GLN C 111 13.55 46.56 -7.90
C GLN C 111 15.02 46.82 -7.60
N LEU C 112 15.60 46.03 -6.70
CA LEU C 112 17.01 46.21 -6.36
C LEU C 112 17.90 46.04 -7.58
N PHE C 113 17.60 45.06 -8.42
CA PHE C 113 18.45 44.85 -9.58
C PHE C 113 18.28 45.96 -10.60
N ILE C 114 17.09 46.54 -10.67
CA ILE C 114 16.95 47.74 -11.55
C ILE C 114 18.07 48.70 -11.13
N GLU C 115 18.11 49.07 -9.85
CA GLU C 115 19.15 50.00 -9.32
C GLU C 115 20.55 49.38 -9.45
N LEU C 116 20.68 48.07 -9.21
CA LEU C 116 22.00 47.37 -9.22
C LEU C 116 22.63 47.49 -10.61
N ALA C 117 21.82 47.41 -11.67
CA ALA C 117 22.36 47.40 -13.05
C ALA C 117 23.14 48.70 -13.27
N GLU C 118 22.66 49.82 -12.74
CA GLU C 118 23.33 51.12 -12.98
C GLU C 118 24.76 51.07 -12.42
N TRP C 119 24.98 50.46 -11.26
CA TRP C 119 26.34 50.50 -10.67
C TRP C 119 27.30 49.77 -11.62
N HIS C 120 28.46 50.36 -11.91
CA HIS C 120 29.40 49.76 -12.92
C HIS C 120 30.65 49.12 -12.30
N SER C 121 30.79 49.09 -10.97
CA SER C 121 32.05 48.59 -10.37
C SER C 121 31.84 47.19 -9.80
N PRO C 122 32.87 46.34 -9.58
CA PRO C 122 32.63 45.05 -8.95
C PRO C 122 31.94 45.23 -7.60
N LEU C 123 31.03 44.33 -7.29
CA LEU C 123 30.26 44.38 -6.07
C LEU C 123 30.33 43.01 -5.40
N TYR C 124 30.33 42.99 -4.07
CA TYR C 124 30.39 41.76 -3.31
C TYR C 124 29.42 41.83 -2.15
N LEU C 125 28.78 40.71 -1.84
CA LEU C 125 27.86 40.60 -0.72
C LEU C 125 28.11 39.30 0.00
N VAL C 126 28.38 39.38 1.30
CA VAL C 126 28.72 38.22 2.10
C VAL C 126 27.56 37.92 3.04
N ILE C 127 27.09 36.68 3.02
CA ILE C 127 26.02 36.22 3.91
C ILE C 127 26.60 35.11 4.74
N ASP C 128 26.71 35.32 6.04
CA ASP C 128 27.37 34.39 6.93
C ASP C 128 26.34 33.51 7.64
N ASP C 129 26.69 32.23 7.80
CA ASP C 129 25.86 31.26 8.53
C ASP C 129 24.48 31.12 7.90
N TYR C 130 24.45 30.62 6.67
CA TYR C 130 23.17 30.45 5.99
C TYR C 130 22.42 29.22 6.46
N HIS C 131 23.06 28.32 7.19
CA HIS C 131 22.36 27.13 7.65
C HIS C 131 21.31 27.44 8.69
N LEU C 132 21.34 28.62 9.28
CA LEU C 132 20.35 29.00 10.27
C LEU C 132 19.02 29.36 9.66
N ILE C 133 18.96 29.55 8.35
CA ILE C 133 17.72 29.87 7.67
C ILE C 133 17.00 28.57 7.35
N THR C 134 15.75 28.46 7.79
CA THR C 134 14.92 27.33 7.45
C THR C 134 13.62 27.72 6.76
N ASN C 135 13.41 29.00 6.49
CA ASN C 135 12.20 29.42 5.84
C ASN C 135 12.27 29.08 4.36
N PRO C 136 11.32 28.32 3.81
CA PRO C 136 11.36 28.02 2.37
C PRO C 136 11.13 29.23 1.49
N VAL C 137 10.40 30.23 1.96
CA VAL C 137 10.21 31.43 1.16
C VAL C 137 11.53 32.16 0.95
N ILE C 138 12.37 32.18 1.98
CA ILE C 138 13.67 32.83 1.88
C ILE C 138 14.57 32.06 0.92
N HIS C 139 14.54 30.73 0.99
CA HIS C 139 15.32 29.93 0.05
C HIS C 139 14.89 30.22 -1.38
N GLU C 140 13.58 30.20 -1.62
CA GLU C 140 13.07 30.52 -2.94
C GLU C 140 13.55 31.87 -3.44
N SER C 141 13.41 32.90 -2.60
CA SER C 141 13.81 34.23 -3.02
C SER C 141 15.31 34.32 -3.26
N MET C 142 16.11 33.62 -2.46
CA MET C 142 17.55 33.66 -2.69
C MET C 142 17.93 32.93 -3.97
N ARG C 143 17.20 31.88 -4.34
CA ARG C 143 17.42 31.28 -5.65
C ARG C 143 17.11 32.27 -6.76
N PHE C 144 16.00 32.99 -6.63
CA PHE C 144 15.68 34.01 -7.63
C PHE C 144 16.79 35.05 -7.72
N PHE C 145 17.26 35.50 -6.56
CA PHE C 145 18.39 36.41 -6.49
C PHE C 145 19.57 35.91 -7.30
N ILE C 146 20.03 34.69 -6.99
CA ILE C 146 21.20 34.17 -7.68
C ILE C 146 20.94 34.05 -9.17
N ARG C 147 19.70 33.77 -9.56
CA ARG C 147 19.42 33.62 -10.98
C ARG C 147 19.41 34.95 -11.71
N HIS C 148 19.03 36.03 -11.05
CA HIS C 148 18.83 37.28 -11.76
C HIS C 148 19.83 38.37 -11.42
N GLN C 149 20.87 38.07 -10.64
CA GLN C 149 21.77 39.12 -10.22
C GLN C 149 22.60 39.63 -11.39
N PRO C 150 22.93 40.92 -11.40
CA PRO C 150 23.82 41.45 -12.43
C PRO C 150 25.19 40.81 -12.35
N GLU C 151 25.88 40.79 -13.49
CA GLU C 151 27.10 40.00 -13.60
C GLU C 151 28.25 40.61 -12.81
N ASN C 152 28.19 41.90 -12.50
CA ASN C 152 29.24 42.52 -11.70
C ASN C 152 29.12 42.18 -10.23
N LEU C 153 27.97 41.68 -9.79
CA LEU C 153 27.76 41.26 -8.41
C LEU C 153 28.27 39.83 -8.26
N THR C 154 28.78 39.51 -7.08
CA THR C 154 29.13 38.14 -6.73
C THR C 154 28.66 37.92 -5.30
N LEU C 155 27.98 36.80 -5.08
CA LEU C 155 27.43 36.47 -3.78
C LEU C 155 28.34 35.48 -3.09
N VAL C 156 28.63 35.71 -1.81
CA VAL C 156 29.45 34.80 -1.03
C VAL C 156 28.61 34.28 0.12
N VAL C 157 28.48 32.96 0.20
CA VAL C 157 27.62 32.32 1.20
C VAL C 157 28.46 31.39 2.03
N LEU C 158 28.44 31.58 3.33
CA LEU C 158 29.14 30.71 4.27
C LEU C 158 28.12 29.86 5.00
N SER C 159 28.30 28.54 4.96
CA SER C 159 27.28 27.66 5.50
C SER C 159 27.92 26.40 6.04
N ARG C 160 27.18 25.69 6.89
CA ARG C 160 27.66 24.42 7.42
C ARG C 160 27.59 23.29 6.42
N ASN C 161 26.64 23.35 5.50
CA ASN C 161 26.35 22.27 4.59
C ASN C 161 25.74 22.83 3.31
N LEU C 162 25.53 21.96 2.35
CA LEU C 162 24.99 22.37 1.06
C LEU C 162 23.67 23.09 1.24
N PRO C 163 23.54 24.33 0.81
CA PRO C 163 22.27 25.03 0.96
C PRO C 163 21.33 24.76 -0.19
N GLN C 164 20.09 25.21 -0.03
CA GLN C 164 19.06 25.01 -1.03
C GLN C 164 18.98 26.24 -1.94
N LEU C 165 20.08 26.46 -2.66
CA LEU C 165 20.21 27.65 -3.48
C LEU C 165 20.16 27.35 -4.97
N GLY C 166 19.84 26.12 -5.34
CA GLY C 166 19.88 25.77 -6.74
C GLY C 166 21.30 25.70 -7.23
N ILE C 167 22.13 24.94 -6.50
CA ILE C 167 23.54 24.91 -6.79
C ILE C 167 23.84 24.08 -8.02
N ALA C 168 23.08 23.02 -8.27
CA ALA C 168 23.36 22.17 -9.42
C ALA C 168 23.20 22.94 -10.72
N ASN C 169 22.22 23.84 -10.78
CA ASN C 169 22.09 24.72 -11.94
C ASN C 169 23.38 25.47 -12.21
N LEU C 170 23.97 26.07 -11.16
CA LEU C 170 25.18 26.84 -11.36
C LEU C 170 26.36 25.95 -11.72
N ARG C 171 26.45 24.78 -11.09
CA ARG C 171 27.54 23.88 -11.39
C ARG C 171 27.50 23.44 -12.84
N VAL C 172 26.31 23.29 -13.41
CA VAL C 172 26.21 22.90 -14.80
C VAL C 172 26.80 23.97 -15.72
N ARG C 173 26.49 25.23 -15.45
CA ARG C 173 26.95 26.32 -16.31
C ARG C 173 28.28 26.91 -15.88
N ASP C 174 28.98 26.28 -14.94
CA ASP C 174 30.26 26.76 -14.44
C ASP C 174 30.16 28.21 -14.01
N GLN C 175 29.24 28.49 -13.10
CA GLN C 175 29.13 29.79 -12.46
C GLN C 175 29.31 29.69 -10.95
N LEU C 176 29.98 28.66 -10.47
CA LEU C 176 30.06 28.37 -9.05
C LEU C 176 31.50 28.15 -8.65
N LEU C 177 31.91 28.76 -7.55
CA LEU C 177 33.23 28.53 -6.96
C LEU C 177 33.05 28.02 -5.55
N GLU C 178 33.62 26.86 -5.26
CA GLU C 178 33.44 26.21 -3.98
C GLU C 178 34.76 26.12 -3.23
N ILE C 179 34.70 26.27 -1.92
CA ILE C 179 35.81 25.93 -1.05
C ILE C 179 35.26 25.03 0.03
N GLY C 180 35.52 23.73 -0.09
CA GLY C 180 34.92 22.75 0.78
C GLY C 180 35.66 22.60 2.09
N SER C 181 35.17 21.65 2.88
CA SER C 181 35.77 21.40 4.19
C SER C 181 37.23 21.04 4.07
N GLN C 182 37.57 20.17 3.12
CA GLN C 182 38.93 19.63 3.07
C GLN C 182 39.96 20.74 2.84
N GLN C 183 39.65 21.69 1.96
CA GLN C 183 40.61 22.73 1.67
C GLN C 183 40.82 23.67 2.85
N LEU C 184 39.79 23.84 3.68
CA LEU C 184 39.85 24.80 4.78
C LEU C 184 40.72 24.35 5.94
N ALA C 185 41.01 23.05 6.05
CA ALA C 185 41.76 22.58 7.20
C ALA C 185 43.19 23.11 7.16
N PHE C 186 43.76 23.28 8.35
CA PHE C 186 45.14 23.75 8.44
C PHE C 186 46.10 22.65 8.03
N THR C 187 47.08 23.00 7.21
CA THR C 187 48.12 22.05 6.85
C THR C 187 49.22 22.04 7.91
N HIS C 188 50.28 21.29 7.62
CA HIS C 188 51.37 21.17 8.57
C HIS C 188 52.12 22.49 8.74
N GLN C 189 52.47 23.13 7.64
CA GLN C 189 53.18 24.41 7.73
C GLN C 189 52.33 25.45 8.46
N GLU C 190 51.04 25.52 8.13
CA GLU C 190 50.18 26.50 8.76
C GLU C 190 50.05 26.22 10.25
N ALA C 191 49.99 24.95 10.63
CA ALA C 191 49.94 24.62 12.06
C ALA C 191 51.23 25.03 12.75
N ASN C 192 52.37 24.79 12.10
CA ASN C 192 53.65 25.24 12.65
C ASN C 192 53.62 26.73 12.90
N GLU C 193 53.24 27.50 11.89
CA GLU C 193 53.20 28.95 12.02
C GLU C 193 52.23 29.38 13.12
N PHE C 194 51.09 28.70 13.21
CA PHE C 194 50.07 29.06 14.19
C PHE C 194 50.59 28.86 15.61
N PHE C 195 51.21 27.72 15.87
CA PHE C 195 51.74 27.47 17.20
C PHE C 195 52.94 28.35 17.49
N ASP C 196 53.67 28.76 16.46
CA ASP C 196 54.74 29.72 16.66
C ASP C 196 54.21 31.05 17.15
N CYS C 197 53.25 31.62 16.44
CA CYS C 197 52.82 32.97 16.73
C CYS C 197 52.06 33.09 18.04
N ARG C 198 51.51 32.00 18.57
CA ARG C 198 50.58 32.10 19.70
C ARG C 198 51.10 31.54 21.02
N LEU C 199 52.18 30.77 21.01
CA LEU C 199 52.62 30.08 22.20
C LEU C 199 53.82 30.78 22.84
N SER C 200 54.06 30.47 24.11
CA SER C 200 55.25 30.96 24.79
C SER C 200 56.45 30.07 24.49
N SER C 201 56.29 28.76 24.63
CA SER C 201 57.35 27.83 24.29
C SER C 201 57.27 27.51 22.81
N PRO C 202 58.38 27.58 22.07
CA PRO C 202 58.35 27.15 20.66
C PRO C 202 58.25 25.64 20.54
N ILE C 203 57.47 25.19 19.57
CA ILE C 203 57.33 23.76 19.31
C ILE C 203 58.11 23.40 18.05
N GLU C 204 58.79 22.25 18.06
CA GLU C 204 59.46 21.79 16.83
C GLU C 204 58.37 21.60 15.76
N ALA C 205 58.68 21.83 14.49
CA ALA C 205 57.63 21.80 13.44
C ALA C 205 56.97 20.43 13.32
N ALA C 206 57.75 19.34 13.40
CA ALA C 206 57.16 18.00 13.21
C ALA C 206 56.14 17.73 14.32
N GLU C 207 56.45 18.14 15.55
CA GLU C 207 55.51 17.90 16.69
C GLU C 207 54.22 18.67 16.42
N SER C 208 54.32 19.90 15.91
CA SER C 208 53.11 20.68 15.57
C SER C 208 52.36 19.95 14.46
N SER C 209 53.09 19.40 13.49
CA SER C 209 52.47 18.63 12.39
C SER C 209 51.75 17.40 12.94
N ARG C 210 52.36 16.72 13.92
CA ARG C 210 51.72 15.55 14.56
C ARG C 210 50.42 16.01 15.24
N ILE C 211 50.47 17.17 15.91
CA ILE C 211 49.23 17.74 16.51
C ILE C 211 48.30 18.06 15.36
N CYS C 212 48.85 18.56 14.25
CA CYS C 212 48.02 19.00 13.10
C CYS C 212 47.17 17.87 12.50
N ASP C 213 47.70 16.65 12.36
CA ASP C 213 46.88 15.67 11.63
C ASP C 213 45.93 14.96 12.58
N ASP C 214 46.42 14.55 13.76
CA ASP C 214 45.57 13.71 14.60
C ASP C 214 44.29 14.43 15.01
N VAL C 215 44.24 15.75 14.85
CA VAL C 215 43.01 16.51 15.03
C VAL C 215 42.43 16.93 13.69
N SER C 216 42.98 16.43 12.59
CA SER C 216 42.49 16.71 11.23
C SER C 216 42.64 18.18 10.85
N GLY C 217 43.63 18.86 11.41
CA GLY C 217 43.85 20.25 11.06
C GLY C 217 42.73 21.19 11.43
N TRP C 218 41.78 20.73 12.24
CA TRP C 218 40.64 21.52 12.68
C TRP C 218 41.09 22.74 13.49
N ALA C 219 40.69 23.94 13.05
CA ALA C 219 41.23 25.16 13.64
C ALA C 219 40.93 25.27 15.12
N THR C 220 39.65 25.26 15.50
CA THR C 220 39.29 25.45 16.90
C THR C 220 39.97 24.42 17.79
N ALA C 221 40.20 23.21 17.27
CA ALA C 221 41.00 22.26 18.03
C ALA C 221 42.36 22.84 18.36
N LEU C 222 43.04 23.39 17.36
CA LEU C 222 44.34 24.01 17.57
C LEU C 222 44.25 25.15 18.57
N GLN C 223 43.22 25.98 18.45
CA GLN C 223 43.08 27.08 19.40
C GLN C 223 42.93 26.54 20.81
N LEU C 224 42.22 25.42 20.95
CA LEU C 224 42.03 24.84 22.27
C LEU C 224 43.36 24.38 22.86
N ILE C 225 44.15 23.65 22.08
CA ILE C 225 45.46 23.22 22.60
C ILE C 225 46.30 24.42 22.95
N ALA C 226 46.28 25.45 22.10
CA ALA C 226 47.09 26.63 22.35
C ALA C 226 46.71 27.28 23.67
N LEU C 227 45.43 27.61 23.86
CA LEU C 227 45.04 28.30 25.08
C LEU C 227 45.25 27.41 26.29
N SER C 228 45.08 26.10 26.13
CA SER C 228 45.37 25.19 27.23
C SER C 228 46.83 25.27 27.63
N ALA C 229 47.72 25.35 26.65
CA ALA C 229 49.15 25.42 26.95
C ALA C 229 49.53 26.81 27.47
N ARG C 230 48.73 27.82 27.14
CA ARG C 230 48.99 29.16 27.66
C ARG C 230 48.95 29.19 29.18
N GLN C 231 47.93 28.56 29.76
CA GLN C 231 47.85 28.38 31.19
C GLN C 231 48.77 27.25 31.66
N ASN C 232 49.52 26.65 30.73
CA ASN C 232 50.40 25.53 31.03
C ASN C 232 49.63 24.40 31.71
N THR C 233 48.43 24.13 31.20
CA THR C 233 47.67 22.98 31.67
C THR C 233 48.46 21.69 31.44
N HIS C 234 48.91 21.48 30.22
CA HIS C 234 49.54 20.23 29.81
C HIS C 234 50.76 20.54 28.97
N SER C 235 51.53 19.49 28.68
CA SER C 235 52.32 19.48 27.46
C SER C 235 51.39 19.26 26.28
N ALA C 236 51.73 19.85 25.15
CA ALA C 236 50.83 19.95 24.01
C ALA C 236 50.28 18.60 23.56
N HIS C 237 51.14 17.59 23.49
CA HIS C 237 50.73 16.30 22.94
C HIS C 237 49.65 15.65 23.80
N LYS C 238 49.69 15.87 25.11
CA LYS C 238 48.68 15.29 25.98
C LYS C 238 47.31 15.91 25.71
N SER C 239 47.26 17.23 25.59
CA SER C 239 46.01 17.89 25.27
C SER C 239 45.51 17.44 23.90
N ALA C 240 46.42 17.30 22.95
CA ALA C 240 46.03 16.82 21.62
C ALA C 240 45.43 15.42 21.72
N ARG C 241 46.02 14.56 22.54
CA ARG C 241 45.44 13.24 22.79
C ARG C 241 44.03 13.37 23.36
N ARG C 242 43.84 14.31 24.28
CA ARG C 242 42.50 14.52 24.82
C ARG C 242 41.53 15.00 23.75
N LEU C 243 42.03 15.67 22.71
CA LEU C 243 41.18 16.27 21.70
C LEU C 243 41.04 15.43 20.44
N ALA C 244 41.89 14.44 20.23
CA ALA C 244 41.93 13.74 18.95
C ALA C 244 40.61 13.03 18.69
N GLY C 245 40.03 13.29 17.52
CA GLY C 245 38.80 12.64 17.11
C GLY C 245 37.62 12.87 18.02
N ILE C 246 37.54 14.02 18.69
CA ILE C 246 36.49 14.24 19.68
C ILE C 246 35.20 14.63 18.97
N ASN C 247 34.10 14.04 19.41
CA ASN C 247 32.77 14.35 18.88
C ASN C 247 32.15 15.49 19.66
N ALA C 248 30.93 15.86 19.26
CA ALA C 248 30.22 16.96 19.90
C ALA C 248 30.08 16.76 21.40
N SER C 249 29.63 15.58 21.82
CA SER C 249 29.38 15.35 23.24
C SER C 249 30.64 15.45 24.07
N HIS C 250 31.72 14.81 23.62
CA HIS C 250 32.97 14.87 24.35
C HIS C 250 33.60 16.26 24.28
N LEU C 251 33.34 17.03 23.23
CA LEU C 251 33.78 18.41 23.25
C LEU C 251 33.13 19.17 24.40
N SER C 252 31.86 18.86 24.69
CA SER C 252 31.18 19.55 25.76
C SER C 252 31.84 19.30 27.11
N ASP C 253 32.05 18.03 27.46
CA ASP C 253 32.62 17.76 28.78
C ASP C 253 34.09 18.15 28.83
N TYR C 254 34.76 18.15 27.68
CA TYR C 254 36.11 18.72 27.65
C TYR C 254 36.08 20.19 28.01
N LEU C 255 35.21 20.96 27.36
CA LEU C 255 35.02 22.35 27.73
C LEU C 255 34.72 22.50 29.21
N VAL C 256 33.87 21.62 29.73
CA VAL C 256 33.49 21.68 31.15
C VAL C 256 34.72 21.48 32.03
N ASP C 257 35.60 20.56 31.65
CA ASP C 257 36.69 20.21 32.56
C ASP C 257 37.87 21.17 32.44
N GLU C 258 38.20 21.61 31.23
CA GLU C 258 39.47 22.29 31.03
C GLU C 258 39.38 23.80 30.89
N VAL C 259 38.28 24.35 30.39
CA VAL C 259 38.17 25.80 30.19
C VAL C 259 37.32 26.45 31.28
N LEU C 260 36.29 25.76 31.78
CA LEU C 260 35.44 26.36 32.79
C LEU C 260 36.05 26.24 34.18
N ASP C 261 36.69 25.12 34.47
CA ASP C 261 37.23 24.90 35.81
C ASP C 261 38.59 25.54 36.02
N ASN C 262 39.25 26.02 34.97
CA ASN C 262 40.56 26.65 35.11
C ASN C 262 40.48 28.16 35.09
N VAL C 263 39.30 28.73 35.33
CA VAL C 263 39.15 30.16 35.53
C VAL C 263 38.53 30.39 36.90
N ASP C 264 38.58 31.63 37.37
CA ASP C 264 37.95 31.97 38.63
C ASP C 264 36.43 31.95 38.49
N LEU C 265 35.75 31.79 39.62
CA LEU C 265 34.31 31.59 39.61
C LEU C 265 33.58 32.86 39.18
N ALA C 266 34.15 34.03 39.46
CA ALA C 266 33.51 35.27 39.03
C ALA C 266 33.44 35.36 37.51
N THR C 267 34.54 35.07 36.83
CA THR C 267 34.51 35.02 35.37
C THR C 267 33.57 33.94 34.87
N ARG C 268 33.47 32.83 35.60
CA ARG C 268 32.54 31.78 35.21
C ARG C 268 31.10 32.30 35.22
N HIS C 269 30.73 32.99 36.29
CA HIS C 269 29.40 33.58 36.33
C HIS C 269 29.23 34.61 35.22
N PHE C 270 30.27 35.41 34.97
CA PHE C 270 30.19 36.40 33.91
C PHE C 270 29.87 35.75 32.58
N LEU C 271 30.63 34.71 32.23
CA LEU C 271 30.42 34.00 30.97
C LEU C 271 29.02 33.41 30.91
N LEU C 272 28.61 32.71 31.96
CA LEU C 272 27.34 32.00 31.91
C LEU C 272 26.18 32.97 31.79
N LYS C 273 26.28 34.14 32.42
CA LYS C 273 25.22 35.12 32.29
C LYS C 273 25.24 35.76 30.91
N SER C 274 26.42 36.18 30.44
CA SER C 274 26.53 36.88 29.18
C SER C 274 26.20 36.00 27.99
N ALA C 275 26.27 34.67 28.15
CA ALA C 275 26.05 33.76 27.04
C ALA C 275 24.68 33.92 26.40
N ILE C 276 23.64 34.26 27.16
CA ILE C 276 22.31 34.29 26.59
C ILE C 276 22.12 35.45 25.64
N LEU C 277 23.07 36.37 25.58
CA LEU C 277 22.97 37.50 24.68
C LEU C 277 23.51 37.14 23.31
N ARG C 278 22.82 37.59 22.28
CA ARG C 278 23.32 37.37 20.93
C ARG C 278 24.58 38.19 20.68
N SER C 279 24.46 39.51 20.75
CA SER C 279 25.58 40.41 20.61
C SER C 279 25.69 41.27 21.85
N MET C 280 26.91 41.41 22.36
CA MET C 280 27.14 42.03 23.65
C MET C 280 28.02 43.26 23.48
N ASN C 281 27.67 44.34 24.18
CA ASN C 281 28.55 45.49 24.31
C ASN C 281 28.64 45.86 25.78
N ASP C 282 29.24 47.02 26.06
CA ASP C 282 29.50 47.40 27.43
C ASP C 282 28.21 47.56 28.23
N ALA C 283 27.23 48.26 27.65
CA ALA C 283 25.99 48.54 28.37
C ALA C 283 25.26 47.26 28.76
N LEU C 284 25.06 46.35 27.80
CA LEU C 284 24.35 45.11 28.12
C LEU C 284 25.12 44.29 29.15
N ILE C 285 26.44 44.29 29.07
CA ILE C 285 27.23 43.56 30.05
C ILE C 285 27.03 44.12 31.44
N THR C 286 27.19 45.45 31.58
CA THR C 286 27.09 46.05 32.91
C THR C 286 25.68 45.95 33.46
N ARG C 287 24.69 45.83 32.57
CA ARG C 287 23.33 45.66 33.04
C ARG C 287 23.08 44.24 33.51
N VAL C 288 23.44 43.25 32.71
CA VAL C 288 23.09 41.87 33.04
C VAL C 288 23.99 41.34 34.14
N THR C 289 25.30 41.43 33.99
CA THR C 289 26.21 40.89 34.97
C THR C 289 26.39 41.78 36.19
N GLY C 290 25.92 43.02 36.14
CA GLY C 290 26.10 43.92 37.26
C GLY C 290 27.48 44.49 37.40
N GLU C 291 28.51 43.81 36.89
CA GLU C 291 29.87 44.34 36.91
C GLU C 291 29.92 45.60 36.05
N GLU C 292 30.52 46.65 36.60
CA GLU C 292 30.44 47.97 35.97
C GLU C 292 31.56 48.22 34.97
N ASN C 293 32.76 47.71 35.23
CA ASN C 293 33.89 47.83 34.29
C ASN C 293 33.60 46.87 33.15
N GLY C 294 32.49 47.10 32.45
CA GLY C 294 32.05 46.16 31.44
C GLY C 294 33.00 46.05 30.28
N GLN C 295 33.35 47.18 29.66
CA GLN C 295 34.29 47.17 28.55
C GLN C 295 35.62 46.58 28.96
N MET C 296 36.08 46.93 30.17
CA MET C 296 37.26 46.30 30.75
C MET C 296 37.11 44.79 30.79
N ARG C 297 35.96 44.31 31.27
CA ARG C 297 35.75 42.88 31.38
C ARG C 297 35.80 42.20 30.02
N LEU C 298 35.13 42.79 29.03
CA LEU C 298 35.10 42.18 27.70
C LEU C 298 36.48 42.15 27.09
N GLU C 299 37.22 43.26 27.14
CA GLU C 299 38.54 43.28 26.53
C GLU C 299 39.50 42.34 27.24
N GLU C 300 39.36 42.20 28.55
CA GLU C 300 40.24 41.28 29.25
C GLU C 300 39.87 39.82 28.93
N ILE C 301 38.58 39.55 28.76
CA ILE C 301 38.17 38.23 28.30
C ILE C 301 38.78 37.93 26.94
N GLU C 302 38.62 38.85 26.00
CA GLU C 302 39.19 38.67 24.66
C GLU C 302 40.69 38.46 24.73
N ARG C 303 41.37 39.12 25.68
CA ARG C 303 42.78 38.83 25.86
C ARG C 303 43.01 37.41 26.33
N GLN C 304 42.13 36.88 27.17
CA GLN C 304 42.32 35.54 27.72
C GLN C 304 42.13 34.45 26.68
N GLY C 305 41.56 34.76 25.53
CA GLY C 305 41.41 33.77 24.48
C GLY C 305 40.26 32.82 24.66
N LEU C 306 39.09 33.32 25.05
CA LEU C 306 37.93 32.47 25.31
C LEU C 306 36.87 32.59 24.22
N PHE C 307 37.28 32.69 22.97
CA PHE C 307 36.40 32.64 21.82
C PHE C 307 35.43 33.82 21.78
N LEU C 308 35.86 34.96 22.29
CA LEU C 308 35.13 36.20 22.12
C LEU C 308 35.78 36.95 20.97
N GLN C 309 34.96 37.46 20.06
CA GLN C 309 35.46 38.15 18.89
C GLN C 309 34.73 39.47 18.73
N ARG C 310 35.46 40.49 18.32
CA ARG C 310 34.85 41.75 18.00
C ARG C 310 33.96 41.61 16.79
N MET C 311 33.12 42.60 16.56
CA MET C 311 32.38 42.67 15.32
C MET C 311 32.63 43.97 14.59
N ASP C 312 33.50 44.81 15.12
CA ASP C 312 34.05 45.96 14.43
C ASP C 312 35.33 46.36 15.14
N ASP C 313 36.19 47.06 14.41
CA ASP C 313 37.46 47.49 14.98
C ASP C 313 37.30 48.48 16.12
N THR C 314 36.18 49.22 16.14
CA THR C 314 35.93 50.18 17.21
C THR C 314 35.84 49.51 18.58
N GLY C 315 35.88 48.19 18.63
CA GLY C 315 35.79 47.50 19.90
C GLY C 315 34.47 47.67 20.60
N GLU C 316 33.41 47.96 19.86
CA GLU C 316 32.12 48.21 20.51
C GLU C 316 31.35 46.93 20.74
N TRP C 317 31.07 46.17 19.70
CA TRP C 317 30.23 44.98 19.78
C TRP C 317 31.09 43.73 19.86
N PHE C 318 30.59 42.71 20.53
CA PHE C 318 31.30 41.46 20.71
C PHE C 318 30.36 40.29 20.48
N CYS C 319 30.92 39.13 20.18
CA CYS C 319 30.12 37.92 19.99
C CYS C 319 30.94 36.71 20.35
N TYR C 320 30.26 35.68 20.83
CA TYR C 320 30.90 34.41 21.09
C TYR C 320 30.93 33.55 19.83
N HIS C 321 31.95 32.73 19.72
CA HIS C 321 31.96 31.75 18.66
C HIS C 321 30.81 30.78 18.85
N PRO C 322 30.00 30.53 17.81
CA PRO C 322 28.75 29.76 18.01
C PRO C 322 28.91 28.45 18.75
N LEU C 323 29.99 27.70 18.54
CA LEU C 323 30.21 26.51 19.35
C LEU C 323 30.26 26.85 20.83
N PHE C 324 31.22 27.68 21.21
CA PHE C 324 31.40 28.03 22.62
C PHE C 324 30.17 28.75 23.15
N GLY C 325 29.52 29.54 22.30
CA GLY C 325 28.32 30.23 22.74
C GLY C 325 27.19 29.29 23.10
N ASN C 326 26.90 28.33 22.22
CA ASN C 326 25.84 27.37 22.51
C ASN C 326 26.20 26.51 23.71
N PHE C 327 27.48 26.17 23.85
CA PHE C 327 27.88 25.40 25.04
C PHE C 327 27.61 26.20 26.30
N LEU C 328 27.98 27.47 26.31
CA LEU C 328 27.75 28.30 27.49
C LEU C 328 26.27 28.45 27.77
N ARG C 329 25.45 28.58 26.73
CA ARG C 329 24.01 28.64 26.94
C ARG C 329 23.49 27.38 27.60
N GLN C 330 23.89 26.22 27.09
CA GLN C 330 23.39 24.96 27.65
C GLN C 330 23.87 24.76 29.07
N ARG C 331 25.08 25.23 29.37
CA ARG C 331 25.60 25.08 30.74
C ARG C 331 24.92 26.07 31.69
N CYS C 332 24.64 27.27 31.21
CA CYS C 332 23.96 28.25 32.06
C CYS C 332 22.53 27.87 32.33
N GLN C 333 21.89 27.15 31.40
CA GLN C 333 20.52 26.73 31.65
C GLN C 333 20.45 25.66 32.73
N TRP C 334 21.60 25.24 33.26
CA TRP C 334 21.64 24.38 34.43
C TRP C 334 22.27 25.04 35.63
N GLU C 335 23.51 25.52 35.51
CA GLU C 335 24.19 26.08 36.66
C GLU C 335 23.44 27.27 37.23
N LEU C 336 22.64 27.95 36.42
CA LEU C 336 21.86 29.10 36.87
C LEU C 336 20.44 29.04 36.35
N ALA C 337 19.83 27.86 36.36
CA ALA C 337 18.47 27.71 35.86
C ALA C 337 17.48 28.54 36.68
N ALA C 338 17.79 28.78 37.95
CA ALA C 338 16.89 29.57 38.78
C ALA C 338 16.94 31.04 38.42
N GLU C 339 18.12 31.57 38.10
CA GLU C 339 18.29 32.98 37.86
C GLU C 339 18.00 33.39 36.42
N LEU C 340 17.37 32.53 35.63
CA LEU C 340 17.16 32.85 34.22
C LEU C 340 16.13 33.94 33.98
N PRO C 341 14.91 33.88 34.53
CA PRO C 341 13.90 34.86 34.10
C PRO C 341 14.24 36.30 34.42
N GLU C 342 14.80 36.58 35.60
CA GLU C 342 15.18 37.95 35.91
C GLU C 342 16.33 38.41 35.01
N ILE C 343 17.23 37.49 34.66
CA ILE C 343 18.32 37.86 33.77
C ILE C 343 17.78 38.19 32.38
N HIS C 344 16.82 37.39 31.91
CA HIS C 344 16.19 37.67 30.64
C HIS C 344 15.47 39.01 30.67
N ARG C 345 14.81 39.32 31.79
CA ARG C 345 14.12 40.60 31.91
C ARG C 345 15.09 41.77 31.89
N ALA C 346 16.18 41.67 32.65
CA ALA C 346 17.19 42.72 32.63
C ALA C 346 17.71 42.93 31.22
N ALA C 347 18.03 41.84 30.53
CA ALA C 347 18.51 41.95 29.16
C ALA C 347 17.47 42.63 28.27
N ALA C 348 16.21 42.26 28.42
CA ALA C 348 15.17 42.82 27.57
C ALA C 348 15.04 44.32 27.78
N GLU C 349 14.97 44.75 29.04
CA GLU C 349 14.79 46.17 29.31
C GLU C 349 16.03 46.95 28.89
N SER C 350 17.20 46.35 29.01
CA SER C 350 18.41 47.03 28.56
C SER C 350 18.44 47.16 27.05
N TRP C 351 17.95 46.15 26.34
CA TRP C 351 17.84 46.26 24.88
C TRP C 351 16.88 47.37 24.51
N MET C 352 15.71 47.41 25.13
CA MET C 352 14.76 48.47 24.84
C MET C 352 15.37 49.84 25.15
N ALA C 353 16.18 49.92 26.20
CA ALA C 353 16.82 51.18 26.55
C ALA C 353 17.68 51.70 25.40
N GLN C 354 18.37 50.81 24.69
CA GLN C 354 19.24 51.21 23.60
C GLN C 354 18.50 51.43 22.30
N GLY C 355 17.19 51.16 22.27
CA GLY C 355 16.39 51.45 21.09
C GLY C 355 16.07 50.26 20.23
N PHE C 356 16.29 49.05 20.71
CA PHE C 356 16.06 47.85 19.90
C PHE C 356 14.91 47.03 20.48
N PRO C 357 13.69 47.26 20.02
CA PRO C 357 12.56 46.52 20.60
C PRO C 357 12.54 45.04 20.26
N SER C 358 13.14 44.64 19.15
CA SER C 358 13.01 43.25 18.70
C SER C 358 13.77 42.30 19.61
N GLU C 359 15.03 42.61 19.92
CA GLU C 359 15.77 41.79 20.86
C GLU C 359 15.13 41.83 22.24
N ALA C 360 14.55 42.98 22.60
CA ALA C 360 13.82 43.05 23.85
C ALA C 360 12.67 42.06 23.87
N ILE C 361 11.91 42.00 22.78
CA ILE C 361 10.81 41.03 22.69
C ILE C 361 11.34 39.62 22.83
N HIS C 362 12.41 39.30 22.11
CA HIS C 362 12.98 37.97 22.16
C HIS C 362 13.32 37.57 23.59
N HIS C 363 14.09 38.42 24.29
CA HIS C 363 14.50 38.08 25.64
C HIS C 363 13.33 38.07 26.61
N ALA C 364 12.32 38.89 26.36
CA ALA C 364 11.17 38.90 27.26
C ALA C 364 10.39 37.61 27.14
N LEU C 365 10.02 37.21 25.92
CA LEU C 365 9.36 35.91 25.76
C LEU C 365 10.24 34.77 26.24
N ALA C 366 11.56 34.97 26.24
CA ALA C 366 12.42 34.01 26.92
C ALA C 366 12.16 34.02 28.42
N ALA C 367 11.95 35.20 29.01
CA ALA C 367 11.68 35.30 30.44
C ALA C 367 10.29 34.82 30.80
N GLY C 368 9.31 35.03 29.93
CA GLY C 368 7.93 34.70 30.23
C GLY C 368 7.21 35.75 31.05
N ASP C 369 7.57 37.01 30.86
CA ASP C 369 6.97 38.13 31.59
C ASP C 369 5.98 38.81 30.65
N ALA C 370 4.69 38.56 30.87
CA ALA C 370 3.64 39.14 30.04
C ALA C 370 3.63 40.65 30.11
N LEU C 371 3.62 41.19 31.33
CA LEU C 371 3.43 42.62 31.48
C LEU C 371 4.68 43.36 31.04
N MET C 372 5.79 42.62 30.90
CA MET C 372 6.97 43.16 30.23
C MET C 372 6.66 43.46 28.77
N LEU C 373 6.02 42.53 28.07
CA LEU C 373 5.64 42.82 26.68
C LEU C 373 4.58 43.91 26.65
N ARG C 374 3.70 43.93 27.64
CA ARG C 374 2.73 45.01 27.74
C ARG C 374 3.42 46.36 27.76
N ASP C 375 4.48 46.48 28.57
CA ASP C 375 5.16 47.76 28.67
C ASP C 375 5.99 48.03 27.41
N ILE C 376 6.56 46.99 26.81
CA ILE C 376 7.28 47.18 25.56
C ILE C 376 6.33 47.75 24.51
N LEU C 377 5.06 47.33 24.57
CA LEU C 377 4.12 47.77 23.56
C LEU C 377 3.66 49.19 23.82
N LEU C 378 3.28 49.51 25.05
CA LEU C 378 2.85 50.89 25.28
C LEU C 378 4.04 51.85 25.32
N ASN C 379 5.27 51.32 25.32
CA ASN C 379 6.45 52.18 25.26
C ASN C 379 6.95 52.40 23.84
N HIS C 380 6.72 51.47 22.92
CA HIS C 380 7.10 51.68 21.54
C HIS C 380 5.98 51.42 20.54
N ALA C 381 4.73 51.73 20.87
CA ALA C 381 3.67 51.63 19.87
C ALA C 381 3.95 52.54 18.67
N TRP C 382 4.53 53.71 18.94
CA TRP C 382 4.90 54.64 17.89
C TRP C 382 5.86 54.06 16.87
N SER C 383 6.95 53.43 17.30
CA SER C 383 7.89 52.80 16.37
C SER C 383 7.40 51.46 15.84
N LEU C 384 6.61 50.73 16.63
CA LEU C 384 6.04 49.47 16.16
C LEU C 384 5.06 49.69 15.03
N PHE C 385 4.35 50.82 15.05
CA PHE C 385 3.41 51.13 13.99
C PHE C 385 4.10 51.85 12.83
N ASN C 386 4.93 52.86 13.16
CA ASN C 386 5.58 53.65 12.13
C ASN C 386 6.63 52.84 11.37
N HIS C 387 7.25 51.85 12.01
CA HIS C 387 8.14 50.93 11.32
C HIS C 387 7.49 49.57 11.08
N SER C 388 6.19 49.46 11.37
CA SER C 388 5.35 48.34 10.95
C SER C 388 5.89 46.98 11.37
N GLU C 389 6.22 46.80 12.65
CA GLU C 389 6.65 45.50 13.14
C GLU C 389 5.43 44.65 13.50
N LEU C 390 4.66 44.32 12.46
CA LEU C 390 3.34 43.71 12.66
C LEU C 390 3.42 42.20 12.81
N SER C 391 4.27 41.53 12.03
CA SER C 391 4.42 40.09 12.18
C SER C 391 5.12 39.77 13.50
N LEU C 392 6.06 40.62 13.90
CA LEU C 392 6.59 40.56 15.26
C LEU C 392 5.45 40.55 16.27
N LEU C 393 4.52 41.50 16.11
CA LEU C 393 3.39 41.62 17.01
C LEU C 393 2.54 40.35 17.02
N GLU C 394 2.23 39.80 15.86
CA GLU C 394 1.36 38.62 15.83
C GLU C 394 2.04 37.43 16.51
N GLU C 395 3.31 37.17 16.17
CA GLU C 395 3.98 36.01 16.75
C GLU C 395 4.05 36.17 18.27
N SER C 396 4.61 37.30 18.71
CA SER C 396 4.83 37.52 20.16
C SER C 396 3.62 37.09 20.99
N LEU C 397 2.49 37.78 20.84
CA LEU C 397 1.31 37.49 21.69
C LEU C 397 0.84 36.05 21.45
N LYS C 398 0.82 35.60 20.19
CA LYS C 398 0.31 34.26 19.87
C LYS C 398 1.18 33.17 20.50
N ALA C 399 2.50 33.37 20.53
CA ALA C 399 3.43 32.32 21.02
C ALA C 399 3.19 31.95 22.49
N ASN C 408 1.22 32.81 26.62
CA ASN C 408 0.11 33.49 27.34
C ASN C 408 -1.10 33.65 26.43
N PRO C 409 -1.56 32.59 25.71
CA PRO C 409 -2.65 32.74 24.74
C PRO C 409 -3.95 33.23 25.39
N ALA C 410 -4.28 32.76 26.60
CA ALA C 410 -5.47 33.32 27.27
C ALA C 410 -5.19 34.80 27.50
N ALA C 411 -3.97 35.16 27.91
CA ALA C 411 -3.59 36.58 28.00
C ALA C 411 -3.64 37.15 26.58
N ALA C 412 -3.22 36.36 25.60
CA ALA C 412 -3.14 36.81 24.19
C ALA C 412 -4.54 37.17 23.69
N ILE C 413 -5.58 36.42 24.08
CA ILE C 413 -6.99 36.79 23.70
C ILE C 413 -7.03 38.25 23.25
N ALA C 414 -6.32 39.15 23.93
CA ALA C 414 -6.22 40.52 23.44
C ALA C 414 -6.14 40.55 21.91
N ILE C 415 -5.29 39.71 21.32
CA ILE C 415 -5.21 39.68 19.87
C ILE C 415 -6.46 39.06 19.25
N ALA C 416 -7.16 38.22 20.01
CA ALA C 416 -8.45 37.72 19.51
C ALA C 416 -9.45 38.86 19.39
N ILE C 417 -9.56 39.68 20.43
CA ILE C 417 -10.52 40.79 20.39
C ILE C 417 -10.05 41.87 19.43
N ILE C 418 -8.74 41.90 19.13
CA ILE C 418 -8.22 42.80 18.10
C ILE C 418 -8.46 42.25 16.69
N GLU C 419 -8.61 40.94 16.54
CA GLU C 419 -8.75 40.34 15.21
C GLU C 419 -9.99 40.85 14.49
N VAL C 420 -11.11 40.96 15.19
CA VAL C 420 -12.33 41.47 14.57
C VAL C 420 -12.41 42.98 14.73
N MET D 1 -40.40 -26.67 -22.54
CA MET D 1 -40.79 -27.95 -21.95
C MET D 1 -39.68 -28.46 -21.04
N LEU D 2 -39.99 -29.42 -20.17
CA LEU D 2 -39.04 -29.94 -19.21
C LEU D 2 -38.57 -31.32 -19.63
N ILE D 3 -37.26 -31.48 -19.75
CA ILE D 3 -36.68 -32.77 -20.10
C ILE D 3 -36.98 -33.77 -19.01
N PRO D 4 -37.76 -34.81 -19.28
CA PRO D 4 -38.11 -35.75 -18.20
C PRO D 4 -36.92 -36.37 -17.52
N SER D 5 -35.83 -36.56 -18.22
CA SER D 5 -34.65 -37.20 -17.64
C SER D 5 -34.12 -36.40 -16.45
N LYS D 6 -34.43 -35.12 -16.37
CA LYS D 6 -33.94 -34.32 -15.27
C LYS D 6 -34.82 -34.40 -14.04
N LEU D 7 -36.05 -34.89 -14.17
CA LEU D 7 -36.99 -34.83 -13.06
C LEU D 7 -37.33 -36.19 -12.48
N SER D 8 -36.55 -37.21 -12.80
CA SER D 8 -36.87 -38.56 -12.37
C SER D 8 -35.72 -39.15 -11.58
N ARG D 9 -36.04 -39.98 -10.60
CA ARG D 9 -35.02 -40.61 -9.80
C ARG D 9 -34.36 -41.73 -10.60
N PRO D 10 -33.02 -41.82 -10.56
CA PRO D 10 -32.36 -42.89 -11.29
C PRO D 10 -32.81 -44.23 -10.71
N VAL D 11 -33.09 -45.21 -11.56
CA VAL D 11 -33.59 -46.48 -11.08
C VAL D 11 -32.85 -47.71 -11.59
N ARG D 12 -31.65 -47.94 -11.08
CA ARG D 12 -30.91 -49.13 -11.47
C ARG D 12 -30.73 -50.03 -10.26
N LEU D 13 -31.22 -51.25 -10.36
CA LEU D 13 -31.11 -52.21 -9.26
C LEU D 13 -30.64 -53.57 -9.74
N ASP D 14 -29.37 -53.68 -10.10
CA ASP D 14 -28.84 -54.95 -10.57
C ASP D 14 -27.84 -55.55 -9.60
N HIS D 15 -26.61 -55.05 -9.64
CA HIS D 15 -25.55 -55.54 -8.77
C HIS D 15 -25.29 -54.61 -7.59
N THR D 16 -26.14 -53.60 -7.42
CA THR D 16 -25.95 -52.63 -6.34
C THR D 16 -26.03 -53.31 -4.98
N VAL D 17 -25.11 -52.93 -4.10
CA VAL D 17 -25.06 -53.48 -2.75
C VAL D 17 -25.84 -52.56 -1.83
N VAL D 18 -26.50 -53.14 -0.83
CA VAL D 18 -27.28 -52.32 0.09
C VAL D 18 -26.42 -51.98 1.30
N ARG D 19 -26.20 -50.68 1.52
CA ARG D 19 -25.40 -50.22 2.65
C ARG D 19 -26.36 -49.73 3.73
N GLU D 20 -26.42 -50.51 4.82
CA GLU D 20 -27.45 -50.28 5.82
C GLU D 20 -27.08 -49.13 6.76
N ARG D 21 -25.79 -48.99 7.07
CA ARG D 21 -25.37 -47.97 8.02
C ARG D 21 -25.77 -46.57 7.54
N LEU D 22 -25.52 -46.28 6.26
CA LEU D 22 -25.86 -44.97 5.73
C LEU D 22 -27.36 -44.76 5.71
N LEU D 23 -28.12 -45.80 5.41
CA LEU D 23 -29.57 -45.67 5.44
C LEU D 23 -30.05 -45.38 6.86
N ALA D 24 -29.43 -46.01 7.85
CA ALA D 24 -29.75 -45.68 9.23
C ALA D 24 -29.46 -44.21 9.53
N LYS D 25 -28.31 -43.73 9.06
CA LYS D 25 -27.98 -42.32 9.27
C LYS D 25 -29.03 -41.42 8.64
N LEU D 26 -29.50 -41.77 7.45
CA LEU D 26 -30.54 -40.98 6.79
C LEU D 26 -31.92 -41.17 7.38
N SER D 27 -32.13 -42.19 8.19
CA SER D 27 -33.47 -42.49 8.71
C SER D 27 -34.11 -41.29 9.39
N GLY D 28 -33.36 -40.52 10.16
CA GLY D 28 -33.91 -39.39 10.88
C GLY D 28 -33.92 -38.08 10.12
N ALA D 29 -33.88 -38.12 8.79
CA ALA D 29 -33.67 -36.91 8.02
C ALA D 29 -34.85 -35.96 8.10
N ASN D 30 -35.96 -36.36 8.69
CA ASN D 30 -37.09 -35.45 8.72
C ASN D 30 -36.98 -34.40 9.81
N ASN D 31 -36.19 -34.64 10.85
CA ASN D 31 -36.07 -33.70 11.95
C ASN D 31 -35.21 -32.49 11.60
N PHE D 32 -34.49 -32.54 10.49
CA PHE D 32 -33.53 -31.50 10.13
C PHE D 32 -34.08 -30.63 9.01
N ARG D 33 -33.29 -29.62 8.65
CA ARG D 33 -33.68 -28.72 7.57
C ARG D 33 -32.97 -29.06 6.28
N LEU D 34 -31.83 -29.73 6.36
CA LEU D 34 -31.00 -29.97 5.20
C LEU D 34 -30.14 -31.20 5.45
N ALA D 35 -30.12 -32.11 4.48
CA ALA D 35 -29.21 -33.25 4.50
C ALA D 35 -28.19 -33.04 3.40
N LEU D 36 -26.95 -32.80 3.79
CA LEU D 36 -25.90 -32.42 2.85
C LEU D 36 -24.96 -33.60 2.66
N ILE D 37 -24.88 -34.10 1.44
CA ILE D 37 -24.01 -35.21 1.09
C ILE D 37 -22.93 -34.66 0.18
N THR D 38 -21.69 -34.70 0.61
CA THR D 38 -20.59 -34.13 -0.15
C THR D 38 -19.47 -35.16 -0.26
N SER D 39 -18.87 -35.23 -1.44
CA SER D 39 -17.71 -36.07 -1.71
C SER D 39 -17.28 -35.80 -3.14
N PRO D 40 -16.06 -36.17 -3.50
CA PRO D 40 -15.67 -36.12 -4.90
C PRO D 40 -16.60 -36.97 -5.74
N ALA D 41 -16.61 -36.74 -7.05
CA ALA D 41 -17.46 -37.55 -7.96
C ALA D 41 -17.12 -39.05 -7.83
N GLY D 42 -18.07 -39.93 -8.17
CA GLY D 42 -17.82 -41.39 -8.15
C GLY D 42 -17.96 -42.04 -6.79
N TYR D 43 -18.38 -41.28 -5.77
CA TYR D 43 -18.59 -41.82 -4.39
C TYR D 43 -19.70 -42.88 -4.34
N GLY D 44 -20.78 -42.72 -5.12
CA GLY D 44 -21.94 -43.63 -4.98
C GLY D 44 -22.96 -43.04 -4.02
N LYS D 45 -22.74 -41.79 -3.61
CA LYS D 45 -23.71 -41.10 -2.72
C LYS D 45 -25.05 -40.96 -3.45
N THR D 46 -25.01 -40.64 -4.75
CA THR D 46 -26.26 -40.48 -5.53
C THR D 46 -26.99 -41.82 -5.57
N THR D 47 -26.25 -42.91 -5.71
CA THR D 47 -26.86 -44.26 -5.72
C THR D 47 -27.53 -44.49 -4.36
N LEU D 48 -26.85 -44.09 -3.28
CA LEU D 48 -27.42 -44.26 -1.92
C LEU D 48 -28.71 -43.44 -1.79
N ILE D 49 -28.70 -42.21 -2.32
CA ILE D 49 -29.90 -41.33 -2.19
C ILE D 49 -31.08 -41.98 -2.94
N SER D 50 -30.82 -42.54 -4.12
CA SER D 50 -31.90 -43.23 -4.88
C SER D 50 -32.39 -44.44 -4.08
N GLN D 51 -31.46 -45.16 -3.45
CA GLN D 51 -31.85 -46.33 -2.61
C GLN D 51 -32.70 -45.84 -1.45
N TRP D 52 -32.31 -44.69 -0.86
CA TRP D 52 -33.06 -44.12 0.28
C TRP D 52 -34.40 -43.59 -0.21
N ALA D 53 -34.50 -43.30 -1.51
CA ALA D 53 -35.73 -42.73 -2.05
C ALA D 53 -36.67 -43.78 -2.63
N ALA D 54 -36.22 -45.02 -2.77
CA ALA D 54 -37.05 -46.05 -3.35
C ALA D 54 -38.18 -46.44 -2.41
N GLY D 55 -38.10 -45.97 -1.16
CA GLY D 55 -39.07 -46.35 -0.16
C GLY D 55 -39.99 -45.21 0.24
N LYS D 56 -40.02 -44.16 -0.57
CA LYS D 56 -40.94 -43.04 -0.38
C LYS D 56 -41.64 -42.77 -1.70
N ASN D 57 -42.79 -42.12 -1.63
CA ASN D 57 -43.46 -41.67 -2.84
C ASN D 57 -43.58 -40.15 -2.91
N ASP D 58 -43.61 -39.49 -1.75
CA ASP D 58 -43.79 -38.04 -1.67
C ASP D 58 -42.41 -37.37 -1.60
N ILE D 59 -41.66 -37.49 -2.69
CA ILE D 59 -40.29 -37.02 -2.73
C ILE D 59 -39.97 -36.58 -4.15
N GLY D 60 -39.59 -35.32 -4.31
CA GLY D 60 -39.22 -34.78 -5.60
C GLY D 60 -37.72 -34.95 -5.82
N TRP D 61 -37.33 -34.99 -7.10
CA TRP D 61 -35.95 -35.19 -7.49
C TRP D 61 -35.63 -34.24 -8.62
N TYR D 62 -34.41 -33.70 -8.63
CA TYR D 62 -34.01 -32.69 -9.60
C TYR D 62 -32.52 -32.80 -9.85
N SER D 63 -32.15 -33.27 -11.04
CA SER D 63 -30.76 -33.41 -11.43
C SER D 63 -30.33 -32.12 -12.12
N LEU D 64 -29.12 -31.68 -11.86
CA LEU D 64 -28.67 -30.40 -12.40
C LEU D 64 -27.65 -30.60 -13.51
N ASP D 65 -27.56 -29.59 -14.37
CA ASP D 65 -26.53 -29.48 -15.40
C ASP D 65 -26.17 -28.01 -15.54
N GLU D 66 -25.08 -27.73 -16.26
CA GLU D 66 -24.60 -26.36 -16.35
C GLU D 66 -25.67 -25.41 -16.87
N GLY D 67 -26.53 -25.89 -17.76
CA GLY D 67 -27.62 -25.06 -18.25
C GLY D 67 -28.58 -24.60 -17.19
N ASP D 68 -28.67 -25.32 -16.08
CA ASP D 68 -29.51 -24.89 -14.97
C ASP D 68 -29.03 -23.60 -14.36
N ASN D 69 -27.83 -23.15 -14.74
CA ASN D 69 -27.22 -21.99 -14.11
C ASN D 69 -27.94 -20.70 -14.47
N GLN D 70 -28.95 -20.78 -15.34
CA GLN D 70 -29.87 -19.68 -15.59
C GLN D 70 -31.04 -19.81 -14.63
N GLN D 71 -31.60 -18.68 -14.20
CA GLN D 71 -32.44 -18.72 -13.01
C GLN D 71 -33.88 -19.15 -13.33
N GLU D 72 -34.43 -18.70 -14.46
CA GLU D 72 -35.82 -19.04 -14.77
C GLU D 72 -35.98 -20.54 -14.97
N ARG D 73 -35.06 -21.16 -15.71
CA ARG D 73 -35.12 -22.59 -15.90
C ARG D 73 -34.97 -23.32 -14.57
N PHE D 74 -34.10 -22.81 -13.69
CA PHE D 74 -33.94 -23.39 -12.37
C PHE D 74 -35.26 -23.39 -11.61
N ALA D 75 -35.95 -22.26 -11.60
CA ALA D 75 -37.21 -22.19 -10.88
C ALA D 75 -38.23 -23.14 -11.47
N SER D 76 -38.33 -23.19 -12.81
CA SER D 76 -39.28 -24.08 -13.45
C SER D 76 -39.07 -25.53 -13.01
N TYR D 77 -37.83 -25.99 -13.11
CA TYR D 77 -37.55 -27.38 -12.75
C TYR D 77 -37.79 -27.63 -11.27
N LEU D 78 -37.46 -26.66 -10.41
CA LEU D 78 -37.64 -26.87 -8.99
C LEU D 78 -39.11 -27.01 -8.65
N ILE D 79 -39.95 -26.15 -9.22
CA ILE D 79 -41.38 -26.27 -8.97
C ILE D 79 -41.92 -27.56 -9.54
N ALA D 80 -41.33 -28.04 -10.64
CA ALA D 80 -41.74 -29.34 -11.17
C ALA D 80 -41.46 -30.44 -10.16
N ALA D 81 -40.28 -30.42 -9.55
CA ALA D 81 -39.97 -31.41 -8.52
C ALA D 81 -40.93 -31.30 -7.35
N VAL D 82 -41.30 -30.08 -6.98
CA VAL D 82 -42.25 -29.91 -5.88
C VAL D 82 -43.59 -30.53 -6.23
N GLN D 83 -44.07 -30.29 -7.45
CA GLN D 83 -45.33 -30.91 -7.87
C GLN D 83 -45.25 -32.42 -7.78
N GLN D 84 -44.19 -33.00 -8.34
CA GLN D 84 -44.03 -34.45 -8.26
C GLN D 84 -44.06 -34.94 -6.82
N ALA D 85 -43.54 -34.13 -5.90
CA ALA D 85 -43.54 -34.58 -4.51
C ALA D 85 -44.90 -34.43 -3.86
N THR D 86 -45.70 -33.46 -4.30
CA THR D 86 -47.01 -33.23 -3.70
C THR D 86 -48.17 -33.54 -4.65
N ASN D 87 -47.90 -34.12 -5.82
CA ASN D 87 -48.94 -34.50 -6.76
C ASN D 87 -49.79 -33.29 -7.16
N GLY D 88 -49.16 -32.32 -7.80
CA GLY D 88 -49.88 -31.20 -8.37
C GLY D 88 -50.52 -30.27 -7.37
N HIS D 89 -50.16 -30.36 -6.09
CA HIS D 89 -50.85 -29.58 -5.07
C HIS D 89 -50.64 -28.07 -5.25
N CYS D 90 -49.45 -27.65 -5.64
CA CYS D 90 -49.10 -26.25 -5.71
C CYS D 90 -49.36 -25.73 -7.12
N ALA D 91 -50.62 -25.40 -7.40
CA ALA D 91 -51.01 -24.98 -8.73
C ALA D 91 -50.65 -23.52 -9.01
N ILE D 92 -50.90 -22.64 -8.04
CA ILE D 92 -50.70 -21.21 -8.27
C ILE D 92 -49.25 -20.92 -8.58
N CYS D 93 -48.34 -21.39 -7.73
CA CYS D 93 -46.93 -21.15 -7.98
C CYS D 93 -46.48 -21.83 -9.27
N GLU D 94 -47.13 -22.92 -9.64
CA GLU D 94 -46.78 -23.58 -10.90
C GLU D 94 -47.10 -22.68 -12.09
N THR D 95 -48.30 -22.08 -12.10
CA THR D 95 -48.63 -21.18 -13.19
C THR D 95 -47.74 -19.94 -13.15
N MET D 96 -47.39 -19.47 -11.95
CA MET D 96 -46.50 -18.32 -11.86
C MET D 96 -45.12 -18.65 -12.41
N ALA D 97 -44.67 -19.89 -12.24
CA ALA D 97 -43.38 -20.30 -12.78
C ALA D 97 -43.45 -20.44 -14.29
N GLN D 98 -44.55 -20.98 -14.80
CA GLN D 98 -44.65 -21.18 -16.25
C GLN D 98 -44.86 -19.87 -16.99
N LYS D 99 -45.47 -18.89 -16.33
CA LYS D 99 -45.72 -17.59 -16.94
C LYS D 99 -44.69 -16.55 -16.53
N ARG D 100 -43.74 -16.90 -15.67
CA ARG D 100 -42.63 -16.01 -15.30
C ARG D 100 -43.14 -14.67 -14.80
N GLN D 101 -44.28 -14.67 -14.12
CA GLN D 101 -44.82 -13.47 -13.50
C GLN D 101 -44.39 -13.42 -12.03
N TYR D 102 -43.08 -13.43 -11.83
CA TYR D 102 -42.54 -13.30 -10.49
C TYR D 102 -41.39 -12.29 -10.54
N ALA D 103 -41.28 -11.49 -9.49
CA ALA D 103 -40.24 -10.47 -9.48
C ALA D 103 -38.86 -11.09 -9.25
N SER D 104 -38.78 -12.09 -8.38
CA SER D 104 -37.51 -12.67 -8.01
C SER D 104 -37.76 -14.01 -7.34
N LEU D 105 -36.75 -14.87 -7.39
CA LEU D 105 -36.88 -16.21 -6.84
C LEU D 105 -37.39 -16.19 -5.41
N THR D 106 -37.03 -15.17 -4.64
CA THR D 106 -37.46 -15.14 -3.24
C THR D 106 -38.97 -14.96 -3.15
N SER D 107 -39.55 -14.13 -4.01
CA SER D 107 -41.00 -13.96 -3.99
C SER D 107 -41.71 -15.21 -4.47
N LEU D 108 -41.16 -15.87 -5.49
CA LEU D 108 -41.72 -17.14 -5.92
C LEU D 108 -41.70 -18.15 -4.79
N PHE D 109 -40.61 -18.22 -4.04
CA PHE D 109 -40.51 -19.18 -2.96
C PHE D 109 -41.42 -18.82 -1.80
N ALA D 110 -41.62 -17.52 -1.56
CA ALA D 110 -42.58 -17.11 -0.54
C ALA D 110 -43.98 -17.59 -0.91
N GLN D 111 -44.35 -17.41 -2.18
CA GLN D 111 -45.64 -17.94 -2.63
C GLN D 111 -45.70 -19.45 -2.47
N LEU D 112 -44.61 -20.14 -2.82
CA LEU D 112 -44.59 -21.59 -2.70
C LEU D 112 -44.80 -22.02 -1.26
N PHE D 113 -44.18 -21.32 -0.31
CA PHE D 113 -44.33 -21.72 1.08
C PHE D 113 -45.74 -21.43 1.59
N ILE D 114 -46.37 -20.38 1.05
CA ILE D 114 -47.81 -20.19 1.42
C ILE D 114 -48.50 -21.52 1.16
N GLU D 115 -48.40 -22.03 -0.07
CA GLU D 115 -49.03 -23.33 -0.47
C GLU D 115 -48.41 -24.48 0.33
N LEU D 116 -47.10 -24.45 0.55
CA LEU D 116 -46.38 -25.58 1.23
C LEU D 116 -46.92 -25.76 2.65
N ALA D 117 -47.26 -24.66 3.33
CA ALA D 117 -47.68 -24.75 4.74
C ALA D 117 -48.93 -25.63 4.82
N GLU D 118 -49.83 -25.53 3.84
CA GLU D 118 -51.10 -26.29 3.89
C GLU D 118 -50.79 -27.80 3.90
N TRP D 119 -49.81 -28.27 3.13
CA TRP D 119 -49.58 -29.73 3.07
C TRP D 119 -49.19 -30.22 4.46
N HIS D 120 -49.78 -31.30 4.95
CA HIS D 120 -49.52 -31.78 6.34
C HIS D 120 -48.63 -33.02 6.42
N SER D 121 -48.13 -33.55 5.30
CA SER D 121 -47.37 -34.84 5.38
C SER D 121 -45.87 -34.56 5.22
N PRO D 122 -44.95 -35.46 5.65
CA PRO D 122 -43.53 -35.22 5.38
C PRO D 122 -43.29 -35.02 3.90
N LEU D 123 -42.39 -34.10 3.58
CA LEU D 123 -42.04 -33.77 2.21
C LEU D 123 -40.54 -33.82 2.05
N TYR D 124 -40.07 -34.23 0.88
CA TYR D 124 -38.65 -34.31 0.61
C TYR D 124 -38.36 -33.79 -0.78
N LEU D 125 -37.24 -33.09 -0.94
CA LEU D 125 -36.82 -32.56 -2.22
C LEU D 125 -35.33 -32.80 -2.38
N VAL D 126 -34.95 -33.48 -3.45
CA VAL D 126 -33.56 -33.83 -3.70
C VAL D 126 -33.03 -33.00 -4.85
N ILE D 127 -31.90 -32.34 -4.63
CA ILE D 127 -31.23 -31.54 -5.65
C ILE D 127 -29.85 -32.16 -5.84
N ASP D 128 -29.61 -32.69 -7.02
CA ASP D 128 -28.39 -33.43 -7.29
C ASP D 128 -27.38 -32.55 -8.02
N ASP D 129 -26.11 -32.71 -7.66
CA ASP D 129 -25.00 -31.99 -8.30
C ASP D 129 -25.15 -30.49 -8.18
N TYR D 130 -25.11 -29.99 -6.95
CA TYR D 130 -25.25 -28.56 -6.73
C TYR D 130 -23.97 -27.79 -7.03
N HIS D 131 -22.85 -28.47 -7.20
CA HIS D 131 -21.61 -27.76 -7.48
C HIS D 131 -21.61 -27.15 -8.87
N LEU D 132 -22.51 -27.56 -9.74
CA LEU D 132 -22.58 -27.00 -11.08
C LEU D 132 -23.20 -25.62 -11.10
N ILE D 133 -23.84 -25.20 -10.02
CA ILE D 133 -24.44 -23.88 -9.95
C ILE D 133 -23.37 -22.89 -9.52
N THR D 134 -23.18 -21.84 -10.31
CA THR D 134 -22.27 -20.76 -9.96
C THR D 134 -22.94 -19.40 -9.92
N ASN D 135 -24.25 -19.33 -10.13
CA ASN D 135 -24.94 -18.07 -10.10
C ASN D 135 -25.12 -17.61 -8.66
N PRO D 136 -24.64 -16.43 -8.28
CA PRO D 136 -24.85 -15.97 -6.90
C PRO D 136 -26.30 -15.69 -6.56
N VAL D 137 -27.12 -15.32 -7.53
CA VAL D 137 -28.54 -15.09 -7.25
C VAL D 137 -29.20 -16.38 -6.83
N ILE D 138 -28.83 -17.49 -7.46
CA ILE D 138 -29.41 -18.78 -7.11
C ILE D 138 -28.97 -19.20 -5.71
N HIS D 139 -27.69 -18.98 -5.38
CA HIS D 139 -27.22 -19.28 -4.04
C HIS D 139 -27.99 -18.48 -3.01
N GLU D 140 -28.15 -17.18 -3.25
CA GLU D 140 -28.91 -16.34 -2.34
C GLU D 140 -30.32 -16.86 -2.15
N SER D 141 -31.02 -17.16 -3.25
CA SER D 141 -32.39 -17.62 -3.14
C SER D 141 -32.47 -18.98 -2.44
N MET D 142 -31.50 -19.85 -2.65
CA MET D 142 -31.52 -21.13 -1.96
C MET D 142 -31.27 -20.97 -0.47
N ARG D 143 -30.45 -20.00 -0.08
CA ARG D 143 -30.31 -19.70 1.34
C ARG D 143 -31.64 -19.23 1.92
N PHE D 144 -32.34 -18.36 1.20
CA PHE D 144 -33.65 -17.91 1.66
C PHE D 144 -34.59 -19.10 1.81
N PHE D 145 -34.59 -19.98 0.81
CA PHE D 145 -35.37 -21.21 0.87
C PHE D 145 -35.10 -21.97 2.15
N ILE D 146 -33.83 -22.29 2.41
CA ILE D 146 -33.52 -23.10 3.58
C ILE D 146 -33.93 -22.37 4.85
N ARG D 147 -33.87 -21.04 4.85
CA ARG D 147 -34.22 -20.32 6.06
C ARG D 147 -35.71 -20.30 6.30
N HIS D 148 -36.53 -20.32 5.26
CA HIS D 148 -37.96 -20.13 5.43
C HIS D 148 -38.81 -21.36 5.16
N GLN D 149 -38.21 -22.51 4.92
CA GLN D 149 -39.00 -23.67 4.53
C GLN D 149 -39.84 -24.16 5.71
N PRO D 150 -41.03 -24.69 5.44
CA PRO D 150 -41.82 -25.29 6.50
C PRO D 150 -41.12 -26.50 7.11
N GLU D 151 -41.46 -26.78 8.36
CA GLU D 151 -40.69 -27.76 9.12
C GLU D 151 -40.92 -29.18 8.64
N ASN D 152 -42.03 -29.44 7.95
CA ASN D 152 -42.28 -30.77 7.42
C ASN D 152 -41.47 -31.06 6.17
N LEU D 153 -40.92 -30.03 5.54
CA LEU D 153 -40.06 -30.19 4.37
C LEU D 153 -38.64 -30.47 4.84
N THR D 154 -37.91 -31.26 4.07
CA THR D 154 -36.49 -31.47 4.30
C THR D 154 -35.81 -31.43 2.94
N LEU D 155 -34.73 -30.69 2.85
CA LEU D 155 -34.01 -30.52 1.59
C LEU D 155 -32.79 -31.42 1.60
N VAL D 156 -32.55 -32.11 0.50
CA VAL D 156 -31.39 -32.99 0.36
C VAL D 156 -30.55 -32.46 -0.79
N VAL D 157 -29.30 -32.15 -0.51
CA VAL D 157 -28.41 -31.55 -1.50
C VAL D 157 -27.19 -32.44 -1.66
N LEU D 158 -26.93 -32.86 -2.88
CA LEU D 158 -25.75 -33.66 -3.21
C LEU D 158 -24.76 -32.78 -3.96
N SER D 159 -23.54 -32.71 -3.46
CA SER D 159 -22.58 -31.78 -4.02
C SER D 159 -21.17 -32.34 -3.90
N ARG D 160 -20.26 -31.79 -4.69
CA ARG D 160 -18.87 -32.19 -4.61
C ARG D 160 -18.16 -31.63 -3.41
N ASN D 161 -18.57 -30.45 -2.95
CA ASN D 161 -17.88 -29.73 -1.90
C ASN D 161 -18.87 -28.86 -1.16
N LEU D 162 -18.40 -28.22 -0.11
CA LEU D 162 -19.25 -27.39 0.73
C LEU D 162 -19.93 -26.31 -0.12
N PRO D 163 -21.26 -26.27 -0.17
CA PRO D 163 -21.93 -25.24 -0.95
C PRO D 163 -22.12 -23.96 -0.17
N GLN D 164 -22.55 -22.92 -0.88
CA GLN D 164 -22.77 -21.61 -0.28
C GLN D 164 -24.23 -21.47 0.12
N LEU D 165 -24.63 -22.30 1.07
CA LEU D 165 -26.02 -22.38 1.49
C LEU D 165 -26.25 -21.83 2.88
N GLY D 166 -25.24 -21.20 3.48
CA GLY D 166 -25.38 -20.74 4.84
C GLY D 166 -25.41 -21.92 5.78
N ILE D 167 -24.41 -22.78 5.65
CA ILE D 167 -24.39 -24.02 6.41
C ILE D 167 -24.03 -23.78 7.87
N ALA D 168 -23.15 -22.80 8.14
CA ALA D 168 -22.74 -22.57 9.51
C ALA D 168 -23.91 -22.15 10.38
N ASN D 169 -24.82 -21.37 9.81
CA ASN D 169 -26.05 -21.03 10.54
C ASN D 169 -26.78 -22.27 10.99
N LEU D 170 -26.96 -23.25 10.09
CA LEU D 170 -27.68 -24.45 10.46
C LEU D 170 -26.90 -25.29 11.45
N ARG D 171 -25.59 -25.38 11.28
CA ARG D 171 -24.78 -26.16 12.19
C ARG D 171 -24.86 -25.60 13.61
N VAL D 172 -24.99 -24.28 13.73
CA VAL D 172 -25.11 -23.68 15.06
C VAL D 172 -26.38 -24.13 15.75
N ARG D 173 -27.49 -24.15 15.03
CA ARG D 173 -28.78 -24.48 15.62
C ARG D 173 -29.12 -25.95 15.52
N ASP D 174 -28.16 -26.80 15.13
CA ASP D 174 -28.38 -28.23 14.98
C ASP D 174 -29.60 -28.52 14.12
N GLN D 175 -29.60 -27.99 12.90
CA GLN D 175 -30.61 -28.30 11.91
C GLN D 175 -30.00 -28.92 10.67
N LEU D 176 -28.82 -29.52 10.78
CA LEU D 176 -28.06 -29.98 9.64
C LEU D 176 -27.63 -31.43 9.85
N LEU D 177 -27.81 -32.26 8.83
CA LEU D 177 -27.34 -33.63 8.84
C LEU D 177 -26.37 -33.81 7.68
N GLU D 178 -25.15 -34.25 7.98
CA GLU D 178 -24.11 -34.36 6.97
C GLU D 178 -23.72 -35.81 6.80
N ILE D 179 -23.39 -36.20 5.57
CA ILE D 179 -22.73 -37.44 5.28
C ILE D 179 -21.55 -37.12 4.39
N GLY D 180 -20.35 -37.11 4.99
CA GLY D 180 -19.16 -36.65 4.31
C GLY D 180 -18.54 -37.71 3.44
N SER D 181 -17.40 -37.35 2.86
CA SER D 181 -16.69 -38.27 1.99
C SER D 181 -16.31 -39.55 2.71
N GLN D 182 -15.81 -39.43 3.93
CA GLN D 182 -15.25 -40.59 4.62
C GLN D 182 -16.29 -41.66 4.84
N GLN D 183 -17.50 -41.26 5.23
CA GLN D 183 -18.54 -42.25 5.50
C GLN D 183 -18.99 -42.96 4.24
N LEU D 184 -18.93 -42.29 3.09
CA LEU D 184 -19.46 -42.85 1.86
C LEU D 184 -18.59 -43.94 1.27
N ALA D 185 -17.32 -44.03 1.66
CA ALA D 185 -16.44 -45.01 1.05
C ALA D 185 -16.87 -46.41 1.42
N PHE D 186 -16.60 -47.35 0.52
CA PHE D 186 -16.93 -48.75 0.77
C PHE D 186 -15.99 -49.34 1.80
N THR D 187 -16.54 -50.06 2.76
CA THR D 187 -15.72 -50.77 3.73
C THR D 187 -15.29 -52.12 3.18
N HIS D 188 -14.63 -52.90 4.03
CA HIS D 188 -14.13 -54.20 3.59
C HIS D 188 -15.27 -55.17 3.31
N GLN D 189 -16.23 -55.27 4.22
CA GLN D 189 -17.36 -56.17 3.99
C GLN D 189 -18.13 -55.77 2.75
N GLU D 190 -18.37 -54.48 2.57
CA GLU D 190 -19.12 -54.03 1.40
C GLU D 190 -18.37 -54.33 0.12
N ALA D 191 -17.04 -54.18 0.14
CA ALA D 191 -16.25 -54.52 -1.04
C ALA D 191 -16.33 -56.01 -1.34
N ASN D 192 -16.26 -56.83 -0.28
CA ASN D 192 -16.42 -58.27 -0.46
C ASN D 192 -17.74 -58.58 -1.15
N GLU D 193 -18.83 -58.03 -0.61
CA GLU D 193 -20.16 -58.28 -1.19
C GLU D 193 -20.23 -57.78 -2.63
N PHE D 194 -19.63 -56.62 -2.90
CA PHE D 194 -19.67 -56.04 -4.23
C PHE D 194 -18.98 -56.93 -5.24
N PHE D 195 -17.78 -57.41 -4.91
CA PHE D 195 -17.06 -58.27 -5.84
C PHE D 195 -17.74 -59.64 -5.94
N ASP D 196 -18.43 -60.06 -4.89
CA ASP D 196 -19.20 -61.29 -4.99
C ASP D 196 -20.31 -61.16 -6.01
N CYS D 197 -21.14 -60.15 -5.88
CA CYS D 197 -22.34 -60.06 -6.70
C CYS D 197 -22.04 -59.77 -8.17
N ARG D 198 -20.87 -59.23 -8.50
CA ARG D 198 -20.62 -58.74 -9.84
C ARG D 198 -19.63 -59.54 -10.68
N LEU D 199 -18.84 -60.41 -10.06
CA LEU D 199 -17.76 -61.09 -10.75
C LEU D 199 -18.13 -62.52 -11.11
N SER D 200 -17.44 -63.07 -12.11
CA SER D 200 -17.71 -64.48 -12.53
C SER D 200 -16.80 -65.40 -11.72
N SER D 201 -15.74 -64.84 -11.13
CA SER D 201 -14.81 -65.65 -10.30
C SER D 201 -14.87 -65.13 -8.86
N PRO D 202 -15.04 -66.01 -7.85
CA PRO D 202 -15.17 -65.57 -6.47
C PRO D 202 -13.87 -64.89 -6.02
N ILE D 203 -13.99 -63.83 -5.21
CA ILE D 203 -12.79 -63.07 -4.75
C ILE D 203 -12.65 -63.30 -3.24
N GLU D 204 -11.45 -63.68 -2.80
CA GLU D 204 -11.21 -63.90 -1.34
C GLU D 204 -11.38 -62.55 -0.65
N ALA D 205 -11.96 -62.52 0.54
CA ALA D 205 -12.28 -61.23 1.19
C ALA D 205 -10.99 -60.43 1.48
N ALA D 206 -9.93 -61.10 1.93
CA ALA D 206 -8.70 -60.36 2.28
C ALA D 206 -8.12 -59.70 1.03
N GLU D 207 -8.10 -60.42 -0.09
CA GLU D 207 -7.60 -59.81 -1.36
C GLU D 207 -8.54 -58.67 -1.76
N SER D 208 -9.85 -58.90 -1.63
CA SER D 208 -10.82 -57.82 -1.93
C SER D 208 -10.58 -56.67 -0.97
N SER D 209 -10.32 -56.99 0.30
CA SER D 209 -10.07 -55.95 1.34
C SER D 209 -8.81 -55.16 0.96
N ARG D 210 -7.76 -55.84 0.49
CA ARG D 210 -6.52 -55.15 0.05
C ARG D 210 -6.88 -54.24 -1.12
N ILE D 211 -7.58 -54.78 -2.11
CA ILE D 211 -8.08 -53.97 -3.21
C ILE D 211 -8.97 -52.86 -2.68
N CYS D 212 -9.68 -53.12 -1.58
CA CYS D 212 -10.58 -52.12 -1.05
C CYS D 212 -9.83 -50.93 -0.48
N ASP D 213 -8.79 -51.18 0.33
CA ASP D 213 -8.17 -50.03 0.99
C ASP D 213 -7.23 -49.31 0.03
N ASP D 214 -6.42 -50.06 -0.73
CA ASP D 214 -5.39 -49.40 -1.51
C ASP D 214 -5.99 -48.44 -2.53
N VAL D 215 -7.29 -48.57 -2.81
CA VAL D 215 -8.00 -47.60 -3.62
C VAL D 215 -8.89 -46.70 -2.77
N SER D 216 -8.77 -46.79 -1.44
CA SER D 216 -9.52 -45.96 -0.51
C SER D 216 -11.02 -46.23 -0.56
N GLY D 217 -11.41 -47.45 -0.92
CA GLY D 217 -12.82 -47.76 -0.94
C GLY D 217 -13.63 -47.00 -1.95
N TRP D 218 -12.98 -46.28 -2.86
CA TRP D 218 -13.64 -45.49 -3.89
C TRP D 218 -14.48 -46.37 -4.81
N ALA D 219 -15.77 -46.05 -4.93
CA ALA D 219 -16.69 -46.94 -5.63
C ALA D 219 -16.31 -47.14 -7.09
N THR D 220 -16.24 -46.06 -7.86
CA THR D 220 -15.95 -46.19 -9.29
C THR D 220 -14.64 -46.92 -9.53
N ALA D 221 -13.68 -46.79 -8.62
CA ALA D 221 -12.48 -47.60 -8.73
C ALA D 221 -12.84 -49.08 -8.73
N LEU D 222 -13.67 -49.50 -7.77
CA LEU D 222 -14.10 -50.89 -7.69
C LEU D 222 -14.82 -51.30 -8.96
N GLN D 223 -15.71 -50.44 -9.45
CA GLN D 223 -16.42 -50.77 -10.68
C GLN D 223 -15.45 -50.98 -11.83
N LEU D 224 -14.38 -50.18 -11.86
CA LEU D 224 -13.40 -50.33 -12.92
C LEU D 224 -12.69 -51.66 -12.84
N ILE D 225 -12.23 -52.05 -11.64
CA ILE D 225 -11.58 -53.35 -11.52
C ILE D 225 -12.54 -54.46 -11.90
N ALA D 226 -13.80 -54.34 -11.47
CA ALA D 226 -14.79 -55.37 -11.77
C ALA D 226 -14.95 -55.54 -13.27
N LEU D 227 -15.28 -54.46 -13.98
CA LEU D 227 -15.52 -54.58 -15.41
C LEU D 227 -14.27 -55.01 -16.13
N SER D 228 -13.09 -54.57 -15.67
CA SER D 228 -11.85 -55.03 -16.26
C SER D 228 -11.72 -56.55 -16.13
N ALA D 229 -12.07 -57.08 -14.97
CA ALA D 229 -11.96 -58.53 -14.76
C ALA D 229 -13.06 -59.27 -15.51
N ARG D 230 -14.16 -58.59 -15.81
CA ARG D 230 -15.23 -59.22 -16.58
C ARG D 230 -14.74 -59.65 -17.95
N GLN D 231 -14.02 -58.78 -18.64
CA GLN D 231 -13.36 -59.13 -19.88
C GLN D 231 -12.09 -59.94 -19.64
N ASN D 232 -11.80 -60.24 -18.37
CA ASN D 232 -10.59 -60.97 -17.98
C ASN D 232 -9.36 -60.28 -18.51
N THR D 233 -9.33 -58.95 -18.40
CA THR D 233 -8.13 -58.21 -18.74
C THR D 233 -6.96 -58.65 -17.87
N HIS D 234 -7.16 -58.66 -16.55
CA HIS D 234 -6.09 -58.91 -15.60
C HIS D 234 -6.60 -59.84 -14.51
N SER D 235 -5.67 -60.29 -13.68
CA SER D 235 -6.04 -60.66 -12.32
C SER D 235 -6.28 -59.38 -11.53
N ALA D 236 -7.21 -59.45 -10.59
CA ALA D 236 -7.74 -58.26 -9.92
C ALA D 236 -6.65 -57.40 -9.29
N HIS D 237 -5.68 -58.01 -8.63
CA HIS D 237 -4.69 -57.24 -7.89
C HIS D 237 -3.84 -56.39 -8.83
N LYS D 238 -3.59 -56.87 -10.05
CA LYS D 238 -2.81 -56.09 -11.01
C LYS D 238 -3.56 -54.84 -11.43
N SER D 239 -4.84 -54.97 -11.74
CA SER D 239 -5.63 -53.80 -12.09
C SER D 239 -5.71 -52.84 -10.92
N ALA D 240 -5.86 -53.37 -9.71
CA ALA D 240 -5.87 -52.52 -8.52
C ALA D 240 -4.57 -51.75 -8.40
N ARG D 241 -3.44 -52.42 -8.65
CA ARG D 241 -2.16 -51.73 -8.68
C ARG D 241 -2.17 -50.61 -9.71
N ARG D 242 -2.73 -50.87 -10.88
CA ARG D 242 -2.82 -49.82 -11.89
C ARG D 242 -3.69 -48.67 -11.43
N LEU D 243 -4.64 -48.92 -10.53
CA LEU D 243 -5.59 -47.90 -10.12
C LEU D 243 -5.26 -47.24 -8.79
N ALA D 244 -4.34 -47.82 -8.00
CA ALA D 244 -4.12 -47.34 -6.65
C ALA D 244 -3.61 -45.91 -6.65
N GLY D 245 -4.30 -45.05 -5.90
CA GLY D 245 -3.90 -43.66 -5.77
C GLY D 245 -3.86 -42.88 -7.06
N ILE D 246 -4.71 -43.21 -8.03
CA ILE D 246 -4.64 -42.56 -9.33
C ILE D 246 -5.32 -41.20 -9.27
N ASN D 247 -4.67 -40.20 -9.87
CA ASN D 247 -5.21 -38.85 -9.96
C ASN D 247 -6.05 -38.69 -11.21
N ALA D 248 -6.61 -37.49 -11.38
CA ALA D 248 -7.46 -37.21 -12.54
C ALA D 248 -6.77 -37.51 -13.86
N SER D 249 -5.54 -37.03 -14.03
CA SER D 249 -4.85 -37.18 -15.31
C SER D 249 -4.59 -38.65 -15.64
N HIS D 250 -4.09 -39.41 -14.67
CA HIS D 250 -3.83 -40.82 -14.89
C HIS D 250 -5.12 -41.62 -15.04
N LEU D 251 -6.21 -41.17 -14.43
CA LEU D 251 -7.48 -41.82 -14.71
C LEU D 251 -7.83 -41.70 -16.18
N SER D 252 -7.52 -40.55 -16.79
CA SER D 252 -7.84 -40.35 -18.20
C SER D 252 -7.11 -41.35 -19.08
N ASP D 253 -5.78 -41.44 -18.94
CA ASP D 253 -5.04 -42.33 -19.83
C ASP D 253 -5.31 -43.79 -19.48
N TYR D 254 -5.68 -44.07 -18.23
CA TYR D 254 -6.14 -45.42 -17.90
C TYR D 254 -7.41 -45.75 -18.68
N LEU D 255 -8.39 -44.85 -18.63
CA LEU D 255 -9.59 -45.03 -19.45
C LEU D 255 -9.22 -45.23 -20.91
N VAL D 256 -8.27 -44.45 -21.40
CA VAL D 256 -7.86 -44.55 -22.80
C VAL D 256 -7.32 -45.94 -23.11
N ASP D 257 -6.53 -46.48 -22.19
CA ASP D 257 -5.83 -47.73 -22.50
C ASP D 257 -6.71 -48.95 -22.28
N GLU D 258 -7.52 -48.97 -21.22
CA GLU D 258 -8.15 -50.22 -20.81
C GLU D 258 -9.62 -50.34 -21.17
N VAL D 259 -10.37 -49.25 -21.28
CA VAL D 259 -11.81 -49.31 -21.58
C VAL D 259 -12.09 -48.97 -23.04
N LEU D 260 -11.32 -48.05 -23.62
CA LEU D 260 -11.59 -47.67 -25.00
C LEU D 260 -10.97 -48.64 -25.98
N ASP D 261 -9.79 -49.15 -25.68
CA ASP D 261 -9.10 -50.04 -26.61
C ASP D 261 -9.55 -51.47 -26.53
N ASN D 262 -10.32 -51.84 -25.51
CA ASN D 262 -10.78 -53.21 -25.37
C ASN D 262 -12.22 -53.39 -25.84
N VAL D 263 -12.74 -52.47 -26.62
CA VAL D 263 -14.02 -52.62 -27.30
C VAL D 263 -13.80 -52.50 -28.80
N ASP D 264 -14.80 -52.91 -29.57
CA ASP D 264 -14.71 -52.77 -31.02
C ASP D 264 -14.84 -51.29 -31.41
N LEU D 265 -14.33 -50.98 -32.60
CA LEU D 265 -14.24 -49.60 -33.03
C LEU D 265 -15.61 -48.99 -33.30
N ALA D 266 -16.58 -49.81 -33.69
CA ALA D 266 -17.93 -49.28 -33.91
C ALA D 266 -18.53 -48.75 -32.62
N THR D 267 -18.42 -49.53 -31.54
CA THR D 267 -18.89 -49.05 -30.24
C THR D 267 -18.10 -47.83 -29.80
N ARG D 268 -16.81 -47.77 -30.14
CA ARG D 268 -16.01 -46.60 -29.81
C ARG D 268 -16.57 -45.35 -30.46
N HIS D 269 -16.87 -45.44 -31.76
CA HIS D 269 -17.49 -44.32 -32.44
C HIS D 269 -18.84 -43.98 -31.82
N PHE D 270 -19.62 -45.01 -31.49
CA PHE D 270 -20.92 -44.77 -30.86
C PHE D 270 -20.77 -43.95 -29.59
N LEU D 271 -19.87 -44.38 -28.71
CA LEU D 271 -19.66 -43.68 -27.45
C LEU D 271 -19.20 -42.25 -27.70
N LEU D 272 -18.20 -42.08 -28.55
CA LEU D 272 -17.62 -40.76 -28.76
C LEU D 272 -18.64 -39.79 -29.34
N LYS D 273 -19.52 -40.28 -30.22
CA LYS D 273 -20.54 -39.41 -30.76
C LYS D 273 -21.61 -39.11 -29.73
N SER D 274 -22.09 -40.13 -29.03
CA SER D 274 -23.18 -39.95 -28.08
C SER D 274 -22.77 -39.14 -26.88
N ALA D 275 -21.48 -39.03 -26.59
CA ALA D 275 -21.01 -38.32 -25.42
C ALA D 275 -21.45 -36.88 -25.36
N ILE D 276 -21.57 -36.20 -26.52
CA ILE D 276 -21.85 -34.78 -26.48
C ILE D 276 -23.28 -34.50 -26.04
N LEU D 277 -24.11 -35.52 -25.94
CA LEU D 277 -25.49 -35.34 -25.53
C LEU D 277 -25.59 -35.36 -24.01
N ARG D 278 -26.40 -34.47 -23.47
CA ARG D 278 -26.63 -34.49 -22.02
C ARG D 278 -27.42 -35.72 -21.62
N SER D 279 -28.64 -35.85 -22.12
CA SER D 279 -29.47 -37.01 -21.88
C SER D 279 -29.84 -37.64 -23.21
N MET D 280 -29.74 -38.96 -23.29
CA MET D 280 -29.88 -39.68 -24.54
C MET D 280 -31.03 -40.66 -24.45
N ASN D 281 -31.83 -40.72 -25.52
CA ASN D 281 -32.82 -41.78 -25.67
C ASN D 281 -32.65 -42.38 -27.06
N ASP D 282 -33.62 -43.22 -27.44
CA ASP D 282 -33.49 -43.97 -28.69
C ASP D 282 -33.44 -43.03 -29.89
N ALA D 283 -34.34 -42.05 -29.92
CA ALA D 283 -34.42 -41.15 -31.08
C ALA D 283 -33.12 -40.38 -31.29
N LEU D 284 -32.62 -39.75 -30.24
CA LEU D 284 -31.39 -38.98 -30.39
C LEU D 284 -30.22 -39.86 -30.80
N ILE D 285 -30.18 -41.09 -30.26
CA ILE D 285 -29.12 -42.01 -30.63
C ILE D 285 -29.18 -42.35 -32.11
N THR D 286 -30.35 -42.77 -32.58
CA THR D 286 -30.47 -43.19 -33.98
C THR D 286 -30.27 -42.00 -34.92
N ARG D 287 -30.52 -40.79 -34.44
CA ARG D 287 -30.28 -39.63 -35.28
C ARG D 287 -28.79 -39.31 -35.36
N VAL D 288 -28.12 -39.24 -34.22
CA VAL D 288 -26.74 -38.79 -34.22
C VAL D 288 -25.79 -39.87 -34.72
N THR D 289 -25.88 -41.07 -34.15
CA THR D 289 -24.97 -42.13 -34.55
C THR D 289 -25.39 -42.83 -35.84
N GLY D 290 -26.60 -42.58 -36.33
CA GLY D 290 -27.05 -43.24 -37.53
C GLY D 290 -27.46 -44.68 -37.35
N GLU D 291 -26.95 -45.37 -36.34
CA GLU D 291 -27.36 -46.73 -36.04
C GLU D 291 -28.82 -46.72 -35.64
N GLU D 292 -29.59 -47.63 -36.25
CA GLU D 292 -31.04 -47.59 -36.11
C GLU D 292 -31.57 -48.36 -34.92
N ASN D 293 -30.93 -49.48 -34.57
CA ASN D 293 -31.31 -50.26 -33.38
C ASN D 293 -30.82 -49.48 -32.17
N GLY D 294 -31.33 -48.26 -32.01
CA GLY D 294 -30.81 -47.38 -30.98
C GLY D 294 -31.05 -47.90 -29.58
N GLN D 295 -32.31 -48.21 -29.27
CA GLN D 295 -32.63 -48.74 -27.94
C GLN D 295 -31.87 -50.03 -27.67
N MET D 296 -31.75 -50.89 -28.69
CA MET D 296 -30.90 -52.07 -28.60
C MET D 296 -29.48 -51.69 -28.23
N ARG D 297 -28.92 -50.67 -28.90
CA ARG D 297 -27.55 -50.27 -28.65
C ARG D 297 -27.38 -49.79 -27.21
N LEU D 298 -28.31 -48.96 -26.74
CA LEU D 298 -28.20 -48.41 -25.40
C LEU D 298 -28.30 -49.51 -24.36
N GLU D 299 -29.28 -50.40 -24.50
CA GLU D 299 -29.43 -51.45 -23.50
C GLU D 299 -28.26 -52.41 -23.50
N GLU D 300 -27.68 -52.67 -24.67
CA GLU D 300 -26.52 -53.55 -24.71
C GLU D 300 -25.30 -52.87 -24.11
N ILE D 301 -25.17 -51.55 -24.33
CA ILE D 301 -24.10 -50.81 -23.67
C ILE D 301 -24.26 -50.91 -22.15
N GLU D 302 -25.46 -50.63 -21.65
CA GLU D 302 -25.71 -50.71 -20.21
C GLU D 302 -25.40 -52.10 -19.69
N ARG D 303 -25.66 -53.13 -20.49
CA ARG D 303 -25.26 -54.47 -20.09
C ARG D 303 -23.75 -54.59 -19.99
N GLN D 304 -23.01 -53.94 -20.88
CA GLN D 304 -21.57 -54.07 -20.88
C GLN D 304 -20.90 -53.40 -19.71
N GLY D 305 -21.62 -52.54 -18.98
CA GLY D 305 -21.06 -51.91 -17.80
C GLY D 305 -20.17 -50.73 -18.08
N LEU D 306 -20.57 -49.84 -18.98
CA LEU D 306 -19.75 -48.70 -19.35
C LEU D 306 -20.28 -47.38 -18.79
N PHE D 307 -20.78 -47.40 -17.56
CA PHE D 307 -21.18 -46.21 -16.83
C PHE D 307 -22.35 -45.49 -17.50
N LEU D 308 -23.22 -46.24 -18.15
CA LEU D 308 -24.49 -45.72 -18.63
C LEU D 308 -25.55 -46.09 -17.61
N GLN D 309 -26.38 -45.12 -17.24
CA GLN D 309 -27.40 -45.35 -16.24
C GLN D 309 -28.73 -44.83 -16.75
N ARG D 310 -29.78 -45.56 -16.44
CA ARG D 310 -31.12 -45.10 -16.75
C ARG D 310 -31.44 -43.86 -15.94
N MET D 311 -32.50 -43.17 -16.32
CA MET D 311 -33.03 -42.10 -15.50
C MET D 311 -34.48 -42.33 -15.16
N ASP D 312 -35.04 -43.46 -15.58
CA ASP D 312 -36.33 -43.94 -15.13
C ASP D 312 -36.39 -45.43 -15.43
N ASP D 313 -37.26 -46.13 -14.71
CA ASP D 313 -37.38 -47.57 -14.90
C ASP D 313 -37.95 -47.93 -16.26
N THR D 314 -38.68 -47.02 -16.89
CA THR D 314 -39.23 -47.27 -18.22
C THR D 314 -38.15 -47.49 -19.27
N GLY D 315 -36.89 -47.33 -18.90
CA GLY D 315 -35.80 -47.53 -19.84
C GLY D 315 -35.80 -46.55 -20.98
N GLU D 316 -36.38 -45.36 -20.79
CA GLU D 316 -36.47 -44.41 -21.87
C GLU D 316 -35.23 -43.54 -21.97
N TRP D 317 -34.89 -42.82 -20.91
CA TRP D 317 -33.79 -41.87 -20.92
C TRP D 317 -32.54 -42.49 -20.30
N PHE D 318 -31.38 -42.05 -20.76
CA PHE D 318 -30.11 -42.57 -20.30
C PHE D 318 -29.15 -41.41 -20.08
N CYS D 319 -28.12 -41.66 -19.26
CA CYS D 319 -27.10 -40.65 -18.99
C CYS D 319 -25.79 -41.33 -18.66
N TYR D 320 -24.70 -40.66 -19.01
CA TYR D 320 -23.38 -41.14 -18.64
C TYR D 320 -23.01 -40.63 -17.26
N HIS D 321 -22.22 -41.41 -16.55
CA HIS D 321 -21.66 -40.93 -15.30
C HIS D 321 -20.75 -39.74 -15.58
N PRO D 322 -20.91 -38.62 -14.87
CA PRO D 322 -20.20 -37.39 -15.25
C PRO D 322 -18.70 -37.55 -15.47
N LEU D 323 -18.02 -38.36 -14.66
CA LEU D 323 -16.61 -38.63 -14.94
C LEU D 323 -16.41 -39.19 -16.34
N PHE D 324 -17.02 -40.35 -16.60
CA PHE D 324 -16.85 -41.01 -17.89
C PHE D 324 -17.41 -40.14 -19.00
N GLY D 325 -18.48 -39.39 -18.72
CA GLY D 325 -19.04 -38.53 -19.74
C GLY D 325 -18.10 -37.42 -20.16
N ASN D 326 -17.52 -36.72 -19.19
CA ASN D 326 -16.58 -35.66 -19.54
C ASN D 326 -15.34 -36.23 -20.20
N PHE D 327 -14.90 -37.42 -19.79
CA PHE D 327 -13.76 -38.03 -20.47
C PHE D 327 -14.08 -38.30 -21.92
N LEU D 328 -15.26 -38.86 -22.18
CA LEU D 328 -15.63 -39.15 -23.56
C LEU D 328 -15.77 -37.88 -24.38
N ARG D 329 -16.28 -36.81 -23.77
CA ARG D 329 -16.36 -35.53 -24.49
C ARG D 329 -14.98 -35.03 -24.87
N GLN D 330 -14.03 -35.06 -23.92
CA GLN D 330 -12.70 -34.56 -24.22
C GLN D 330 -12.00 -35.42 -25.24
N ARG D 331 -12.26 -36.73 -25.23
CA ARG D 331 -11.63 -37.60 -26.21
C ARG D 331 -12.27 -37.43 -27.60
N CYS D 332 -13.57 -37.21 -27.65
CA CYS D 332 -14.25 -37.02 -28.93
C CYS D 332 -13.86 -35.68 -29.55
N GLN D 333 -13.55 -34.69 -28.72
CA GLN D 333 -13.14 -33.41 -29.29
C GLN D 333 -11.78 -33.50 -29.95
N TRP D 334 -11.14 -34.67 -29.90
CA TRP D 334 -9.92 -34.92 -30.67
C TRP D 334 -10.10 -36.00 -31.71
N GLU D 335 -10.53 -37.20 -31.31
CA GLU D 335 -10.62 -38.28 -32.27
C GLU D 335 -11.59 -37.97 -33.40
N LEU D 336 -12.54 -37.08 -33.16
CA LEU D 336 -13.51 -36.69 -34.18
C LEU D 336 -13.71 -35.18 -34.20
N ALA D 337 -12.62 -34.41 -34.07
CA ALA D 337 -12.74 -32.96 -34.04
C ALA D 337 -13.28 -32.42 -35.36
N ALA D 338 -13.06 -33.15 -36.45
CA ALA D 338 -13.56 -32.70 -37.74
C ALA D 338 -15.08 -32.88 -37.86
N GLU D 339 -15.60 -33.97 -37.31
CA GLU D 339 -17.00 -34.29 -37.48
C GLU D 339 -17.90 -33.65 -36.43
N LEU D 340 -17.39 -32.66 -35.68
CA LEU D 340 -18.18 -32.09 -34.60
C LEU D 340 -19.34 -31.22 -35.06
N PRO D 341 -19.18 -30.24 -35.96
CA PRO D 341 -20.29 -29.33 -36.23
C PRO D 341 -21.52 -29.99 -36.84
N GLU D 342 -21.35 -30.92 -37.78
CA GLU D 342 -22.51 -31.61 -38.33
C GLU D 342 -23.18 -32.47 -37.28
N ILE D 343 -22.40 -33.06 -36.37
CA ILE D 343 -22.97 -33.87 -35.31
C ILE D 343 -23.78 -32.98 -34.37
N HIS D 344 -23.26 -31.80 -34.05
CA HIS D 344 -23.99 -30.87 -33.22
C HIS D 344 -25.28 -30.43 -33.91
N ARG D 345 -25.22 -30.22 -35.22
CA ARG D 345 -26.41 -29.81 -35.95
C ARG D 345 -27.46 -30.91 -35.95
N ALA D 346 -27.05 -32.15 -36.21
CA ALA D 346 -27.99 -33.26 -36.17
C ALA D 346 -28.65 -33.36 -34.80
N ALA D 347 -27.84 -33.25 -33.74
CA ALA D 347 -28.38 -33.29 -32.39
C ALA D 347 -29.38 -32.17 -32.17
N ALA D 348 -29.04 -30.96 -32.63
CA ALA D 348 -29.92 -29.82 -32.41
C ALA D 348 -31.26 -30.01 -33.11
N GLU D 349 -31.24 -30.42 -34.37
CA GLU D 349 -32.49 -30.57 -35.10
C GLU D 349 -33.30 -31.73 -34.53
N SER D 350 -32.64 -32.77 -34.06
CA SER D 350 -33.36 -33.88 -33.44
C SER D 350 -33.99 -33.45 -32.12
N TRP D 351 -33.31 -32.60 -31.35
CA TRP D 351 -33.91 -32.06 -30.14
C TRP D 351 -35.14 -31.24 -30.47
N MET D 352 -35.03 -30.34 -31.45
CA MET D 352 -36.19 -29.54 -31.85
C MET D 352 -37.33 -30.43 -32.33
N ALA D 353 -37.00 -31.54 -32.99
CA ALA D 353 -38.03 -32.45 -33.45
C ALA D 353 -38.85 -32.99 -32.30
N GLN D 354 -38.22 -33.26 -31.17
CA GLN D 354 -38.92 -33.81 -30.01
C GLN D 354 -39.62 -32.73 -29.18
N GLY D 355 -39.45 -31.46 -29.52
CA GLY D 355 -40.16 -30.40 -28.85
C GLY D 355 -39.36 -29.63 -27.84
N PHE D 356 -38.05 -29.78 -27.82
CA PHE D 356 -37.22 -29.12 -26.83
C PHE D 356 -36.31 -28.09 -27.48
N PRO D 357 -36.75 -26.84 -27.57
CA PRO D 357 -35.93 -25.84 -28.25
C PRO D 357 -34.65 -25.46 -27.52
N SER D 358 -34.62 -25.62 -26.19
CA SER D 358 -33.48 -25.13 -25.43
C SER D 358 -32.23 -25.96 -25.68
N GLU D 359 -32.35 -27.28 -25.60
CA GLU D 359 -31.22 -28.13 -25.94
C GLU D 359 -30.82 -27.97 -27.39
N ALA D 360 -31.80 -27.73 -28.25
CA ALA D 360 -31.48 -27.45 -29.66
C ALA D 360 -30.61 -26.21 -29.77
N ILE D 361 -30.96 -25.15 -29.04
CA ILE D 361 -30.15 -23.94 -29.06
C ILE D 361 -28.75 -24.23 -28.57
N HIS D 362 -28.64 -24.97 -27.46
CA HIS D 362 -27.33 -25.29 -26.91
C HIS D 362 -26.45 -25.99 -27.94
N HIS D 363 -26.97 -27.06 -28.53
CA HIS D 363 -26.18 -27.81 -29.50
C HIS D 363 -25.90 -27.02 -30.77
N ALA D 364 -26.81 -26.12 -31.15
CA ALA D 364 -26.57 -25.33 -32.34
C ALA D 364 -25.43 -24.34 -32.12
N LEU D 365 -25.49 -23.56 -31.05
CA LEU D 365 -24.37 -22.67 -30.74
C LEU D 365 -23.10 -23.46 -30.51
N ALA D 366 -23.20 -24.72 -30.11
CA ALA D 366 -22.03 -25.57 -30.13
C ALA D 366 -21.54 -25.79 -31.55
N ALA D 367 -22.45 -25.98 -32.51
CA ALA D 367 -22.08 -26.19 -33.89
C ALA D 367 -21.58 -24.91 -34.56
N GLY D 368 -22.12 -23.76 -34.18
CA GLY D 368 -21.78 -22.52 -34.83
C GLY D 368 -22.54 -22.27 -36.12
N ASP D 369 -23.77 -22.76 -36.22
CA ASP D 369 -24.60 -22.62 -37.41
C ASP D 369 -25.61 -21.50 -37.13
N ALA D 370 -25.37 -20.33 -37.70
CA ALA D 370 -26.25 -19.19 -37.49
C ALA D 370 -27.65 -19.46 -38.03
N LEU D 371 -27.74 -19.90 -39.28
CA LEU D 371 -29.04 -20.01 -39.91
C LEU D 371 -29.82 -21.17 -39.30
N MET D 372 -29.11 -22.05 -38.57
CA MET D 372 -29.78 -23.03 -37.72
C MET D 372 -30.58 -22.35 -36.62
N LEU D 373 -29.98 -21.36 -35.94
CA LEU D 373 -30.74 -20.63 -34.95
C LEU D 373 -31.83 -19.81 -35.61
N ARG D 374 -31.55 -19.30 -36.81
CA ARG D 374 -32.59 -18.59 -37.55
C ARG D 374 -33.82 -19.48 -37.74
N ASP D 375 -33.60 -20.74 -38.13
CA ASP D 375 -34.73 -21.62 -38.36
C ASP D 375 -35.37 -22.05 -37.05
N ILE D 376 -34.56 -22.23 -36.00
CA ILE D 376 -35.13 -22.55 -34.70
C ILE D 376 -36.08 -21.43 -34.28
N LEU D 377 -35.73 -20.19 -34.63
CA LEU D 377 -36.54 -19.07 -34.20
C LEU D 377 -37.81 -18.94 -35.03
N LEU D 378 -37.70 -19.03 -36.34
CA LEU D 378 -38.94 -18.94 -37.11
C LEU D 378 -39.77 -20.22 -37.01
N ASN D 379 -39.21 -21.28 -36.43
CA ASN D 379 -39.96 -22.51 -36.22
C ASN D 379 -40.64 -22.58 -34.87
N HIS D 380 -40.08 -21.92 -33.85
CA HIS D 380 -40.74 -21.88 -32.55
C HIS D 380 -40.89 -20.49 -31.97
N ALA D 381 -41.14 -19.47 -32.79
CA ALA D 381 -41.44 -18.15 -32.25
C ALA D 381 -42.69 -18.19 -31.37
N TRP D 382 -43.66 -19.00 -31.75
CA TRP D 382 -44.89 -19.19 -30.97
C TRP D 382 -44.63 -19.67 -29.57
N SER D 383 -43.84 -20.72 -29.37
CA SER D 383 -43.50 -21.21 -28.03
C SER D 383 -42.46 -20.36 -27.33
N LEU D 384 -41.53 -19.74 -28.07
CA LEU D 384 -40.54 -18.86 -27.48
C LEU D 384 -41.21 -17.62 -26.89
N PHE D 385 -42.30 -17.15 -27.50
CA PHE D 385 -43.00 -15.99 -26.96
C PHE D 385 -44.04 -16.40 -25.93
N ASN D 386 -44.82 -17.45 -26.24
CA ASN D 386 -45.88 -17.88 -25.32
C ASN D 386 -45.33 -18.49 -24.04
N HIS D 387 -44.14 -19.10 -24.10
CA HIS D 387 -43.47 -19.57 -22.89
C HIS D 387 -42.31 -18.66 -22.49
N SER D 388 -42.17 -17.51 -23.16
CA SER D 388 -41.31 -16.41 -22.75
C SER D 388 -39.87 -16.81 -22.52
N GLU D 389 -39.24 -17.49 -23.49
CA GLU D 389 -37.82 -17.83 -23.39
C GLU D 389 -36.98 -16.65 -23.86
N LEU D 390 -37.06 -15.55 -23.12
CA LEU D 390 -36.50 -14.28 -23.57
C LEU D 390 -35.02 -14.15 -23.22
N SER D 391 -34.62 -14.58 -22.02
CA SER D 391 -33.21 -14.54 -21.67
C SER D 391 -32.41 -15.55 -22.50
N LEU D 392 -33.03 -16.69 -22.79
CA LEU D 392 -32.47 -17.60 -23.79
C LEU D 392 -32.19 -16.85 -25.08
N LEU D 393 -33.17 -16.09 -25.55
CA LEU D 393 -33.04 -15.32 -26.78
C LEU D 393 -31.90 -14.33 -26.71
N GLU D 394 -31.79 -13.58 -25.60
CA GLU D 394 -30.74 -12.56 -25.52
C GLU D 394 -29.36 -13.21 -25.54
N GLU D 395 -29.16 -14.25 -24.72
CA GLU D 395 -27.83 -14.85 -24.65
C GLU D 395 -27.47 -15.42 -26.01
N SER D 396 -28.35 -16.27 -26.56
CA SER D 396 -28.05 -16.97 -27.83
C SER D 396 -27.51 -16.01 -28.89
N LEU D 397 -28.12 -14.83 -29.05
CA LEU D 397 -27.70 -13.94 -30.16
C LEU D 397 -26.24 -13.50 -30.00
N LYS D 398 -25.80 -13.18 -28.78
CA LYS D 398 -24.41 -12.67 -28.65
C LYS D 398 -23.42 -13.76 -29.07
N ALA D 399 -23.67 -15.02 -28.67
CA ALA D 399 -22.71 -16.12 -28.95
C ALA D 399 -22.55 -16.38 -30.46
N ASN D 408 -24.38 -15.69 -34.76
CA ASN D 408 -25.24 -14.73 -35.50
C ASN D 408 -25.06 -13.35 -34.88
N PRO D 409 -23.82 -12.89 -34.58
CA PRO D 409 -23.59 -11.61 -33.90
C PRO D 409 -24.16 -10.50 -34.79
N ALA D 410 -24.02 -10.62 -36.11
CA ALA D 410 -24.64 -9.62 -37.00
C ALA D 410 -26.16 -9.70 -36.79
N ALA D 411 -26.71 -10.90 -36.64
CA ALA D 411 -28.15 -11.03 -36.29
C ALA D 411 -28.32 -10.39 -34.90
N ALA D 412 -27.36 -10.61 -34.00
CA ALA D 412 -27.41 -9.98 -32.67
C ALA D 412 -27.35 -8.46 -32.87
N ILE D 413 -26.55 -8.00 -33.82
CA ILE D 413 -26.51 -6.54 -34.15
C ILE D 413 -27.91 -6.15 -34.63
N ALA D 414 -28.54 -7.02 -35.43
CA ALA D 414 -29.94 -6.76 -35.86
C ALA D 414 -30.79 -6.75 -34.58
N ILE D 415 -30.51 -7.65 -33.64
CA ILE D 415 -31.22 -7.66 -32.33
C ILE D 415 -30.92 -6.33 -31.63
N ALA D 416 -29.68 -5.86 -31.73
CA ALA D 416 -29.33 -4.53 -31.17
C ALA D 416 -30.17 -3.48 -31.90
N ILE D 417 -30.34 -3.64 -33.21
CA ILE D 417 -31.24 -2.71 -33.95
C ILE D 417 -32.65 -2.90 -33.37
N ILE D 418 -33.01 -4.16 -33.08
CA ILE D 418 -34.33 -4.43 -32.43
C ILE D 418 -34.34 -3.75 -31.06
N GLU D 419 -33.22 -3.83 -30.33
CA GLU D 419 -33.12 -3.19 -29.02
C GLU D 419 -33.90 -1.89 -28.96
N VAL D 420 -33.84 -1.08 -30.01
CA VAL D 420 -34.58 0.17 -30.04
C VAL D 420 -35.96 -0.06 -30.66
#